data_8YA0
#
_entry.id   8YA0
#
_cell.length_a   1.00
_cell.length_b   1.00
_cell.length_c   1.00
_cell.angle_alpha   90.00
_cell.angle_beta   90.00
_cell.angle_gamma   90.00
#
_symmetry.space_group_name_H-M   'P 1'
#
loop_
_entity.id
_entity.type
_entity.pdbx_description
1 polymer 'Protein translocase subunit SecA'
2 polymer 'Protein translocase subunit SecY'
3 polymer 'Protein translocase subunit SecE'
4 polymer Nanobody
5 polymer 'Cell division protein FtsQ,Lactose permease'
6 polymer Nanobody
7 polymer 'Green fluorescent protein'
8 non-polymer 'MAGNESIUM ION'
9 non-polymer 'BERYLLIUM TRIFLUORIDE ION'
10 non-polymer "ADENOSINE-5'-DIPHOSPHATE"
#
loop_
_entity_poly.entity_id
_entity_poly.type
_entity_poly.pdbx_seq_one_letter_code
_entity_poly.pdbx_strand_id
1 'polypeptide(L)'
;RTLNRYEKIANDIDAIRGDYENLSDDALKHKTIEFKERLEKGATTDDLLVEAFAVVREASRRVTGMFPFKVQLMGGVALH
DGNIAEMKTGEGKTLTSTLPVYLNALTGKGVHVVTVNEYLASRDAEQMGKIFEFLGLTVGLNLNSMSKDEKREAYAADIT
YSTNNELGFDYLRDNMVLYKEQMVQRPLHFAVIDEVDSILIDEARTPLIISGQAAKSTKLYVQANAFVRTLKAEKDYTYD
IKTKAVQLTEEGMTKAEKAFGIDNLFDVKHVALNHHINQALKAHVAMQKDVDYVVEDGQVVIVDSFTGRLMKGRRYSEGL
HQAIEAKEGLEIQNESMTLATITFQNYFRMYEKLAGMTGTAKTEEEEFRNIYNMQVVTIPTNRPVVRDDRPDLIYRTMEG
KFKAVAEDVAQRYMTGQPVLVGTVAVETSELISKLLKNKGIPHQVLNAKNHEREAQIIEEAGQKGAVTIATNMAGRGTDI
KLGEGVKELGGLAVVGTERHESRRIDNQLRGRSGRQGDPGITQFYLSMEDELMRRFGAERTMAMLDRFGMDDSTPIQSKM
VSRAVESSQKRVEGNNFDSRKQLLQYDDVLRQQREVIYKQRFEVIDSENLREIVENMIKSSLERAIAAYTPREELPEEWK
LDGLVDLINTTYLDEGALEKSDIFGKEPDEMLELIMDRIITKYNEKEEQFGKEQMREFEKVIVLRAVDSKWMDHIDAMDQ
LRQGIHLRAYAQTNPLREYQMEGFAMFEHMIESIEDEVAKFVMKA
;
A
2 'polypeptide(L)'
;FRTISNFMRVSDIRNKIIFTLLMLIVFRIGTFIPVPSVNTDVLKLQDQLNAFGVLNIFCGGALQNFSIFAMGVMPYITAS
IIVQLLQMDVVPKFAEWSKQGEMGRRKLAQFTRYFTIVLGFIQALGMSYGFNNLAGGMLIQNPGIGTYLLIAVVLTAGTA
FLMWLGEQITAKGVGNGISIIIFAGIVSGIPTILNQIYAQTFENVGEDLTLNIVRLLLVALAVVAVIVGVIYIQQAFRKI
PIQYAKRLEGRNPVGGHSTHLPLKVNPAGVIPVIFAVSFLIAPPTIASFFGTNDVTLWIRRTFDYTHPVGMTIYVVLIIA
FTYFYAFVQVNPEQMADNLKKQGGYIPGIRPGKNTQEYVTRILYRLTLVGSLFLAFIAVLPVFFVNFANLPPSAQIGGTS
LLIVVGVALETMKQLESQLVKRHYRGFIK
;
Y
3 'polypeptide(L)' QRVTNFFKEVVRELKKVSWPNRKELVNYTAVVLATVAFFTVFFAVIDLGISQLIRLVF E
4 'polypeptide(L)'
;QVQLVETGGGLVQPGGSLRLSCGASGSIFNMYAMGWYRQAPGKRREVVARIATDDSTMYPDSVKGRFTISRDNAKNTVYL
QMNSLKPEDTAVYYCYYQRTVMSQPYWGQGTQVTVS
;
V
5 'polypeptide(L)' AKKTILFLLTVLTTVLVSGWVVLGAQYEDGCSGVVILKTLHMFEVPFLLVGAFSNADTSISGDGDSPHSYHS B
6 'polypeptide(L)'
;VALVESGGALVQPGGSLRLSCAASGFPVNRYSMRWYRQAPGKEREWVAGMSSAGDRSSYEDSVKGRFTISRDDARNTVYL
QMNSLKPEDTAVYYCNVNVGFEYWGQGTQVTVS
;
C
7 'polypeptide(L)'
;KGEELFTGVVPILVELDGDVNGHKFSVSGEGEGDATYGKLTLKFICTTGKLPVPWPTLVTTF(GYS)VQCFSRYPDHMKR
HDFFKSAMPEGYVQERTISFKDDGNYKTRAEVKFEGDTLVNRIELKGIDFKEDGNILGHKLEYNYNSHNVYITADKQKNG
IKANFKIRHNIEDGSVQLADHYQQNTPIGDGPVLLPDNHYLSTQSALSKDPNEKRDHMVLLEFVTAAGI
;
G
#
# COMPACT_ATOMS: atom_id res chain seq x y z
N ARG A 1 -10.29 -29.68 25.47
CA ARG A 1 -10.85 -28.43 25.98
C ARG A 1 -9.95 -27.86 27.06
N THR A 2 -9.60 -26.58 26.91
CA THR A 2 -8.65 -25.93 27.80
C THR A 2 -9.26 -25.44 29.09
N LEU A 3 -10.58 -25.25 29.13
CA LEU A 3 -11.20 -24.70 30.33
C LEU A 3 -11.19 -25.71 31.48
N ASN A 4 -11.24 -27.00 31.19
CA ASN A 4 -11.08 -27.97 32.26
C ASN A 4 -9.65 -28.03 32.73
N ARG A 5 -8.69 -27.74 31.85
CA ARG A 5 -7.30 -27.61 32.28
C ARG A 5 -7.14 -26.43 33.24
N TYR A 6 -7.80 -25.32 32.94
CA TYR A 6 -7.71 -24.14 33.80
C TYR A 6 -8.38 -24.40 35.15
N GLU A 7 -9.49 -25.14 35.16
CA GLU A 7 -10.12 -25.51 36.42
C GLU A 7 -9.24 -26.45 37.23
N LYS A 8 -8.53 -27.37 36.56
CA LYS A 8 -7.65 -28.29 37.26
C LYS A 8 -6.48 -27.57 37.89
N ILE A 9 -5.88 -26.62 37.16
CA ILE A 9 -4.76 -25.87 37.69
C ILE A 9 -5.21 -24.96 38.83
N ALA A 10 -6.42 -24.40 38.74
CA ALA A 10 -6.95 -23.58 39.81
C ALA A 10 -7.19 -24.39 41.08
N ASN A 11 -7.60 -25.65 40.94
CA ASN A 11 -7.74 -26.48 42.14
C ASN A 11 -6.38 -26.86 42.74
N ASP A 12 -5.37 -27.04 41.89
CA ASP A 12 -4.00 -27.25 42.39
C ASP A 12 -3.53 -26.08 43.23
N ILE A 13 -3.75 -24.86 42.72
CA ILE A 13 -3.38 -23.64 43.45
C ILE A 13 -4.17 -23.52 44.74
N ASP A 14 -5.41 -24.00 44.76
CA ASP A 14 -6.20 -23.95 45.99
C ASP A 14 -5.63 -24.87 47.07
N ALA A 15 -5.20 -26.08 46.70
CA ALA A 15 -4.58 -26.98 47.69
C ALA A 15 -3.29 -26.39 48.26
N ILE A 16 -2.41 -25.92 47.39
CA ILE A 16 -1.18 -25.43 47.98
C ILE A 16 -1.30 -24.03 48.58
N ARG A 17 -2.36 -23.27 48.31
CA ARG A 17 -2.52 -22.04 49.10
C ARG A 17 -3.00 -22.40 50.50
N GLY A 18 -3.68 -23.53 50.63
CA GLY A 18 -3.76 -24.14 51.95
C GLY A 18 -2.40 -24.35 52.57
N ASP A 19 -1.42 -24.73 51.75
CA ASP A 19 -0.06 -24.91 52.29
C ASP A 19 0.68 -23.60 52.60
N TYR A 20 0.47 -22.52 51.83
CA TYR A 20 1.33 -21.32 51.89
C TYR A 20 0.88 -20.29 52.92
N GLU A 21 -0.14 -20.58 53.71
CA GLU A 21 -0.84 -19.53 54.44
C GLU A 21 -0.07 -19.07 55.66
N ASN A 22 0.39 -20.01 56.48
CA ASN A 22 1.07 -19.69 57.73
C ASN A 22 2.56 -19.56 57.46
N LEU A 23 2.92 -18.51 56.75
CA LEU A 23 4.30 -18.14 56.51
C LEU A 23 4.42 -16.68 56.83
N SER A 24 5.47 -16.30 57.54
CA SER A 24 5.64 -14.90 57.84
C SER A 24 6.06 -14.15 56.59
N ASP A 25 5.92 -12.84 56.63
CA ASP A 25 6.68 -12.03 55.69
C ASP A 25 8.15 -12.12 56.08
N ASP A 26 9.01 -11.97 55.08
CA ASP A 26 10.44 -12.33 54.95
C ASP A 26 10.62 -13.83 54.80
N ALA A 27 9.56 -14.60 54.96
CA ALA A 27 9.54 -15.98 54.50
C ALA A 27 8.70 -16.14 53.27
N LEU A 28 7.78 -15.21 53.04
CA LEU A 28 7.03 -15.14 51.80
C LEU A 28 7.67 -14.20 50.79
N LYS A 29 8.46 -13.23 51.25
CA LYS A 29 9.26 -12.46 50.31
C LYS A 29 10.48 -13.23 49.83
N HIS A 30 10.87 -14.26 50.58
CA HIS A 30 11.98 -15.13 50.22
C HIS A 30 11.61 -16.08 49.09
N LYS A 31 10.32 -16.29 48.86
CA LYS A 31 9.90 -17.18 47.79
C LYS A 31 10.24 -16.63 46.43
N THR A 32 10.39 -15.32 46.30
CA THR A 32 10.84 -14.75 45.03
C THR A 32 12.29 -15.13 44.75
N ILE A 33 13.13 -15.08 45.78
CA ILE A 33 14.53 -15.49 45.64
C ILE A 33 14.62 -16.97 45.33
N GLU A 34 13.80 -17.78 46.01
CA GLU A 34 13.79 -19.21 45.77
C GLU A 34 13.34 -19.54 44.35
N PHE A 35 12.32 -18.85 43.86
CA PHE A 35 11.85 -19.10 42.50
C PHE A 35 12.84 -18.60 41.47
N LYS A 36 13.57 -17.52 41.78
CA LYS A 36 14.56 -17.01 40.83
C LYS A 36 15.73 -17.98 40.68
N GLU A 37 16.21 -18.55 41.78
CA GLU A 37 17.30 -19.50 41.63
C GLU A 37 16.83 -20.84 41.07
N ARG A 38 15.59 -21.25 41.36
CA ARG A 38 15.06 -22.45 40.70
C ARG A 38 14.82 -22.21 39.23
N LEU A 39 14.55 -20.98 38.84
CA LEU A 39 14.35 -20.66 37.45
C LEU A 39 15.65 -20.47 36.72
N GLU A 40 16.73 -20.23 37.45
CA GLU A 40 18.05 -20.19 36.82
C GLU A 40 18.72 -21.54 36.76
N LYS A 41 18.41 -22.46 37.68
CA LYS A 41 19.03 -23.77 37.57
C LYS A 41 18.47 -24.54 36.39
N GLY A 42 17.22 -24.99 36.46
CA GLY A 42 16.70 -25.68 35.29
C GLY A 42 15.23 -25.58 34.97
N ALA A 43 14.46 -24.90 35.81
CA ALA A 43 13.02 -25.01 35.66
C ALA A 43 12.50 -24.01 34.65
N THR A 44 11.27 -24.21 34.23
CA THR A 44 10.56 -23.28 33.38
C THR A 44 9.50 -22.57 34.19
N THR A 45 8.89 -21.56 33.59
CA THR A 45 7.79 -20.88 34.27
C THR A 45 6.57 -21.77 34.35
N ASP A 46 6.40 -22.68 33.41
CA ASP A 46 5.24 -23.56 33.43
C ASP A 46 5.31 -24.61 34.54
N ASP A 47 6.51 -24.93 35.04
CA ASP A 47 6.61 -25.85 36.17
C ASP A 47 6.42 -25.12 37.49
N LEU A 48 6.70 -23.84 37.53
CA LEU A 48 6.61 -23.05 38.73
C LEU A 48 5.25 -22.43 38.94
N LEU A 49 4.28 -22.70 38.06
CA LEU A 49 3.07 -21.89 37.95
C LEU A 49 2.21 -21.98 39.19
N VAL A 50 2.03 -23.18 39.74
CA VAL A 50 1.12 -23.31 40.85
C VAL A 50 1.73 -22.76 42.13
N GLU A 51 3.03 -22.86 42.31
CA GLU A 51 3.60 -22.34 43.54
C GLU A 51 3.72 -20.84 43.48
N ALA A 52 4.02 -20.29 42.31
CA ALA A 52 4.06 -18.85 42.15
C ALA A 52 2.68 -18.24 42.30
N PHE A 53 1.64 -18.91 41.76
CA PHE A 53 0.30 -18.38 41.89
C PHE A 53 -0.20 -18.47 43.32
N ALA A 54 0.18 -19.50 44.05
CA ALA A 54 -0.23 -19.55 45.45
C ALA A 54 0.50 -18.53 46.30
N VAL A 55 1.75 -18.21 45.95
CA VAL A 55 2.46 -17.15 46.64
C VAL A 55 1.83 -15.79 46.36
N VAL A 56 1.40 -15.54 45.11
CA VAL A 56 0.72 -14.28 44.83
C VAL A 56 -0.65 -14.20 45.49
N ARG A 57 -1.37 -15.32 45.61
CA ARG A 57 -2.64 -15.33 46.34
C ARG A 57 -2.44 -14.94 47.79
N GLU A 58 -1.43 -15.51 48.43
CA GLU A 58 -1.21 -15.20 49.83
C GLU A 58 -0.68 -13.79 50.02
N ALA A 59 0.19 -13.32 49.11
CA ALA A 59 0.72 -11.97 49.23
C ALA A 59 -0.35 -10.93 48.96
N SER A 60 -1.30 -11.24 48.10
CA SER A 60 -2.39 -10.32 47.82
C SER A 60 -3.35 -10.23 48.99
N ARG A 61 -3.62 -11.36 49.65
CA ARG A 61 -4.42 -11.29 50.87
C ARG A 61 -3.68 -10.57 51.99
N ARG A 62 -2.37 -10.60 52.00
CA ARG A 62 -1.64 -9.88 53.04
C ARG A 62 -1.55 -8.39 52.75
N VAL A 63 -1.58 -7.97 51.50
CA VAL A 63 -1.41 -6.56 51.21
C VAL A 63 -2.75 -5.87 51.01
N THR A 64 -3.54 -6.34 50.06
CA THR A 64 -4.73 -5.60 49.66
C THR A 64 -6.00 -6.08 50.33
N GLY A 65 -5.96 -7.13 51.14
CA GLY A 65 -7.17 -7.72 51.67
C GLY A 65 -7.90 -8.64 50.73
N MET A 66 -7.70 -8.51 49.42
CA MET A 66 -8.34 -9.38 48.45
C MET A 66 -7.59 -10.69 48.33
N PHE A 67 -8.32 -11.78 48.42
CA PHE A 67 -7.78 -13.10 48.17
C PHE A 67 -8.43 -13.59 46.89
N PRO A 68 -7.67 -13.79 45.81
CA PRO A 68 -8.28 -14.03 44.50
C PRO A 68 -9.14 -15.27 44.43
N PHE A 69 -10.28 -15.15 43.77
CA PHE A 69 -11.18 -16.27 43.60
C PHE A 69 -10.60 -17.25 42.60
N LYS A 70 -11.23 -18.41 42.49
CA LYS A 70 -10.68 -19.41 41.60
C LYS A 70 -10.88 -19.06 40.14
N VAL A 71 -11.85 -18.21 39.82
CA VAL A 71 -11.95 -17.73 38.45
C VAL A 71 -10.86 -16.74 38.14
N GLN A 72 -10.31 -16.07 39.15
CA GLN A 72 -9.16 -15.22 38.91
C GLN A 72 -7.91 -16.05 38.65
N LEU A 73 -7.78 -17.20 39.29
CA LEU A 73 -6.68 -18.09 38.97
C LEU A 73 -6.86 -18.72 37.59
N MET A 74 -8.08 -19.00 37.18
CA MET A 74 -8.32 -19.49 35.84
C MET A 74 -7.96 -18.45 34.79
N GLY A 75 -8.30 -17.19 35.04
CA GLY A 75 -7.88 -16.14 34.14
C GLY A 75 -6.39 -15.91 34.13
N GLY A 76 -5.74 -16.12 35.27
CA GLY A 76 -4.29 -15.99 35.31
C GLY A 76 -3.58 -17.08 34.53
N VAL A 77 -4.07 -18.31 34.60
CA VAL A 77 -3.50 -19.38 33.79
C VAL A 77 -3.76 -19.13 32.31
N ALA A 78 -4.93 -18.59 31.97
CA ALA A 78 -5.20 -18.26 30.58
C ALA A 78 -4.37 -17.10 30.08
N LEU A 79 -3.88 -16.25 30.97
CA LEU A 79 -2.98 -15.19 30.54
C LEU A 79 -1.55 -15.67 30.44
N HIS A 80 -1.15 -16.62 31.26
CA HIS A 80 0.20 -17.15 31.14
C HIS A 80 0.37 -17.94 29.85
N ASP A 81 -0.69 -18.54 29.34
CA ASP A 81 -0.60 -19.33 28.11
C ASP A 81 -0.50 -18.48 26.88
N GLY A 82 -0.64 -17.16 26.97
CA GLY A 82 -0.64 -16.35 25.78
C GLY A 82 -2.00 -16.20 25.14
N ASN A 83 -3.06 -16.52 25.84
CA ASN A 83 -4.42 -16.44 25.34
C ASN A 83 -5.04 -15.14 25.79
N ILE A 84 -6.34 -15.00 25.56
CA ILE A 84 -7.09 -13.82 25.95
C ILE A 84 -8.14 -14.25 26.95
N ALA A 85 -8.02 -13.77 28.17
CA ALA A 85 -8.94 -14.15 29.23
C ALA A 85 -10.13 -13.22 29.19
N GLU A 86 -11.28 -13.72 28.76
CA GLU A 86 -12.46 -12.88 28.68
C GLU A 86 -13.29 -13.03 29.95
N MET A 87 -12.84 -12.38 31.00
CA MET A 87 -13.63 -12.26 32.22
C MET A 87 -14.52 -11.05 32.11
N LYS A 88 -15.72 -11.13 32.69
CA LYS A 88 -16.71 -10.08 32.55
C LYS A 88 -16.26 -8.80 33.23
N THR A 89 -16.96 -7.72 32.91
CA THR A 89 -16.64 -6.42 33.49
C THR A 89 -17.03 -6.40 34.95
N GLY A 90 -16.11 -6.03 35.80
CA GLY A 90 -16.32 -6.03 37.22
C GLY A 90 -15.79 -7.23 37.93
N GLU A 91 -15.21 -8.19 37.21
CA GLU A 91 -14.93 -9.46 37.82
C GLU A 91 -13.64 -9.49 38.61
N GLY A 92 -12.72 -8.60 38.36
CA GLY A 92 -11.50 -8.65 39.13
C GLY A 92 -10.27 -8.82 38.28
N LYS A 93 -10.25 -8.27 37.08
CA LYS A 93 -9.19 -8.53 36.13
C LYS A 93 -7.85 -7.95 36.52
N THR A 94 -7.77 -7.06 37.49
CA THR A 94 -6.48 -6.52 37.87
C THR A 94 -5.65 -7.51 38.67
N LEU A 95 -6.26 -8.23 39.63
CA LEU A 95 -5.54 -9.30 40.32
C LEU A 95 -5.17 -10.44 39.37
N THR A 96 -6.05 -10.74 38.42
CA THR A 96 -5.69 -11.79 37.49
C THR A 96 -4.61 -11.34 36.55
N SER A 97 -4.38 -10.04 36.38
CA SER A 97 -3.16 -9.64 35.72
C SER A 97 -1.96 -9.88 36.61
N THR A 98 -2.08 -9.65 37.91
CA THR A 98 -0.89 -9.78 38.76
C THR A 98 -0.42 -11.21 38.94
N LEU A 99 -1.23 -12.20 38.62
CA LEU A 99 -0.70 -13.56 38.75
C LEU A 99 0.35 -13.91 37.68
N PRO A 100 0.07 -13.88 36.36
CA PRO A 100 1.12 -14.22 35.43
C PRO A 100 2.16 -13.15 35.24
N VAL A 101 1.91 -11.91 35.65
CA VAL A 101 2.92 -10.89 35.58
C VAL A 101 4.01 -11.16 36.59
N TYR A 102 3.65 -11.63 37.78
CA TYR A 102 4.67 -12.07 38.72
C TYR A 102 5.37 -13.30 38.23
N LEU A 103 4.65 -14.25 37.65
CA LEU A 103 5.31 -15.47 37.20
C LEU A 103 6.30 -15.19 36.07
N ASN A 104 5.98 -14.26 35.19
CA ASN A 104 6.83 -13.98 34.05
C ASN A 104 7.80 -12.84 34.26
N ALA A 105 7.86 -12.24 35.44
CA ALA A 105 8.88 -11.27 35.73
C ALA A 105 10.01 -11.85 36.56
N LEU A 106 9.95 -13.12 36.89
CA LEU A 106 11.02 -13.72 37.65
C LEU A 106 12.25 -13.99 36.83
N THR A 107 12.11 -14.13 35.51
CA THR A 107 13.27 -14.37 34.67
C THR A 107 14.10 -13.11 34.44
N GLY A 108 13.60 -11.95 34.80
CA GLY A 108 14.39 -10.75 34.78
C GLY A 108 14.37 -9.99 33.48
N LYS A 109 13.52 -10.37 32.53
CA LYS A 109 13.52 -9.72 31.24
C LYS A 109 12.48 -8.63 31.10
N GLY A 110 11.56 -8.50 32.05
CA GLY A 110 10.66 -7.38 32.04
C GLY A 110 9.30 -7.68 31.46
N VAL A 111 8.25 -7.25 32.15
CA VAL A 111 6.87 -7.44 31.75
C VAL A 111 6.26 -6.07 31.57
N HIS A 112 5.56 -5.86 30.47
CA HIS A 112 4.84 -4.63 30.24
C HIS A 112 3.36 -4.89 30.45
N VAL A 113 2.74 -4.16 31.35
CA VAL A 113 1.31 -4.21 31.56
C VAL A 113 0.72 -2.96 30.93
N VAL A 114 -0.03 -3.16 29.88
CA VAL A 114 -0.51 -2.08 29.03
C VAL A 114 -1.96 -1.81 29.41
N THR A 115 -2.33 -0.55 29.51
CA THR A 115 -3.72 -0.21 29.76
C THR A 115 -4.12 0.84 28.76
N VAL A 116 -5.30 1.39 28.92
CA VAL A 116 -5.90 2.23 27.91
C VAL A 116 -5.53 3.70 28.10
N ASN A 117 -5.51 4.18 29.33
CA ASN A 117 -5.16 5.56 29.57
C ASN A 117 -4.25 5.60 30.78
N GLU A 118 -3.92 6.80 31.22
CA GLU A 118 -2.95 6.96 32.30
C GLU A 118 -3.58 6.99 33.66
N TYR A 119 -4.87 7.24 33.75
CA TYR A 119 -5.57 7.09 35.01
C TYR A 119 -5.57 5.63 35.45
N LEU A 120 -5.90 4.74 34.53
CA LEU A 120 -5.96 3.32 34.85
C LEU A 120 -4.58 2.75 35.06
N ALA A 121 -3.60 3.21 34.29
CA ALA A 121 -2.23 2.78 34.47
C ALA A 121 -1.69 3.18 35.82
N SER A 122 -1.93 4.42 36.23
CA SER A 122 -1.44 4.85 37.54
C SER A 122 -2.19 4.20 38.69
N ARG A 123 -3.48 3.93 38.51
CA ARG A 123 -4.26 3.28 39.55
C ARG A 123 -3.80 1.84 39.76
N ASP A 124 -3.71 1.07 38.68
CA ASP A 124 -3.24 -0.30 38.76
C ASP A 124 -1.80 -0.38 39.19
N ALA A 125 -0.97 0.58 38.79
CA ALA A 125 0.42 0.61 39.20
C ALA A 125 0.53 0.78 40.69
N GLU A 126 -0.29 1.65 41.28
CA GLU A 126 -0.26 1.86 42.72
C GLU A 126 -0.67 0.63 43.50
N GLN A 127 -1.84 0.07 43.20
CA GLN A 127 -2.34 -1.06 43.99
C GLN A 127 -1.54 -2.34 43.76
N MET A 128 -1.42 -2.75 42.51
CA MET A 128 -0.69 -3.97 42.24
C MET A 128 0.80 -3.80 42.41
N GLY A 129 1.32 -2.58 42.41
CA GLY A 129 2.69 -2.38 42.77
C GLY A 129 2.91 -2.52 44.25
N LYS A 130 1.89 -2.25 45.06
CA LYS A 130 2.00 -2.59 46.48
C LYS A 130 2.15 -4.10 46.65
N ILE A 131 1.40 -4.88 45.87
CA ILE A 131 1.54 -6.35 45.95
C ILE A 131 2.93 -6.79 45.50
N PHE A 132 3.38 -6.31 44.35
CA PHE A 132 4.66 -6.75 43.78
C PHE A 132 5.85 -6.28 44.59
N GLU A 133 5.76 -5.13 45.23
CA GLU A 133 6.85 -4.70 46.07
C GLU A 133 6.82 -5.34 47.43
N PHE A 134 5.68 -5.87 47.86
CA PHE A 134 5.72 -6.83 48.96
C PHE A 134 6.53 -8.05 48.58
N LEU A 135 6.25 -8.61 47.39
CA LEU A 135 6.92 -9.84 47.01
C LEU A 135 8.39 -9.63 46.68
N GLY A 136 8.79 -8.43 46.30
CA GLY A 136 10.20 -8.16 46.16
C GLY A 136 10.64 -7.73 44.79
N LEU A 137 9.71 -7.55 43.87
CA LEU A 137 10.05 -7.10 42.54
C LEU A 137 10.04 -5.58 42.51
N THR A 138 10.18 -5.00 41.33
CA THR A 138 10.24 -3.56 41.17
C THR A 138 9.23 -3.16 40.12
N VAL A 139 8.42 -2.16 40.42
CA VAL A 139 7.36 -1.73 39.52
C VAL A 139 7.65 -0.31 39.08
N GLY A 140 7.86 -0.13 37.79
CA GLY A 140 7.96 1.18 37.20
C GLY A 140 6.66 1.53 36.52
N LEU A 141 6.39 2.81 36.41
CA LEU A 141 5.21 3.32 35.74
C LEU A 141 5.68 4.32 34.70
N ASN A 142 5.40 4.05 33.44
CA ASN A 142 5.91 4.82 32.34
C ASN A 142 4.83 5.77 31.87
N LEU A 143 5.04 7.05 32.11
CA LEU A 143 4.06 8.08 31.79
C LEU A 143 4.55 8.94 30.65
N ASN A 144 3.62 9.70 30.08
CA ASN A 144 3.92 10.57 28.96
C ASN A 144 4.79 11.74 29.37
N SER A 145 4.78 12.13 30.63
CA SER A 145 5.44 13.33 31.10
C SER A 145 6.86 13.09 31.56
N MET A 146 7.31 11.84 31.59
CA MET A 146 8.62 11.56 32.16
C MET A 146 9.73 11.94 31.20
N SER A 147 10.92 12.11 31.75
CA SER A 147 12.10 12.32 30.95
C SER A 147 12.64 10.99 30.47
N LYS A 148 13.72 11.01 29.72
CA LYS A 148 14.27 9.77 29.19
C LYS A 148 14.96 8.96 30.27
N ASP A 149 15.47 9.61 31.30
CA ASP A 149 16.12 8.88 32.38
C ASP A 149 15.12 8.21 33.29
N GLU A 150 14.00 8.90 33.55
CA GLU A 150 12.94 8.29 34.33
C GLU A 150 12.26 7.17 33.56
N LYS A 151 12.15 7.33 32.24
CA LYS A 151 11.62 6.25 31.42
C LYS A 151 12.58 5.07 31.42
N ARG A 152 13.87 5.32 31.40
CA ARG A 152 14.83 4.23 31.43
C ARG A 152 14.83 3.52 32.77
N GLU A 153 14.55 4.24 33.86
CA GLU A 153 14.37 3.59 35.14
C GLU A 153 13.07 2.82 35.22
N ALA A 154 12.03 3.28 34.52
CA ALA A 154 10.75 2.58 34.52
C ALA A 154 10.84 1.29 33.73
N TYR A 155 11.55 1.29 32.62
CA TYR A 155 11.69 0.07 31.86
C TYR A 155 12.71 -0.87 32.42
N ALA A 156 13.60 -0.38 33.27
CA ALA A 156 14.58 -1.26 33.90
C ALA A 156 14.02 -2.01 35.07
N ALA A 157 12.82 -1.67 35.51
CA ALA A 157 12.18 -2.37 36.60
C ALA A 157 11.65 -3.70 36.11
N ASP A 158 11.18 -4.51 37.05
CA ASP A 158 10.74 -5.84 36.67
C ASP A 158 9.40 -5.81 35.95
N ILE A 159 8.49 -4.97 36.40
CA ILE A 159 7.16 -4.81 35.83
C ILE A 159 6.97 -3.35 35.52
N THR A 160 6.56 -3.04 34.30
CA THR A 160 6.36 -1.67 33.87
C THR A 160 4.90 -1.51 33.47
N TYR A 161 4.23 -0.53 34.06
CA TYR A 161 2.85 -0.20 33.72
C TYR A 161 2.87 0.97 32.77
N SER A 162 2.26 0.83 31.62
CA SER A 162 2.15 1.98 30.74
C SER A 162 0.88 1.90 29.94
N THR A 163 0.66 2.89 29.11
CA THR A 163 -0.41 2.89 28.15
C THR A 163 0.17 2.51 26.81
N ASN A 164 -0.69 2.23 25.85
CA ASN A 164 -0.20 1.68 24.60
C ASN A 164 0.47 2.74 23.74
N ASN A 165 0.05 3.99 23.89
CA ASN A 165 0.68 5.08 23.17
C ASN A 165 2.11 5.27 23.60
N GLU A 166 2.37 5.22 24.89
CA GLU A 166 3.72 5.46 25.36
C GLU A 166 4.66 4.35 25.00
N LEU A 167 4.19 3.11 24.99
CA LEU A 167 5.01 2.01 24.53
C LEU A 167 5.34 2.14 23.06
N GLY A 168 4.36 2.49 22.25
CA GLY A 168 4.62 2.66 20.83
C GLY A 168 5.56 3.80 20.54
N PHE A 169 5.39 4.93 21.20
CA PHE A 169 6.26 6.06 20.96
C PHE A 169 7.65 5.85 21.51
N ASP A 170 7.79 5.09 22.59
CA ASP A 170 9.12 4.78 23.08
C ASP A 170 9.85 3.86 22.15
N TYR A 171 9.13 2.90 21.55
CA TYR A 171 9.76 2.08 20.53
C TYR A 171 10.17 2.89 19.34
N LEU A 172 9.34 3.81 18.89
CA LEU A 172 9.68 4.59 17.71
C LEU A 172 10.81 5.54 17.97
N ARG A 173 10.91 6.06 19.18
CA ARG A 173 12.00 6.95 19.50
C ARG A 173 13.28 6.23 19.83
N ASP A 174 13.21 4.94 20.14
CA ASP A 174 14.43 4.18 20.35
C ASP A 174 15.14 3.85 19.07
N ASN A 175 14.45 3.95 17.95
CA ASN A 175 15.03 3.72 16.64
C ASN A 175 15.27 5.02 15.94
N MET A 176 15.57 6.04 16.69
CA MET A 176 15.95 7.34 16.18
C MET A 176 17.08 7.90 17.02
N VAL A 177 17.68 7.08 17.87
CA VAL A 177 18.76 7.53 18.72
C VAL A 177 20.07 7.47 17.97
N LEU A 178 21.07 8.14 18.52
CA LEU A 178 22.42 8.11 17.96
C LEU A 178 23.34 7.20 18.74
N TYR A 179 23.14 7.04 20.03
CA TYR A 179 23.92 6.12 20.82
C TYR A 179 23.02 5.03 21.33
N LYS A 180 23.59 3.85 21.53
CA LYS A 180 22.81 2.74 22.04
C LYS A 180 22.36 2.98 23.47
N GLU A 181 23.09 3.78 24.21
CA GLU A 181 22.79 4.06 25.60
C GLU A 181 21.77 5.15 25.78
N GLN A 182 21.13 5.59 24.72
CA GLN A 182 19.99 6.49 24.80
C GLN A 182 18.66 5.76 24.67
N MET A 183 18.68 4.47 24.37
CA MET A 183 17.45 3.71 24.28
C MET A 183 16.88 3.47 25.66
N VAL A 184 15.57 3.64 25.79
CA VAL A 184 14.93 3.50 27.09
C VAL A 184 14.38 2.09 27.25
N GLN A 185 13.90 1.50 26.17
CA GLN A 185 13.25 0.21 26.28
C GLN A 185 14.29 -0.91 26.32
N ARG A 186 13.90 -2.00 26.92
CA ARG A 186 14.67 -3.22 26.90
C ARG A 186 14.15 -4.04 25.72
N PRO A 187 14.71 -5.22 25.42
CA PRO A 187 14.04 -6.10 24.45
C PRO A 187 12.65 -6.50 24.92
N LEU A 188 11.73 -6.56 23.97
CA LEU A 188 10.32 -6.74 24.28
C LEU A 188 10.03 -8.19 24.56
N HIS A 189 9.54 -8.48 25.76
CA HIS A 189 9.46 -9.84 26.25
C HIS A 189 8.04 -10.33 26.52
N PHE A 190 7.24 -9.58 27.26
CA PHE A 190 5.90 -10.03 27.60
C PHE A 190 5.05 -8.80 27.76
N ALA A 191 3.86 -8.82 27.16
CA ALA A 191 2.91 -7.74 27.31
C ALA A 191 1.60 -8.32 27.75
N VAL A 192 1.11 -7.92 28.91
CA VAL A 192 -0.25 -8.19 29.32
C VAL A 192 -1.05 -6.96 28.99
N ILE A 193 -1.98 -7.07 28.05
CA ILE A 193 -2.73 -5.92 27.56
C ILE A 193 -4.08 -5.95 28.22
N ASP A 194 -4.27 -5.12 29.23
CA ASP A 194 -5.61 -4.85 29.75
C ASP A 194 -6.43 -4.11 28.73
N GLU A 195 -7.70 -4.49 28.61
CA GLU A 195 -8.65 -4.01 27.59
C GLU A 195 -8.10 -4.22 26.18
N VAL A 196 -7.94 -5.49 25.84
CA VAL A 196 -7.35 -5.89 24.57
C VAL A 196 -8.14 -5.43 23.37
N ASP A 197 -9.46 -5.47 23.46
CA ASP A 197 -10.28 -5.12 22.32
C ASP A 197 -10.28 -3.64 22.04
N SER A 198 -10.02 -2.82 23.05
CA SER A 198 -9.81 -1.42 22.77
C SER A 198 -8.49 -1.22 22.06
N ILE A 199 -7.45 -1.88 22.54
CA ILE A 199 -6.11 -1.60 22.07
C ILE A 199 -5.81 -2.34 20.78
N LEU A 200 -6.15 -3.61 20.71
CA LEU A 200 -5.79 -4.41 19.54
C LEU A 200 -6.86 -4.49 18.48
N ILE A 201 -8.07 -4.03 18.74
CA ILE A 201 -9.11 -4.08 17.74
C ILE A 201 -9.55 -2.66 17.39
N ASP A 202 -9.98 -1.89 18.39
CA ASP A 202 -10.51 -0.57 18.11
C ASP A 202 -9.42 0.42 17.75
N GLU A 203 -8.45 0.63 18.64
CA GLU A 203 -7.41 1.61 18.41
C GLU A 203 -6.36 1.14 17.43
N ALA A 204 -6.38 -0.11 17.01
CA ALA A 204 -5.47 -0.61 15.99
C ALA A 204 -5.87 -0.18 14.60
N ARG A 205 -6.94 0.59 14.46
CA ARG A 205 -7.31 1.23 13.21
C ARG A 205 -6.39 2.39 12.85
N THR A 206 -5.61 2.88 13.80
CA THR A 206 -4.78 4.06 13.68
C THR A 206 -3.31 3.71 13.85
N PRO A 207 -2.44 4.41 13.18
CA PRO A 207 -1.01 4.26 13.45
C PRO A 207 -0.45 5.30 14.41
N LEU A 208 0.61 4.95 15.11
CA LEU A 208 1.41 5.91 15.85
C LEU A 208 2.42 6.54 14.91
N ILE A 209 2.54 7.86 14.97
CA ILE A 209 3.37 8.61 14.04
C ILE A 209 4.14 9.64 14.84
N ILE A 210 5.45 9.58 14.77
CA ILE A 210 6.31 10.59 15.38
C ILE A 210 6.68 11.55 14.27
N SER A 211 6.40 12.83 14.47
CA SER A 211 6.72 13.87 13.53
C SER A 211 7.80 14.78 14.07
N GLY A 212 8.37 15.56 13.18
CA GLY A 212 9.30 16.59 13.57
C GLY A 212 9.01 17.82 12.75
N GLN A 213 9.26 18.98 13.33
CA GLN A 213 8.71 20.18 12.75
C GLN A 213 9.50 20.63 11.53
N ALA A 214 8.77 21.00 10.51
CA ALA A 214 9.27 21.53 9.27
C ALA A 214 9.08 23.03 9.28
N ALA A 215 9.27 23.65 8.12
CA ALA A 215 9.18 25.09 8.03
C ALA A 215 7.74 25.56 8.16
N LYS A 216 7.58 26.79 8.61
CA LYS A 216 6.28 27.36 8.88
C LYS A 216 5.78 28.14 7.67
N SER A 217 4.53 27.91 7.31
CA SER A 217 3.79 28.82 6.45
C SER A 217 2.55 29.24 7.20
N THR A 218 2.11 30.46 6.95
CA THR A 218 0.93 30.99 7.62
C THR A 218 0.00 31.76 6.71
N LYS A 219 0.47 32.30 5.58
CA LYS A 219 -0.37 33.23 4.82
C LYS A 219 -1.49 32.52 4.09
N LEU A 220 -1.25 31.31 3.62
CA LEU A 220 -2.30 30.60 2.91
C LEU A 220 -3.34 30.04 3.85
N TYR A 221 -2.99 29.80 5.11
CA TYR A 221 -3.98 29.36 6.09
C TYR A 221 -4.95 30.47 6.42
N VAL A 222 -4.46 31.68 6.62
CA VAL A 222 -5.35 32.79 6.91
C VAL A 222 -6.13 33.19 5.67
N GLN A 223 -5.53 33.07 4.49
CA GLN A 223 -6.26 33.39 3.26
C GLN A 223 -7.38 32.41 3.00
N ALA A 224 -7.11 31.11 3.13
CA ALA A 224 -8.14 30.12 2.90
C ALA A 224 -9.18 30.12 3.99
N ASN A 225 -8.81 30.47 5.21
CA ASN A 225 -9.80 30.55 6.27
C ASN A 225 -10.68 31.76 6.12
N ALA A 226 -10.14 32.87 5.63
CA ALA A 226 -10.97 34.02 5.35
C ALA A 226 -11.86 33.80 4.15
N PHE A 227 -11.46 32.93 3.23
CA PHE A 227 -12.35 32.58 2.13
C PHE A 227 -13.47 31.68 2.58
N VAL A 228 -13.16 30.62 3.34
CA VAL A 228 -14.16 29.62 3.70
C VAL A 228 -15.18 30.15 4.70
N ARG A 229 -14.81 31.16 5.47
CA ARG A 229 -15.74 31.76 6.42
C ARG A 229 -16.88 32.52 5.76
N THR A 230 -16.83 32.76 4.46
CA THR A 230 -17.95 33.31 3.71
C THR A 230 -18.34 32.30 2.65
N LEU A 231 -19.09 31.26 3.02
CA LEU A 231 -19.30 30.26 1.99
C LEU A 231 -20.63 29.51 2.00
N LYS A 232 -21.67 29.94 2.74
CA LYS A 232 -23.06 29.52 2.46
C LYS A 232 -23.38 28.03 2.33
N ALA A 233 -23.62 27.36 3.47
CA ALA A 233 -23.46 25.92 3.68
C ALA A 233 -24.10 24.99 2.66
N GLU A 234 -25.00 25.45 1.80
CA GLU A 234 -25.58 24.51 0.85
C GLU A 234 -25.28 24.81 -0.59
N LYS A 235 -25.08 26.07 -0.94
CA LYS A 235 -24.80 26.42 -2.32
C LYS A 235 -23.35 26.16 -2.70
N ASP A 236 -22.40 26.47 -1.81
CA ASP A 236 -21.01 26.41 -2.18
C ASP A 236 -20.27 25.20 -1.68
N TYR A 237 -20.80 24.47 -0.72
CA TYR A 237 -20.17 23.21 -0.41
C TYR A 237 -21.23 22.19 -0.06
N THR A 238 -20.89 20.93 -0.23
CA THR A 238 -21.69 19.84 0.28
C THR A 238 -20.93 19.19 1.41
N TYR A 239 -21.57 19.04 2.55
CA TYR A 239 -21.05 18.24 3.64
C TYR A 239 -21.77 16.91 3.59
N ASP A 240 -21.02 15.85 3.34
CA ASP A 240 -21.57 14.51 3.38
C ASP A 240 -21.57 14.02 4.80
N ILE A 241 -22.75 13.74 5.35
CA ILE A 241 -22.83 13.37 6.76
C ILE A 241 -22.34 11.95 6.99
N LYS A 242 -22.40 11.10 5.96
CA LYS A 242 -22.04 9.71 6.12
C LYS A 242 -20.56 9.54 6.36
N THR A 243 -19.74 9.90 5.39
CA THR A 243 -18.31 10.06 5.55
C THR A 243 -18.06 11.55 5.54
N LYS A 244 -17.51 12.08 6.63
CA LYS A 244 -17.59 13.52 6.86
C LYS A 244 -16.71 14.31 5.90
N ALA A 245 -17.10 14.32 4.64
CA ALA A 245 -16.31 14.86 3.54
C ALA A 245 -16.98 16.14 3.08
N VAL A 246 -16.23 17.22 3.08
CA VAL A 246 -16.74 18.51 2.65
C VAL A 246 -16.11 18.80 1.31
N GLN A 247 -16.93 19.08 0.32
CA GLN A 247 -16.43 19.35 -1.01
C GLN A 247 -17.05 20.62 -1.52
N LEU A 248 -16.32 21.37 -2.33
CA LEU A 248 -16.91 22.52 -2.96
C LEU A 248 -17.91 22.09 -4.02
N THR A 249 -18.89 22.93 -4.29
CA THR A 249 -19.73 22.76 -5.47
C THR A 249 -19.17 23.62 -6.57
N GLU A 250 -19.77 23.53 -7.75
CA GLU A 250 -19.26 24.28 -8.88
C GLU A 250 -19.48 25.77 -8.72
N GLU A 251 -20.52 26.16 -7.97
CA GLU A 251 -20.65 27.55 -7.55
C GLU A 251 -19.53 27.92 -6.59
N GLY A 252 -19.18 27.01 -5.69
CA GLY A 252 -18.11 27.30 -4.75
C GLY A 252 -16.75 27.31 -5.40
N MET A 253 -16.53 26.45 -6.40
CA MET A 253 -15.29 26.46 -7.15
C MET A 253 -15.17 27.74 -7.95
N THR A 254 -16.27 28.22 -8.51
CA THR A 254 -16.24 29.48 -9.23
C THR A 254 -15.93 30.65 -8.32
N LYS A 255 -16.50 30.65 -7.11
CA LYS A 255 -16.21 31.68 -6.15
C LYS A 255 -14.78 31.59 -5.62
N ALA A 256 -14.22 30.39 -5.52
CA ALA A 256 -12.83 30.23 -5.11
C ALA A 256 -11.88 30.76 -6.17
N GLU A 257 -12.17 30.50 -7.44
CA GLU A 257 -11.32 31.01 -8.49
C GLU A 257 -11.46 32.51 -8.65
N LYS A 258 -12.60 33.07 -8.27
CA LYS A 258 -12.71 34.53 -8.34
C LYS A 258 -12.02 35.19 -7.17
N ALA A 259 -12.08 34.58 -5.98
CA ALA A 259 -11.56 35.22 -4.79
C ALA A 259 -10.05 35.26 -4.76
N PHE A 260 -9.38 34.34 -5.42
CA PHE A 260 -7.94 34.25 -5.39
C PHE A 260 -7.28 34.73 -6.67
N GLY A 261 -8.07 35.17 -7.64
CA GLY A 261 -7.51 35.67 -8.87
C GLY A 261 -6.98 34.62 -9.82
N ILE A 262 -7.18 33.34 -9.53
CA ILE A 262 -6.68 32.29 -10.40
C ILE A 262 -7.71 32.00 -11.48
N ASP A 263 -7.32 31.24 -12.50
CA ASP A 263 -8.21 30.88 -13.58
C ASP A 263 -8.72 29.45 -13.50
N ASN A 264 -7.91 28.54 -12.99
CA ASN A 264 -8.34 27.16 -12.79
C ASN A 264 -7.80 26.73 -11.44
N LEU A 265 -8.70 26.37 -10.53
CA LEU A 265 -8.28 25.89 -9.22
C LEU A 265 -7.65 24.52 -9.31
N PHE A 266 -7.89 23.80 -10.39
CA PHE A 266 -7.51 22.39 -10.47
C PHE A 266 -6.34 22.19 -11.41
N ASP A 267 -5.51 23.20 -11.55
CA ASP A 267 -4.23 23.07 -12.23
C ASP A 267 -3.25 22.30 -11.36
N VAL A 268 -2.03 22.16 -11.85
CA VAL A 268 -0.97 21.59 -11.03
C VAL A 268 -0.09 22.64 -10.41
N LYS A 269 -0.32 23.90 -10.73
CA LYS A 269 0.37 24.97 -10.06
C LYS A 269 -0.43 25.54 -8.91
N HIS A 270 -1.69 25.18 -8.79
CA HIS A 270 -2.56 25.58 -7.69
C HIS A 270 -2.97 24.37 -6.86
N VAL A 271 -2.05 23.46 -6.62
CA VAL A 271 -2.40 22.34 -5.78
C VAL A 271 -2.26 22.73 -4.32
N ALA A 272 -1.41 23.70 -4.01
CA ALA A 272 -1.29 24.17 -2.64
C ALA A 272 -2.51 24.98 -2.22
N LEU A 273 -3.03 25.81 -3.12
CA LEU A 273 -4.23 26.56 -2.81
C LEU A 273 -5.43 25.65 -2.68
N ASN A 274 -5.50 24.61 -3.51
CA ASN A 274 -6.60 23.67 -3.40
C ASN A 274 -6.52 22.87 -2.12
N HIS A 275 -5.32 22.54 -1.68
CA HIS A 275 -5.16 21.84 -0.42
C HIS A 275 -5.54 22.73 0.76
N HIS A 276 -5.22 24.01 0.69
CA HIS A 276 -5.58 24.90 1.79
C HIS A 276 -7.06 25.17 1.84
N ILE A 277 -7.72 25.25 0.68
CA ILE A 277 -9.16 25.44 0.67
C ILE A 277 -9.86 24.19 1.18
N ASN A 278 -9.37 23.02 0.85
CA ASN A 278 -10.00 21.79 1.33
C ASN A 278 -9.80 21.61 2.82
N GLN A 279 -8.64 21.96 3.35
CA GLN A 279 -8.43 21.80 4.77
C GLN A 279 -9.13 22.87 5.58
N ALA A 280 -9.34 24.05 5.02
CA ALA A 280 -10.17 25.03 5.72
C ALA A 280 -11.63 24.64 5.69
N LEU A 281 -12.08 23.97 4.63
CA LEU A 281 -13.44 23.44 4.62
C LEU A 281 -13.62 22.36 5.65
N LYS A 282 -12.68 21.43 5.75
CA LYS A 282 -12.80 20.38 6.74
C LYS A 282 -12.71 20.93 8.15
N ALA A 283 -11.87 21.94 8.37
CA ALA A 283 -11.77 22.53 9.70
C ALA A 283 -13.03 23.28 10.08
N HIS A 284 -13.70 23.91 9.13
CA HIS A 284 -14.90 24.65 9.48
C HIS A 284 -16.10 23.74 9.63
N VAL A 285 -16.31 22.85 8.69
CA VAL A 285 -17.56 22.11 8.63
C VAL A 285 -17.47 20.78 9.35
N ALA A 286 -16.44 20.01 9.11
CA ALA A 286 -16.42 18.65 9.61
C ALA A 286 -15.83 18.51 10.99
N MET A 287 -15.22 19.54 11.54
CA MET A 287 -14.52 19.45 12.81
C MET A 287 -15.19 20.40 13.78
N GLN A 288 -16.16 19.91 14.54
CA GLN A 288 -16.88 20.76 15.48
C GLN A 288 -16.04 20.95 16.72
N LYS A 289 -16.24 22.08 17.39
CA LYS A 289 -15.30 22.50 18.42
C LYS A 289 -15.30 21.58 19.61
N ASP A 290 -16.32 21.56 20.44
CA ASP A 290 -16.17 20.76 21.66
C ASP A 290 -16.39 19.28 21.44
N VAL A 291 -16.62 18.83 20.23
CA VAL A 291 -16.70 17.42 19.94
C VAL A 291 -15.33 16.84 19.64
N ASP A 292 -14.59 17.46 18.72
CA ASP A 292 -13.36 16.90 18.20
C ASP A 292 -12.10 17.45 18.82
N TYR A 293 -12.12 18.67 19.32
CA TYR A 293 -10.96 19.26 19.94
C TYR A 293 -11.45 20.11 21.09
N VAL A 294 -10.55 20.85 21.72
CA VAL A 294 -10.89 21.88 22.70
C VAL A 294 -9.89 22.99 22.48
N VAL A 295 -10.17 24.15 23.02
CA VAL A 295 -9.20 25.23 23.00
C VAL A 295 -8.79 25.46 24.43
N GLU A 296 -7.55 25.09 24.73
CA GLU A 296 -6.97 25.18 26.06
C GLU A 296 -5.70 25.99 25.97
N ASP A 297 -5.69 27.15 26.63
CA ASP A 297 -4.52 28.02 26.78
C ASP A 297 -4.01 28.50 25.43
N GLY A 298 -4.93 28.88 24.57
CA GLY A 298 -4.55 29.34 23.25
C GLY A 298 -4.01 28.26 22.35
N GLN A 299 -4.39 27.01 22.57
CA GLN A 299 -3.94 25.89 21.78
C GLN A 299 -5.12 25.01 21.45
N VAL A 300 -5.08 24.37 20.30
CA VAL A 300 -6.06 23.37 19.93
C VAL A 300 -5.58 22.02 20.42
N VAL A 301 -6.32 21.42 21.34
CA VAL A 301 -5.95 20.14 21.92
C VAL A 301 -6.95 19.10 21.44
N ILE A 302 -6.46 17.98 20.98
CA ILE A 302 -7.33 16.98 20.38
C ILE A 302 -7.95 16.13 21.48
N VAL A 303 -9.26 15.96 21.44
CA VAL A 303 -9.94 15.00 22.29
C VAL A 303 -9.92 13.66 21.57
N ASP A 304 -9.37 12.65 22.23
CA ASP A 304 -9.23 11.34 21.61
C ASP A 304 -10.58 10.69 21.39
N SER A 305 -10.71 9.98 20.28
CA SER A 305 -12.00 9.40 19.93
C SER A 305 -12.32 8.20 20.79
N PHE A 306 -11.32 7.44 21.18
CA PHE A 306 -11.54 6.22 21.94
C PHE A 306 -11.52 6.48 23.43
N THR A 307 -10.44 7.02 23.93
CA THR A 307 -10.31 7.20 25.36
C THR A 307 -11.08 8.40 25.86
N GLY A 308 -11.37 9.35 25.00
CA GLY A 308 -12.14 10.50 25.41
C GLY A 308 -11.41 11.52 26.21
N ARG A 309 -10.09 11.49 26.22
CA ARG A 309 -9.30 12.47 26.95
C ARG A 309 -8.39 13.23 26.00
N LEU A 310 -7.80 14.30 26.50
CA LEU A 310 -6.99 15.19 25.69
C LEU A 310 -5.66 14.56 25.35
N MET A 311 -5.30 14.61 24.08
CA MET A 311 -4.01 14.16 23.62
C MET A 311 -3.14 15.40 23.45
N LYS A 312 -2.22 15.62 24.37
CA LYS A 312 -1.61 16.93 24.48
C LYS A 312 -0.53 17.16 23.43
N GLY A 313 0.30 16.16 23.17
CA GLY A 313 1.33 16.38 22.18
C GLY A 313 0.85 16.21 20.76
N ARG A 314 -0.25 15.54 20.56
CA ARG A 314 -0.65 15.09 19.25
C ARG A 314 -1.35 16.20 18.49
N ARG A 315 -1.07 16.26 17.19
CA ARG A 315 -1.56 17.28 16.28
C ARG A 315 -2.10 16.63 15.03
N TYR A 316 -3.07 17.26 14.39
CA TYR A 316 -3.65 16.72 13.17
C TYR A 316 -2.68 16.87 12.00
N SER A 317 -2.62 15.85 11.18
CA SER A 317 -1.67 15.83 10.09
C SER A 317 -2.23 16.58 8.89
N GLU A 318 -1.36 16.81 7.92
CA GLU A 318 -1.68 17.35 6.60
C GLU A 318 -2.27 18.73 6.65
N GLY A 319 -1.88 19.52 7.63
CA GLY A 319 -2.32 20.88 7.69
C GLY A 319 -3.68 21.10 8.26
N LEU A 320 -4.28 20.10 8.88
CA LEU A 320 -5.59 20.30 9.47
C LEU A 320 -5.49 21.01 10.79
N HIS A 321 -4.43 20.78 11.55
CA HIS A 321 -4.29 21.45 12.82
C HIS A 321 -4.08 22.93 12.64
N GLN A 322 -3.35 23.31 11.60
CA GLN A 322 -3.10 24.70 11.33
C GLN A 322 -4.35 25.37 10.79
N ALA A 323 -5.20 24.64 10.09
CA ALA A 323 -6.46 25.19 9.63
C ALA A 323 -7.44 25.37 10.77
N ILE A 324 -7.38 24.49 11.78
CA ILE A 324 -8.23 24.66 12.96
C ILE A 324 -7.74 25.83 13.80
N GLU A 325 -6.43 26.00 13.91
CA GLU A 325 -5.90 27.14 14.63
C GLU A 325 -6.17 28.45 13.91
N ALA A 326 -6.22 28.44 12.58
CA ALA A 326 -6.61 29.65 11.88
C ALA A 326 -8.10 29.90 12.04
N LYS A 327 -8.90 28.84 12.10
CA LYS A 327 -10.33 28.99 12.30
C LYS A 327 -10.64 29.56 13.66
N GLU A 328 -9.96 29.09 14.70
CA GLU A 328 -10.21 29.55 16.05
C GLU A 328 -9.55 30.87 16.36
N GLY A 329 -8.69 31.38 15.49
CA GLY A 329 -8.04 32.63 15.76
C GLY A 329 -6.85 32.52 16.66
N LEU A 330 -6.19 31.38 16.68
CA LEU A 330 -5.03 31.15 17.51
C LEU A 330 -3.77 31.29 16.67
N GLU A 331 -2.62 31.08 17.31
CA GLU A 331 -1.34 31.19 16.64
C GLU A 331 -1.08 29.92 15.84
N ILE A 332 -0.86 30.08 14.55
CA ILE A 332 -0.64 28.95 13.67
C ILE A 332 0.79 28.47 13.81
N GLN A 333 0.98 27.18 14.07
CA GLN A 333 2.28 26.62 14.38
C GLN A 333 2.96 26.12 13.12
N ASN A 334 4.12 25.48 13.27
CA ASN A 334 4.85 25.02 12.12
C ASN A 334 4.19 23.78 11.54
N GLU A 335 4.65 23.39 10.37
CA GLU A 335 4.20 22.14 9.80
C GLU A 335 4.94 20.99 10.44
N SER A 336 4.64 19.80 9.99
CA SER A 336 5.32 18.64 10.52
C SER A 336 5.74 17.74 9.39
N MET A 337 6.36 16.63 9.77
CA MET A 337 7.12 15.82 8.83
C MET A 337 7.31 14.48 9.49
N THR A 338 6.75 13.43 8.91
CA THR A 338 6.71 12.15 9.57
C THR A 338 8.10 11.55 9.65
N LEU A 339 8.58 11.38 10.87
CA LEU A 339 9.86 10.73 11.09
C LEU A 339 9.72 9.23 11.26
N ALA A 340 8.71 8.78 11.98
CA ALA A 340 8.58 7.36 12.21
C ALA A 340 7.11 6.99 12.28
N THR A 341 6.81 5.75 11.98
CA THR A 341 5.44 5.26 11.91
C THR A 341 5.43 3.80 12.32
N ILE A 342 4.42 3.40 13.10
CA ILE A 342 4.15 1.99 13.35
C ILE A 342 2.67 1.87 13.63
N THR A 343 2.12 0.67 13.50
CA THR A 343 0.75 0.40 13.89
C THR A 343 0.77 -0.41 15.17
N PHE A 344 -0.39 -0.54 15.80
CA PHE A 344 -0.42 -1.31 17.03
C PHE A 344 -0.37 -2.81 16.78
N GLN A 345 -0.83 -3.26 15.62
CA GLN A 345 -0.67 -4.67 15.27
C GLN A 345 0.79 -5.03 15.12
N ASN A 346 1.51 -4.25 14.34
CA ASN A 346 2.91 -4.52 14.09
C ASN A 346 3.77 -4.20 15.30
N TYR A 347 3.32 -3.35 16.20
CA TYR A 347 4.07 -3.16 17.42
C TYR A 347 3.89 -4.33 18.36
N PHE A 348 2.65 -4.72 18.61
CA PHE A 348 2.45 -5.77 19.60
C PHE A 348 2.75 -7.14 19.07
N ARG A 349 2.93 -7.31 17.78
CA ARG A 349 3.37 -8.60 17.25
C ARG A 349 4.88 -8.75 17.25
N MET A 350 5.60 -7.86 17.93
CA MET A 350 7.03 -7.94 18.10
C MET A 350 7.42 -8.41 19.48
N TYR A 351 6.51 -9.00 20.23
CA TYR A 351 6.66 -8.96 21.66
C TYR A 351 7.05 -10.25 22.31
N GLU A 352 7.27 -11.32 21.54
CA GLU A 352 7.78 -12.63 21.99
C GLU A 352 6.80 -13.42 22.85
N LYS A 353 5.81 -12.75 23.42
CA LYS A 353 4.72 -13.33 24.17
C LYS A 353 3.72 -12.23 24.41
N LEU A 354 2.45 -12.52 24.21
CA LEU A 354 1.41 -11.51 24.24
C LEU A 354 0.20 -12.14 24.89
N ALA A 355 -0.34 -11.49 25.88
CA ALA A 355 -1.53 -11.95 26.56
C ALA A 355 -2.53 -10.82 26.56
N GLY A 356 -3.67 -11.02 27.19
CA GLY A 356 -4.61 -9.94 27.28
C GLY A 356 -5.86 -10.38 28.00
N MET A 357 -6.55 -9.41 28.56
CA MET A 357 -7.80 -9.67 29.25
C MET A 357 -8.75 -8.53 28.98
N THR A 358 -10.01 -8.87 28.75
CA THR A 358 -11.01 -7.85 28.53
C THR A 358 -12.37 -8.43 28.88
N GLY A 359 -13.39 -7.60 28.83
CA GLY A 359 -14.71 -8.03 29.19
C GLY A 359 -15.55 -8.42 28.01
N THR A 360 -15.08 -8.04 26.83
CA THR A 360 -15.91 -7.99 25.64
C THR A 360 -15.17 -8.58 24.43
N ALA A 361 -14.59 -9.76 24.58
CA ALA A 361 -13.74 -10.26 23.51
C ALA A 361 -14.43 -11.17 22.51
N LYS A 362 -15.52 -11.83 22.90
CA LYS A 362 -15.98 -13.02 22.20
C LYS A 362 -16.50 -12.72 20.80
N THR A 363 -16.98 -11.52 20.56
CA THR A 363 -17.49 -11.20 19.25
C THR A 363 -16.38 -10.94 18.26
N GLU A 364 -15.18 -10.64 18.74
CA GLU A 364 -14.03 -10.36 17.90
C GLU A 364 -13.04 -11.51 17.84
N GLU A 365 -13.49 -12.70 18.23
CA GLU A 365 -12.60 -13.82 18.50
C GLU A 365 -11.81 -14.24 17.29
N GLU A 366 -12.46 -14.34 16.14
CA GLU A 366 -11.77 -14.76 14.94
C GLU A 366 -10.73 -13.76 14.49
N GLU A 367 -10.96 -12.47 14.77
CA GLU A 367 -9.94 -11.46 14.49
C GLU A 367 -8.73 -11.67 15.36
N PHE A 368 -8.93 -11.98 16.64
CA PHE A 368 -7.83 -12.32 17.53
C PHE A 368 -7.15 -13.61 17.11
N ARG A 369 -7.84 -14.46 16.34
CA ARG A 369 -7.19 -15.65 15.87
C ARG A 369 -6.43 -15.38 14.58
N ASN A 370 -6.90 -14.45 13.77
CA ASN A 370 -6.29 -14.32 12.46
C ASN A 370 -5.01 -13.52 12.52
N ILE A 371 -4.97 -12.51 13.36
CA ILE A 371 -3.81 -11.63 13.39
C ILE A 371 -2.84 -12.05 14.48
N TYR A 372 -3.30 -12.14 15.70
CA TYR A 372 -2.38 -12.28 16.81
C TYR A 372 -2.13 -13.71 17.21
N ASN A 373 -2.87 -14.66 16.62
CA ASN A 373 -2.88 -16.07 16.99
C ASN A 373 -3.17 -16.26 18.47
N MET A 374 -4.13 -15.50 18.97
CA MET A 374 -4.54 -15.57 20.37
C MET A 374 -5.94 -16.14 20.43
N GLN A 375 -6.18 -16.97 21.43
CA GLN A 375 -7.42 -17.72 21.55
C GLN A 375 -8.22 -17.14 22.70
N VAL A 376 -9.42 -16.66 22.40
CA VAL A 376 -10.24 -16.05 23.44
C VAL A 376 -10.78 -17.13 24.35
N VAL A 377 -10.43 -17.07 25.61
CA VAL A 377 -10.88 -18.01 26.62
C VAL A 377 -11.90 -17.31 27.49
N THR A 378 -13.08 -17.89 27.64
CA THR A 378 -14.13 -17.30 28.43
C THR A 378 -14.13 -17.88 29.83
N ILE A 379 -14.09 -17.01 30.83
CA ILE A 379 -13.95 -17.41 32.23
C ILE A 379 -15.30 -17.22 32.91
N PRO A 380 -15.73 -18.11 33.81
CA PRO A 380 -16.93 -17.87 34.61
C PRO A 380 -16.84 -16.70 35.57
N THR A 381 -17.85 -16.48 36.40
CA THR A 381 -17.93 -15.24 37.13
C THR A 381 -17.84 -15.36 38.65
N ASN A 382 -18.20 -16.51 39.23
CA ASN A 382 -18.23 -16.88 40.65
C ASN A 382 -19.37 -16.20 41.40
N ARG A 383 -20.08 -15.29 40.76
CA ARG A 383 -21.24 -14.68 41.32
C ARG A 383 -22.00 -14.21 40.10
N PRO A 384 -23.30 -14.48 40.01
CA PRO A 384 -24.03 -14.21 38.78
C PRO A 384 -24.30 -12.72 38.61
N VAL A 385 -24.53 -12.33 37.36
CA VAL A 385 -24.76 -10.93 37.04
C VAL A 385 -26.21 -10.59 37.37
N VAL A 386 -26.41 -9.76 38.39
CA VAL A 386 -27.72 -9.38 38.89
C VAL A 386 -28.04 -8.01 38.29
N ARG A 387 -27.18 -7.54 37.40
CA ARG A 387 -27.39 -6.26 36.75
C ARG A 387 -28.53 -6.35 35.76
N ASP A 388 -29.32 -5.30 35.71
CA ASP A 388 -30.59 -5.26 34.99
C ASP A 388 -30.42 -4.43 33.73
N ASP A 389 -30.28 -5.09 32.58
CA ASP A 389 -30.05 -4.41 31.33
C ASP A 389 -31.38 -4.20 30.62
N ARG A 390 -31.94 -3.04 30.79
CA ARG A 390 -33.23 -2.72 30.19
C ARG A 390 -33.05 -2.34 28.73
N PRO A 391 -34.07 -2.56 27.88
CA PRO A 391 -33.95 -2.21 26.46
C PRO A 391 -33.97 -0.70 26.26
N ASP A 392 -33.60 -0.31 25.04
CA ASP A 392 -33.40 1.09 24.75
C ASP A 392 -34.72 1.82 24.58
N LEU A 393 -34.74 3.07 24.97
CA LEU A 393 -35.91 3.93 24.82
C LEU A 393 -35.66 4.88 23.68
N ILE A 394 -36.19 4.57 22.51
CA ILE A 394 -35.93 5.34 21.31
C ILE A 394 -36.93 6.46 21.21
N TYR A 395 -36.44 7.66 20.90
CA TYR A 395 -37.27 8.86 20.83
C TYR A 395 -37.18 9.46 19.44
N ARG A 396 -38.04 10.45 19.18
CA ARG A 396 -38.06 11.06 17.87
C ARG A 396 -36.98 12.12 17.74
N THR A 397 -36.91 13.03 18.69
CA THR A 397 -35.98 14.14 18.63
C THR A 397 -34.97 14.03 19.75
N MET A 398 -33.90 14.81 19.64
CA MET A 398 -32.92 14.83 20.70
C MET A 398 -33.37 15.65 21.87
N GLU A 399 -34.27 16.61 21.66
CA GLU A 399 -34.77 17.38 22.80
C GLU A 399 -35.71 16.54 23.64
N GLY A 400 -36.47 15.65 23.01
CA GLY A 400 -37.32 14.77 23.77
C GLY A 400 -36.55 13.72 24.52
N LYS A 401 -35.50 13.18 23.91
CA LYS A 401 -34.62 12.24 24.58
C LYS A 401 -33.93 12.88 25.77
N PHE A 402 -33.45 14.11 25.62
CA PHE A 402 -32.73 14.71 26.72
C PHE A 402 -33.67 15.18 27.81
N LYS A 403 -34.90 15.52 27.47
CA LYS A 403 -35.90 15.78 28.51
C LYS A 403 -36.22 14.51 29.28
N ALA A 404 -36.27 13.36 28.58
CA ALA A 404 -36.52 12.10 29.25
C ALA A 404 -35.36 11.69 30.14
N VAL A 405 -34.13 11.92 29.68
CA VAL A 405 -32.95 11.59 30.46
C VAL A 405 -32.90 12.41 31.73
N ALA A 406 -33.19 13.71 31.62
CA ALA A 406 -33.21 14.56 32.81
C ALA A 406 -34.35 14.21 33.73
N GLU A 407 -35.47 13.73 33.21
CA GLU A 407 -36.57 13.32 34.09
C GLU A 407 -36.24 12.03 34.82
N ASP A 408 -35.58 11.09 34.14
CA ASP A 408 -35.14 9.85 34.76
C ASP A 408 -34.10 10.11 35.85
N VAL A 409 -33.13 10.97 35.56
CA VAL A 409 -32.10 11.31 36.52
C VAL A 409 -32.70 12.01 37.73
N ALA A 410 -33.72 12.84 37.49
CA ALA A 410 -34.41 13.49 38.59
C ALA A 410 -35.15 12.50 39.46
N GLN A 411 -35.82 11.53 38.88
CA GLN A 411 -36.59 10.65 39.73
C GLN A 411 -35.75 9.53 40.33
N ARG A 412 -34.53 9.31 39.86
CA ARG A 412 -33.61 8.46 40.60
C ARG A 412 -32.84 9.21 41.66
N TYR A 413 -32.66 10.51 41.49
CA TYR A 413 -32.01 11.28 42.53
C TYR A 413 -32.89 11.41 43.76
N MET A 414 -34.21 11.31 43.60
CA MET A 414 -35.11 11.50 44.73
C MET A 414 -35.08 10.32 45.69
N THR A 415 -34.81 9.12 45.20
CA THR A 415 -34.68 7.99 46.12
C THR A 415 -33.32 7.97 46.80
N GLY A 416 -32.28 8.39 46.12
CA GLY A 416 -30.93 8.36 46.64
C GLY A 416 -29.99 7.47 45.87
N GLN A 417 -30.46 6.82 44.83
CA GLN A 417 -29.62 5.94 44.05
C GLN A 417 -28.64 6.76 43.24
N PRO A 418 -27.36 6.39 43.20
CA PRO A 418 -26.42 7.13 42.38
C PRO A 418 -26.63 6.88 40.91
N VAL A 419 -26.53 7.92 40.11
CA VAL A 419 -26.74 7.84 38.68
C VAL A 419 -25.43 8.16 38.00
N LEU A 420 -25.14 7.46 36.92
CA LEU A 420 -24.02 7.81 36.04
C LEU A 420 -24.58 7.94 34.64
N VAL A 421 -24.64 9.15 34.14
CA VAL A 421 -25.10 9.39 32.79
C VAL A 421 -23.91 9.33 31.86
N GLY A 422 -24.04 8.60 30.77
CA GLY A 422 -22.90 8.45 29.89
C GLY A 422 -23.08 9.01 28.50
N THR A 423 -22.39 10.09 28.20
CA THR A 423 -22.44 10.72 26.89
C THR A 423 -21.20 10.33 26.12
N VAL A 424 -20.94 11.00 25.00
CA VAL A 424 -19.70 10.83 24.24
C VAL A 424 -18.93 12.13 24.13
N ALA A 425 -19.58 13.18 23.67
CA ALA A 425 -18.86 14.41 23.41
C ALA A 425 -18.80 15.26 24.67
N VAL A 426 -18.03 16.33 24.60
CA VAL A 426 -17.91 17.24 25.72
C VAL A 426 -19.06 18.22 25.70
N GLU A 427 -19.58 18.55 24.53
CA GLU A 427 -20.63 19.54 24.47
C GLU A 427 -21.98 18.97 24.82
N THR A 428 -22.24 17.69 24.54
CA THR A 428 -23.51 17.12 24.98
C THR A 428 -23.49 16.88 26.47
N SER A 429 -22.32 16.64 27.02
CA SER A 429 -22.17 16.53 28.46
C SER A 429 -22.42 17.85 29.15
N GLU A 430 -21.95 18.96 28.57
CA GLU A 430 -22.29 20.25 29.15
C GLU A 430 -23.75 20.62 28.93
N LEU A 431 -24.34 20.18 27.82
CA LEU A 431 -25.76 20.40 27.57
C LEU A 431 -26.62 19.69 28.61
N ILE A 432 -26.30 18.44 28.91
CA ILE A 432 -27.09 17.73 29.90
C ILE A 432 -26.76 18.19 31.32
N SER A 433 -25.58 18.75 31.55
CA SER A 433 -25.31 19.34 32.84
C SER A 433 -26.13 20.60 33.08
N LYS A 434 -26.32 21.41 32.05
CA LYS A 434 -27.22 22.54 32.22
C LYS A 434 -28.68 22.11 32.18
N LEU A 435 -28.98 20.93 31.66
CA LEU A 435 -30.32 20.40 31.74
C LEU A 435 -30.66 19.94 33.14
N LEU A 436 -29.65 19.54 33.91
CA LEU A 436 -29.85 19.22 35.31
C LEU A 436 -29.56 20.38 36.25
N LYS A 437 -29.01 21.49 35.75
CA LYS A 437 -28.71 22.62 36.62
C LYS A 437 -30.00 23.33 37.04
N ASN A 438 -30.73 23.87 36.08
CA ASN A 438 -32.16 24.01 36.30
C ASN A 438 -32.73 22.61 36.32
N LYS A 439 -33.76 22.42 37.16
CA LYS A 439 -34.23 21.24 37.87
C LYS A 439 -33.47 21.02 39.16
N GLY A 440 -32.41 21.77 39.44
CA GLY A 440 -31.76 21.80 40.73
C GLY A 440 -31.19 20.51 41.28
N ILE A 441 -30.40 19.79 40.49
CA ILE A 441 -29.86 18.50 40.87
C ILE A 441 -28.35 18.63 40.92
N PRO A 442 -27.71 18.45 42.08
CA PRO A 442 -26.25 18.61 42.17
C PRO A 442 -25.53 17.43 41.56
N HIS A 443 -24.64 17.71 40.61
CA HIS A 443 -23.97 16.68 39.86
C HIS A 443 -22.50 17.00 39.73
N GLN A 444 -21.75 16.04 39.22
CA GLN A 444 -20.37 16.25 38.79
C GLN A 444 -20.29 15.94 37.31
N VAL A 445 -19.36 16.58 36.62
CA VAL A 445 -19.14 16.35 35.21
C VAL A 445 -17.71 15.91 35.00
N LEU A 446 -17.52 14.84 34.26
CA LEU A 446 -16.20 14.30 33.94
C LEU A 446 -16.01 14.34 32.44
N ASN A 447 -15.59 15.49 31.93
CA ASN A 447 -15.31 15.68 30.53
C ASN A 447 -13.84 15.43 30.28
N ALA A 448 -13.43 15.66 29.05
CA ALA A 448 -12.02 15.80 28.74
C ALA A 448 -11.43 17.03 29.40
N LYS A 449 -12.22 18.07 29.58
CA LYS A 449 -11.74 19.30 30.20
C LYS A 449 -11.65 19.21 31.72
N ASN A 450 -12.38 18.29 32.34
CA ASN A 450 -12.40 18.14 33.79
C ASN A 450 -11.57 16.97 34.26
N HIS A 451 -10.43 16.72 33.64
CA HIS A 451 -9.67 15.52 33.94
C HIS A 451 -8.86 15.61 35.22
N GLU A 452 -8.76 16.78 35.84
CA GLU A 452 -7.91 16.90 37.01
C GLU A 452 -8.58 16.35 38.25
N ARG A 453 -9.90 16.39 38.32
CA ARG A 453 -10.63 15.96 39.49
C ARG A 453 -11.11 14.53 39.37
N GLU A 454 -10.61 13.78 38.38
CA GLU A 454 -11.20 12.51 37.97
C GLU A 454 -11.16 11.49 39.09
N ALA A 455 -10.00 11.30 39.71
CA ALA A 455 -9.88 10.36 40.81
C ALA A 455 -10.69 10.76 42.02
N GLN A 456 -11.06 12.02 42.12
CA GLN A 456 -11.97 12.42 43.19
C GLN A 456 -13.40 12.12 42.81
N ILE A 457 -13.78 12.38 41.55
CA ILE A 457 -15.16 12.22 41.11
C ILE A 457 -15.56 10.75 41.18
N ILE A 458 -14.68 9.86 40.76
CA ILE A 458 -14.92 8.42 40.81
C ILE A 458 -15.03 7.94 42.24
N GLU A 459 -14.40 8.62 43.19
CA GLU A 459 -14.56 8.14 44.55
C GLU A 459 -15.86 8.61 45.18
N GLU A 460 -16.52 9.61 44.59
CA GLU A 460 -17.81 10.05 45.10
C GLU A 460 -18.96 9.61 44.23
N ALA A 461 -18.70 8.97 43.10
CA ALA A 461 -19.74 8.72 42.13
C ALA A 461 -20.68 7.61 42.53
N GLY A 462 -20.35 6.85 43.56
CA GLY A 462 -21.20 5.75 43.94
C GLY A 462 -21.75 5.92 45.33
N GLN A 463 -21.81 7.14 45.80
CA GLN A 463 -22.31 7.43 47.14
C GLN A 463 -23.83 7.51 47.08
N LYS A 464 -24.45 7.92 48.16
CA LYS A 464 -25.89 8.07 48.18
C LYS A 464 -26.28 9.41 47.58
N GLY A 465 -27.04 9.38 46.50
CA GLY A 465 -27.46 10.59 45.82
C GLY A 465 -26.33 11.28 45.14
N ALA A 466 -25.76 10.65 44.13
CA ALA A 466 -24.58 11.17 43.46
C ALA A 466 -24.79 11.05 41.97
N VAL A 467 -25.04 12.16 41.31
CA VAL A 467 -25.21 12.19 39.87
C VAL A 467 -23.89 12.54 39.23
N THR A 468 -23.47 11.74 38.26
CA THR A 468 -22.22 11.98 37.55
C THR A 468 -22.49 11.91 36.08
N ILE A 469 -22.31 13.01 35.38
CA ILE A 469 -22.35 13.01 33.92
C ILE A 469 -20.93 12.78 33.45
N ALA A 470 -20.73 11.82 32.57
CA ALA A 470 -19.39 11.44 32.19
C ALA A 470 -19.38 11.06 30.73
N THR A 471 -18.29 11.39 30.05
CA THR A 471 -18.13 11.07 28.64
C THR A 471 -17.48 9.70 28.53
N ASN A 472 -16.83 9.43 27.40
CA ASN A 472 -16.05 8.21 27.19
C ASN A 472 -14.99 7.94 28.24
N MET A 473 -14.58 8.97 28.99
CA MET A 473 -13.63 8.86 30.09
C MET A 473 -14.02 7.78 31.08
N ALA A 474 -15.28 7.72 31.46
CA ALA A 474 -15.67 6.78 32.49
C ALA A 474 -15.86 5.39 31.94
N GLY A 475 -16.54 5.24 30.81
CA GLY A 475 -16.97 3.93 30.45
C GLY A 475 -15.97 2.94 29.88
N ARG A 476 -14.78 2.82 30.44
CA ARG A 476 -13.92 1.74 29.97
C ARG A 476 -13.29 0.91 31.08
N GLY A 477 -12.82 1.53 32.14
CA GLY A 477 -12.16 0.71 33.12
C GLY A 477 -12.42 1.19 34.52
N THR A 478 -13.23 2.22 34.62
CA THR A 478 -13.47 2.91 35.86
C THR A 478 -14.23 2.03 36.84
N ASP A 479 -13.70 1.92 38.05
CA ASP A 479 -14.26 1.07 39.09
C ASP A 479 -14.95 1.96 40.12
N ILE A 480 -16.25 2.09 40.02
CA ILE A 480 -17.03 2.90 40.96
C ILE A 480 -17.48 2.00 42.10
N LYS A 481 -17.10 2.35 43.32
CA LYS A 481 -17.46 1.59 44.49
C LYS A 481 -18.68 2.20 45.15
N LEU A 482 -19.54 1.36 45.70
CA LEU A 482 -20.82 1.80 46.22
C LEU A 482 -20.71 2.15 47.68
N GLY A 483 -21.39 3.21 48.07
CA GLY A 483 -21.40 3.68 49.44
C GLY A 483 -22.42 2.93 50.27
N GLU A 484 -22.64 3.45 51.47
CA GLU A 484 -23.46 2.75 52.46
C GLU A 484 -24.94 2.95 52.18
N GLY A 485 -25.68 1.85 52.13
CA GLY A 485 -27.08 1.89 51.79
C GLY A 485 -27.36 1.92 50.32
N VAL A 486 -26.35 2.11 49.49
CA VAL A 486 -26.55 2.22 48.04
C VAL A 486 -26.84 0.86 47.44
N LYS A 487 -26.32 -0.21 48.03
CA LYS A 487 -26.62 -1.55 47.56
C LYS A 487 -28.04 -1.98 47.86
N GLU A 488 -28.77 -1.26 48.71
CA GLU A 488 -30.17 -1.54 48.96
C GLU A 488 -31.09 -0.79 48.02
N LEU A 489 -30.62 0.29 47.42
CA LEU A 489 -31.37 1.01 46.42
C LEU A 489 -31.13 0.47 45.02
N GLY A 490 -30.31 -0.56 44.88
CA GLY A 490 -29.95 -1.05 43.57
C GLY A 490 -28.98 -0.09 42.93
N GLY A 491 -27.77 -0.02 43.47
CA GLY A 491 -26.92 1.13 43.25
C GLY A 491 -26.35 1.22 41.85
N LEU A 492 -26.01 2.45 41.51
CA LEU A 492 -25.43 2.86 40.23
C LEU A 492 -26.28 2.47 39.05
N ALA A 493 -27.34 3.21 38.83
CA ALA A 493 -28.01 3.20 37.55
C ALA A 493 -27.18 3.91 36.50
N VAL A 494 -26.75 3.21 35.49
CA VAL A 494 -26.09 3.80 34.34
C VAL A 494 -27.16 4.20 33.35
N VAL A 495 -27.16 5.45 32.92
CA VAL A 495 -28.09 5.94 31.93
C VAL A 495 -27.25 6.33 30.72
N GLY A 496 -27.15 5.45 29.76
CA GLY A 496 -26.47 5.81 28.55
C GLY A 496 -27.33 6.69 27.70
N THR A 497 -26.72 7.50 26.84
CA THR A 497 -27.52 8.35 25.98
C THR A 497 -27.24 8.19 24.50
N GLU A 498 -26.32 7.32 24.10
CA GLU A 498 -26.20 7.00 22.68
C GLU A 498 -25.60 5.63 22.50
N ARG A 499 -25.88 5.04 21.36
CA ARG A 499 -25.17 3.84 20.96
C ARG A 499 -23.80 4.21 20.48
N HIS A 500 -22.82 3.38 20.80
CA HIS A 500 -21.47 3.65 20.39
C HIS A 500 -21.17 2.88 19.12
N GLU A 501 -19.92 2.83 18.73
CA GLU A 501 -19.57 2.24 17.45
C GLU A 501 -19.48 0.73 17.49
N SER A 502 -19.71 0.10 18.64
CA SER A 502 -19.82 -1.34 18.71
C SER A 502 -20.65 -1.69 19.92
N ARG A 503 -21.07 -2.95 19.98
CA ARG A 503 -21.73 -3.45 21.17
C ARG A 503 -20.77 -3.59 22.33
N ARG A 504 -19.47 -3.69 22.05
CA ARG A 504 -18.50 -3.82 23.11
C ARG A 504 -18.41 -2.56 23.95
N ILE A 505 -18.51 -1.39 23.32
CA ILE A 505 -18.31 -0.15 24.05
C ILE A 505 -19.50 0.17 24.94
N ASP A 506 -20.71 -0.06 24.46
CA ASP A 506 -21.82 0.17 25.36
C ASP A 506 -22.01 -0.97 26.34
N ASN A 507 -21.50 -2.16 26.03
CA ASN A 507 -21.41 -3.18 27.07
C ASN A 507 -20.43 -2.81 28.15
N GLN A 508 -19.39 -2.06 27.82
CA GLN A 508 -18.48 -1.59 28.85
C GLN A 508 -19.12 -0.55 29.74
N LEU A 509 -19.99 0.29 29.18
CA LEU A 509 -20.74 1.24 30.02
C LEU A 509 -21.68 0.52 30.99
N ARG A 510 -22.41 -0.48 30.48
CA ARG A 510 -23.22 -1.32 31.35
C ARG A 510 -22.36 -2.02 32.41
N GLY A 511 -21.14 -2.38 32.05
CA GLY A 511 -20.21 -2.94 33.00
C GLY A 511 -19.75 -1.99 34.06
N ARG A 512 -19.84 -0.68 33.80
CA ARG A 512 -19.65 0.26 34.92
C ARG A 512 -20.76 0.13 35.92
N SER A 513 -21.93 -0.26 35.46
CA SER A 513 -22.95 -0.44 36.50
C SER A 513 -22.85 -1.75 37.25
N GLY A 514 -22.50 -2.85 36.59
CA GLY A 514 -22.65 -4.16 37.22
C GLY A 514 -21.88 -4.53 38.47
N ARG A 515 -20.56 -4.70 38.34
CA ARG A 515 -19.56 -4.70 39.42
C ARG A 515 -19.77 -5.82 40.44
N GLN A 516 -19.54 -7.04 39.97
CA GLN A 516 -19.38 -8.28 40.73
C GLN A 516 -20.55 -8.58 41.68
N GLY A 517 -21.68 -8.87 41.06
CA GLY A 517 -22.81 -9.38 41.76
C GLY A 517 -23.64 -8.34 42.47
N ASP A 518 -23.23 -7.10 42.47
CA ASP A 518 -24.05 -6.04 42.99
C ASP A 518 -25.20 -5.77 42.03
N PRO A 519 -26.31 -5.24 42.52
CA PRO A 519 -27.39 -4.83 41.63
C PRO A 519 -27.02 -3.58 40.82
N GLY A 520 -27.80 -3.33 39.78
CA GLY A 520 -27.61 -2.16 38.97
C GLY A 520 -28.52 -2.15 37.77
N ILE A 521 -28.95 -0.99 37.33
CA ILE A 521 -29.83 -0.84 36.18
C ILE A 521 -29.05 -0.14 35.08
N THR A 522 -29.21 -0.57 33.83
CA THR A 522 -28.59 0.14 32.71
C THR A 522 -29.65 0.38 31.66
N GLN A 523 -30.10 1.61 31.54
CA GLN A 523 -31.06 2.00 30.53
C GLN A 523 -30.37 2.90 29.52
N PHE A 524 -30.58 2.62 28.24
CA PHE A 524 -30.09 3.49 27.19
C PHE A 524 -31.24 4.30 26.64
N TYR A 525 -31.01 5.59 26.43
CA TYR A 525 -32.04 6.42 25.85
C TYR A 525 -31.47 6.82 24.51
N LEU A 526 -32.00 6.25 23.44
CA LEU A 526 -31.54 6.63 22.13
C LEU A 526 -32.46 7.69 21.55
N SER A 527 -32.16 8.08 20.33
CA SER A 527 -33.01 8.99 19.59
C SER A 527 -32.93 8.62 18.13
N MET A 528 -33.78 9.22 17.34
CA MET A 528 -33.79 8.95 15.91
C MET A 528 -33.01 9.97 15.13
N GLU A 529 -32.65 11.08 15.74
CA GLU A 529 -31.68 12.00 15.17
C GLU A 529 -30.37 11.95 15.93
N ASP A 530 -30.04 10.79 16.47
CA ASP A 530 -28.72 10.53 16.98
C ASP A 530 -27.75 10.44 15.82
N GLU A 531 -26.47 10.61 16.12
CA GLU A 531 -25.49 10.69 15.04
C GLU A 531 -25.26 9.33 14.40
N LEU A 532 -25.46 8.25 15.14
CA LEU A 532 -25.37 6.92 14.57
C LEU A 532 -26.48 6.67 13.57
N MET A 533 -27.70 7.11 13.88
CA MET A 533 -28.81 6.90 12.97
C MET A 533 -28.76 7.84 11.78
N ARG A 534 -28.33 9.07 11.99
CA ARG A 534 -28.23 10.01 10.89
C ARG A 534 -27.11 9.63 9.94
N ARG A 535 -26.02 9.09 10.46
CA ARG A 535 -24.93 8.77 9.57
C ARG A 535 -25.05 7.40 8.94
N PHE A 536 -25.48 6.39 9.68
CA PHE A 536 -25.42 5.03 9.18
C PHE A 536 -26.77 4.36 9.09
N GLY A 537 -27.86 5.06 9.41
CA GLY A 537 -29.17 4.47 9.26
C GLY A 537 -29.54 4.38 7.79
N ALA A 538 -30.20 3.28 7.44
CA ALA A 538 -30.63 3.08 6.06
C ALA A 538 -31.78 4.00 5.74
N GLU A 539 -31.82 4.45 4.48
CA GLU A 539 -32.71 5.53 4.09
C GLU A 539 -34.17 5.11 4.00
N ARG A 540 -34.47 3.81 4.07
CA ARG A 540 -35.86 3.38 4.14
C ARG A 540 -36.49 3.80 5.46
N THR A 541 -35.90 3.37 6.58
CA THR A 541 -36.50 3.62 7.89
C THR A 541 -36.43 5.09 8.28
N MET A 542 -35.51 5.84 7.68
CA MET A 542 -35.41 7.27 7.93
C MET A 542 -36.52 8.09 7.26
N ALA A 543 -37.60 7.48 6.77
CA ALA A 543 -38.70 8.20 6.15
C ALA A 543 -39.95 8.31 7.03
N MET A 544 -40.22 7.34 7.89
CA MET A 544 -41.47 7.29 8.66
C MET A 544 -41.37 7.92 10.04
N LEU A 545 -40.38 8.76 10.28
CA LEU A 545 -40.35 9.46 11.56
C LEU A 545 -41.41 10.57 11.62
N ASP A 546 -42.03 10.90 10.49
CA ASP A 546 -43.29 11.61 10.51
C ASP A 546 -44.46 10.68 10.79
N ARG A 547 -44.35 9.39 10.42
CA ARG A 547 -45.43 8.44 10.68
C ARG A 547 -45.58 8.19 12.16
N PHE A 548 -44.48 8.25 12.91
CA PHE A 548 -44.62 8.06 14.35
C PHE A 548 -45.19 9.26 15.08
N GLY A 549 -45.36 10.39 14.42
CA GLY A 549 -45.93 11.57 15.04
C GLY A 549 -44.85 12.48 15.59
N MET A 550 -45.28 13.66 16.03
CA MET A 550 -44.36 14.63 16.63
C MET A 550 -44.90 14.99 18.00
N ASP A 551 -44.61 14.15 19.00
CA ASP A 551 -44.87 14.50 20.39
C ASP A 551 -43.62 14.43 21.25
N ASP A 552 -42.96 13.26 21.31
CA ASP A 552 -41.83 12.98 22.20
C ASP A 552 -42.16 13.28 23.65
N SER A 553 -43.02 12.43 24.19
CA SER A 553 -43.13 12.34 25.64
C SER A 553 -42.97 10.88 26.01
N THR A 554 -43.37 10.01 25.08
CA THR A 554 -43.27 8.57 25.22
C THR A 554 -42.39 8.02 24.10
N PRO A 555 -41.65 6.95 24.36
CA PRO A 555 -40.78 6.41 23.32
C PRO A 555 -41.53 5.75 22.19
N ILE A 556 -40.85 5.64 21.05
CA ILE A 556 -41.36 4.93 19.89
C ILE A 556 -41.45 3.45 20.23
N GLN A 557 -42.66 2.93 20.32
CA GLN A 557 -42.86 1.52 20.62
C GLN A 557 -43.06 0.71 19.34
N SER A 558 -42.09 0.81 18.45
CA SER A 558 -42.10 0.06 17.21
C SER A 558 -41.11 -1.08 17.29
N LYS A 559 -41.10 -1.91 16.25
CA LYS A 559 -40.08 -2.92 16.10
C LYS A 559 -39.39 -2.80 14.76
N MET A 560 -39.70 -1.79 13.99
CA MET A 560 -38.93 -1.48 12.80
C MET A 560 -37.84 -0.47 13.09
N VAL A 561 -38.02 0.36 14.12
CA VAL A 561 -36.93 1.25 14.49
C VAL A 561 -35.85 0.52 15.27
N SER A 562 -36.21 -0.52 16.02
CA SER A 562 -35.21 -1.27 16.76
C SER A 562 -34.31 -2.05 15.82
N ARG A 563 -34.89 -2.62 14.77
CA ARG A 563 -34.10 -3.24 13.71
C ARG A 563 -33.21 -2.22 13.01
N ALA A 564 -33.66 -0.97 12.89
CA ALA A 564 -32.86 0.06 12.24
C ALA A 564 -31.68 0.47 13.11
N VAL A 565 -31.90 0.55 14.43
CA VAL A 565 -30.82 0.88 15.35
C VAL A 565 -29.75 -0.20 15.33
N GLU A 566 -30.17 -1.46 15.41
CA GLU A 566 -29.20 -2.55 15.40
C GLU A 566 -28.49 -2.66 14.07
N SER A 567 -29.18 -2.39 12.96
CA SER A 567 -28.52 -2.52 11.67
C SER A 567 -27.57 -1.37 11.41
N SER A 568 -27.86 -0.19 11.96
CA SER A 568 -26.91 0.91 11.84
C SER A 568 -25.65 0.63 12.62
N GLN A 569 -25.78 0.06 13.82
CA GLN A 569 -24.58 -0.27 14.58
C GLN A 569 -23.77 -1.38 13.92
N LYS A 570 -24.44 -2.35 13.32
CA LYS A 570 -23.71 -3.38 12.59
C LYS A 570 -23.06 -2.83 11.33
N ARG A 571 -23.62 -1.78 10.76
CA ARG A 571 -22.98 -1.14 9.61
C ARG A 571 -21.69 -0.44 10.01
N VAL A 572 -21.69 0.24 11.17
CA VAL A 572 -20.45 0.86 11.65
C VAL A 572 -19.41 -0.21 11.97
N GLU A 573 -19.83 -1.31 12.58
CA GLU A 573 -18.87 -2.37 12.91
C GLU A 573 -18.28 -2.99 11.67
N GLY A 574 -19.07 -3.17 10.61
CA GLY A 574 -18.52 -3.70 9.38
C GLY A 574 -17.57 -2.74 8.68
N ASN A 575 -17.88 -1.44 8.73
CA ASN A 575 -16.97 -0.46 8.15
C ASN A 575 -15.65 -0.43 8.88
N ASN A 576 -15.67 -0.51 10.21
CA ASN A 576 -14.43 -0.51 10.97
C ASN A 576 -13.65 -1.78 10.76
N PHE A 577 -14.34 -2.91 10.60
CA PHE A 577 -13.69 -4.17 10.27
C PHE A 577 -12.89 -4.07 8.99
N ASP A 578 -13.52 -3.58 7.92
CA ASP A 578 -12.81 -3.51 6.65
C ASP A 578 -11.72 -2.45 6.65
N SER A 579 -11.92 -1.34 7.36
CA SER A 579 -10.90 -0.32 7.44
C SER A 579 -9.64 -0.82 8.15
N ARG A 580 -9.83 -1.55 9.26
CA ARG A 580 -8.65 -2.07 9.95
C ARG A 580 -8.01 -3.23 9.20
N LYS A 581 -8.78 -3.97 8.39
CA LYS A 581 -8.18 -5.00 7.55
C LYS A 581 -7.28 -4.41 6.47
N GLN A 582 -7.75 -3.33 5.84
CA GLN A 582 -6.97 -2.66 4.81
C GLN A 582 -5.69 -2.09 5.37
N LEU A 583 -5.79 -1.36 6.50
CA LEU A 583 -4.61 -0.82 7.16
C LEU A 583 -3.63 -1.92 7.56
N LEU A 584 -4.14 -3.10 7.91
CA LEU A 584 -3.29 -4.23 8.27
C LEU A 584 -2.43 -4.70 7.11
N GLN A 585 -3.02 -4.98 5.94
CA GLN A 585 -2.16 -5.56 4.89
C GLN A 585 -1.22 -4.53 4.25
N TYR A 586 -1.64 -3.27 4.18
CA TYR A 586 -0.73 -2.31 3.58
C TYR A 586 0.40 -1.93 4.56
N ASP A 587 0.12 -1.94 5.86
CA ASP A 587 1.26 -1.79 6.76
C ASP A 587 2.03 -3.08 6.95
N ASP A 588 1.57 -4.21 6.42
CA ASP A 588 2.46 -5.37 6.36
C ASP A 588 3.57 -5.14 5.37
N VAL A 589 3.25 -4.47 4.25
CA VAL A 589 4.31 -4.06 3.32
C VAL A 589 5.33 -3.15 4.00
N LEU A 590 4.83 -2.06 4.60
CA LEU A 590 5.77 -1.17 5.29
C LEU A 590 6.41 -1.79 6.52
N ARG A 591 5.83 -2.85 7.09
CA ARG A 591 6.42 -3.54 8.22
C ARG A 591 7.67 -4.30 7.82
N GLN A 592 7.63 -4.99 6.68
CA GLN A 592 8.83 -5.68 6.20
C GLN A 592 9.96 -4.70 5.92
N GLN A 593 9.63 -3.58 5.26
CA GLN A 593 10.67 -2.59 4.98
C GLN A 593 11.24 -1.97 6.25
N ARG A 594 10.38 -1.65 7.21
CA ARG A 594 10.81 -1.01 8.45
C ARG A 594 11.63 -1.95 9.31
N GLU A 595 11.31 -3.23 9.30
CA GLU A 595 12.10 -4.16 10.11
C GLU A 595 13.50 -4.33 9.55
N VAL A 596 13.64 -4.36 8.22
CA VAL A 596 14.98 -4.41 7.63
C VAL A 596 15.78 -3.16 7.98
N ILE A 597 15.19 -1.98 7.80
CA ILE A 597 15.90 -0.73 8.02
C ILE A 597 16.27 -0.55 9.49
N TYR A 598 15.38 -0.92 10.40
CA TYR A 598 15.63 -0.66 11.80
C TYR A 598 16.64 -1.63 12.37
N LYS A 599 16.64 -2.88 11.88
CA LYS A 599 17.65 -3.83 12.32
C LYS A 599 19.03 -3.45 11.85
N GLN A 600 19.15 -2.99 10.61
CA GLN A 600 20.47 -2.62 10.13
C GLN A 600 20.94 -1.28 10.68
N ARG A 601 20.04 -0.36 10.97
CA ARG A 601 20.43 0.88 11.63
C ARG A 601 20.90 0.62 13.05
N PHE A 602 20.28 -0.34 13.73
CA PHE A 602 20.73 -0.68 15.06
C PHE A 602 22.09 -1.33 15.04
N GLU A 603 22.35 -2.21 14.09
CA GLU A 603 23.69 -2.77 14.07
C GLU A 603 24.71 -1.87 13.41
N VAL A 604 24.31 -0.73 12.86
CA VAL A 604 25.27 0.34 12.65
C VAL A 604 25.63 0.98 13.98
N ILE A 605 24.64 1.14 14.86
CA ILE A 605 24.86 1.85 16.12
C ILE A 605 25.79 1.08 17.05
N ASP A 606 25.50 -0.20 17.32
CA ASP A 606 26.41 -0.98 18.16
C ASP A 606 27.32 -1.86 17.31
N SER A 607 28.17 -1.18 16.56
CA SER A 607 29.27 -1.84 15.88
C SER A 607 30.50 -1.01 16.19
N GLU A 608 31.48 -1.63 16.84
CA GLU A 608 32.67 -0.91 17.24
C GLU A 608 33.70 -0.81 16.13
N ASN A 609 33.41 -1.32 14.94
CA ASN A 609 34.19 -0.98 13.77
C ASN A 609 33.27 -0.98 12.56
N LEU A 610 33.29 0.12 11.81
CA LEU A 610 32.39 0.29 10.69
C LEU A 610 33.10 0.20 9.36
N ARG A 611 34.33 -0.30 9.34
CA ARG A 611 35.11 -0.29 8.11
C ARG A 611 34.55 -1.26 7.09
N GLU A 612 34.07 -2.41 7.53
CA GLU A 612 33.54 -3.38 6.59
C GLU A 612 32.19 -2.94 6.05
N ILE A 613 31.35 -2.35 6.89
CA ILE A 613 30.04 -1.87 6.46
C ILE A 613 30.18 -0.76 5.43
N VAL A 614 31.04 0.21 5.72
CA VAL A 614 31.25 1.33 4.81
C VAL A 614 31.92 0.87 3.53
N GLU A 615 32.82 -0.10 3.62
CA GLU A 615 33.48 -0.58 2.40
C GLU A 615 32.54 -1.39 1.52
N ASN A 616 31.63 -2.15 2.12
CA ASN A 616 30.62 -2.83 1.30
C ASN A 616 29.66 -1.83 0.68
N MET A 617 29.38 -0.72 1.37
CA MET A 617 28.55 0.32 0.78
C MET A 617 29.23 0.97 -0.41
N ILE A 618 30.53 1.27 -0.29
CA ILE A 618 31.27 1.87 -1.37
C ILE A 618 31.41 0.90 -2.53
N LYS A 619 31.57 -0.38 -2.25
CA LYS A 619 31.68 -1.34 -3.33
C LYS A 619 30.37 -1.57 -4.05
N SER A 620 29.23 -1.55 -3.34
CA SER A 620 27.96 -1.69 -4.02
C SER A 620 27.64 -0.47 -4.85
N SER A 621 27.90 0.73 -4.31
CA SER A 621 27.73 1.95 -5.09
C SER A 621 28.65 1.98 -6.30
N LEU A 622 29.84 1.42 -6.16
CA LEU A 622 30.79 1.41 -7.27
C LEU A 622 30.41 0.40 -8.33
N GLU A 623 29.89 -0.77 -7.93
CA GLU A 623 29.39 -1.73 -8.92
C GLU A 623 28.24 -1.16 -9.71
N ARG A 624 27.32 -0.45 -9.05
CA ARG A 624 26.25 0.18 -9.79
C ARG A 624 26.74 1.33 -10.66
N ALA A 625 27.82 2.00 -10.24
CA ALA A 625 28.34 3.07 -11.07
C ALA A 625 29.09 2.53 -12.27
N ILE A 626 29.73 1.37 -12.11
CA ILE A 626 30.37 0.72 -13.24
C ILE A 626 29.32 0.23 -14.21
N ALA A 627 28.31 -0.48 -13.72
CA ALA A 627 27.25 -1.00 -14.58
C ALA A 627 26.29 0.07 -15.09
N ALA A 628 26.37 1.31 -14.58
CA ALA A 628 25.56 2.38 -15.16
C ALA A 628 26.13 2.85 -16.48
N TYR A 629 27.45 3.01 -16.54
CA TYR A 629 28.19 2.98 -17.80
C TYR A 629 28.38 1.52 -18.16
N THR A 630 29.30 1.21 -19.08
CA THR A 630 29.71 -0.16 -19.38
C THR A 630 28.60 -1.20 -19.58
N PRO A 631 27.54 -0.95 -20.36
CA PRO A 631 26.42 -1.89 -20.37
C PRO A 631 26.75 -3.13 -21.18
N ARG A 632 25.89 -4.14 -21.03
CA ARG A 632 26.07 -5.45 -21.64
C ARG A 632 25.90 -5.43 -23.15
N GLU A 633 25.34 -4.36 -23.71
CA GLU A 633 24.97 -4.36 -25.12
C GLU A 633 26.14 -3.92 -25.99
N GLU A 634 26.65 -2.72 -25.74
CA GLU A 634 27.63 -2.10 -26.62
C GLU A 634 29.03 -2.38 -26.09
N LEU A 635 29.51 -3.60 -26.33
CA LEU A 635 30.80 -3.99 -25.74
C LEU A 635 32.00 -3.25 -26.31
N PRO A 636 32.31 -3.26 -27.63
CA PRO A 636 33.62 -2.71 -28.01
C PRO A 636 33.62 -1.19 -28.09
N GLU A 637 34.11 -0.56 -27.02
CA GLU A 637 34.50 0.85 -26.98
C GLU A 637 33.39 1.83 -27.39
N GLU A 638 32.15 1.51 -27.08
CA GLU A 638 31.10 2.52 -27.12
C GLU A 638 30.66 2.77 -25.69
N TRP A 639 31.63 2.85 -24.79
CA TRP A 639 31.39 2.75 -23.36
C TRP A 639 31.58 4.04 -22.62
N LYS A 640 31.99 5.13 -23.30
CA LYS A 640 32.01 6.50 -22.77
C LYS A 640 32.85 6.62 -21.51
N LEU A 641 33.97 5.89 -21.47
CA LEU A 641 34.68 5.64 -20.22
C LEU A 641 35.33 6.87 -19.62
N ASP A 642 35.45 7.97 -20.36
CA ASP A 642 35.90 9.19 -19.71
C ASP A 642 34.81 9.78 -18.84
N GLY A 643 33.54 9.54 -19.17
CA GLY A 643 32.46 9.91 -18.26
C GLY A 643 32.51 9.11 -16.97
N LEU A 644 32.88 7.84 -17.06
CA LEU A 644 33.05 7.02 -15.87
C LEU A 644 34.26 7.47 -15.06
N VAL A 645 35.34 7.86 -15.73
CA VAL A 645 36.52 8.39 -15.03
C VAL A 645 36.17 9.69 -14.32
N ASP A 646 35.37 10.54 -14.96
CA ASP A 646 34.93 11.78 -14.32
C ASP A 646 34.03 11.50 -13.13
N LEU A 647 33.21 10.46 -13.22
CA LEU A 647 32.35 10.10 -12.10
C LEU A 647 33.15 9.55 -10.94
N ILE A 648 34.18 8.75 -11.21
CA ILE A 648 35.00 8.21 -10.13
C ILE A 648 35.80 9.33 -9.47
N ASN A 649 36.29 10.27 -10.26
CA ASN A 649 37.04 11.36 -9.68
C ASN A 649 36.16 12.39 -8.99
N THR A 650 34.86 12.41 -9.27
CA THR A 650 33.96 13.28 -8.53
C THR A 650 33.30 12.59 -7.34
N THR A 651 33.32 11.28 -7.26
CA THR A 651 32.62 10.58 -6.19
C THR A 651 33.53 9.78 -5.28
N TYR A 652 34.61 9.19 -5.77
CA TYR A 652 35.36 8.26 -4.96
C TYR A 652 36.84 8.59 -4.79
N LEU A 653 37.49 9.20 -5.77
CA LEU A 653 38.94 9.09 -5.84
C LEU A 653 39.61 10.42 -6.13
N ASP A 654 39.19 11.47 -5.44
CA ASP A 654 39.85 12.79 -5.28
C ASP A 654 40.49 13.36 -6.57
N GLU A 655 39.65 13.53 -7.58
CA GLU A 655 39.78 14.57 -8.62
C GLU A 655 40.89 14.34 -9.64
N GLY A 656 41.85 13.48 -9.36
CA GLY A 656 42.89 13.26 -10.34
C GLY A 656 43.38 11.83 -10.46
N ALA A 657 42.90 10.96 -9.59
CA ALA A 657 43.57 9.68 -9.41
C ALA A 657 43.21 8.65 -10.44
N LEU A 658 42.35 8.96 -11.39
CA LEU A 658 42.00 8.01 -12.43
C LEU A 658 42.05 8.70 -13.78
N GLU A 659 42.61 8.01 -14.76
CA GLU A 659 42.57 8.44 -16.15
C GLU A 659 41.92 7.34 -16.97
N LYS A 660 41.75 7.62 -18.26
CA LYS A 660 41.15 6.62 -19.14
C LYS A 660 42.06 5.41 -19.34
N SER A 661 43.37 5.63 -19.23
CA SER A 661 44.34 4.58 -19.52
C SER A 661 44.33 3.48 -18.48
N ASP A 662 43.91 3.78 -17.26
CA ASP A 662 43.91 2.76 -16.21
C ASP A 662 42.80 1.76 -16.43
N ILE A 663 41.70 2.17 -17.04
CA ILE A 663 40.56 1.29 -17.23
C ILE A 663 40.20 1.09 -18.69
N PHE A 664 41.13 1.38 -19.61
CA PHE A 664 40.84 1.23 -21.03
C PHE A 664 40.80 -0.24 -21.42
N GLY A 665 39.72 -0.64 -22.08
CA GLY A 665 39.58 -1.98 -22.59
C GLY A 665 39.52 -3.07 -21.55
N LYS A 666 39.10 -2.75 -20.34
CA LYS A 666 39.11 -3.72 -19.26
C LYS A 666 37.75 -4.39 -19.12
N GLU A 667 37.77 -5.57 -18.50
CA GLU A 667 36.53 -6.18 -18.07
C GLU A 667 35.94 -5.37 -16.92
N PRO A 668 34.61 -5.34 -16.79
CA PRO A 668 33.99 -4.59 -15.68
C PRO A 668 34.45 -5.03 -14.30
N ASP A 669 34.72 -6.31 -14.09
CA ASP A 669 35.16 -6.71 -12.76
C ASP A 669 36.61 -6.39 -12.51
N GLU A 670 37.46 -6.35 -13.52
CA GLU A 670 38.84 -6.01 -13.24
C GLU A 670 39.02 -4.50 -13.08
N MET A 671 38.24 -3.68 -13.79
CA MET A 671 38.28 -2.26 -13.49
C MET A 671 37.61 -1.97 -12.16
N LEU A 672 36.60 -2.76 -11.78
CA LEU A 672 36.03 -2.66 -10.45
C LEU A 672 37.07 -2.97 -9.39
N GLU A 673 37.89 -4.00 -9.61
CA GLU A 673 38.89 -4.36 -8.62
C GLU A 673 40.01 -3.34 -8.56
N LEU A 674 40.37 -2.75 -9.70
CA LEU A 674 41.40 -1.70 -9.69
C LEU A 674 40.93 -0.47 -8.91
N ILE A 675 39.73 0.02 -9.23
CA ILE A 675 39.17 1.17 -8.53
C ILE A 675 38.92 0.85 -7.05
N MET A 676 38.54 -0.40 -6.76
CA MET A 676 38.24 -0.77 -5.39
C MET A 676 39.49 -0.84 -4.54
N ASP A 677 40.60 -1.37 -5.07
CA ASP A 677 41.81 -1.37 -4.25
C ASP A 677 42.43 0.02 -4.13
N ARG A 678 42.22 0.90 -5.12
CA ARG A 678 42.61 2.29 -4.90
C ARG A 678 41.77 2.94 -3.80
N ILE A 679 40.48 2.60 -3.75
CA ILE A 679 39.62 3.10 -2.69
C ILE A 679 40.05 2.57 -1.33
N ILE A 680 40.48 1.30 -1.27
CA ILE A 680 40.90 0.71 -0.01
C ILE A 680 42.17 1.38 0.51
N THR A 681 43.13 1.67 -0.36
CA THR A 681 44.33 2.33 0.18
C THR A 681 44.06 3.79 0.54
N LYS A 682 43.14 4.46 -0.17
CA LYS A 682 42.72 5.79 0.25
C LYS A 682 42.01 5.76 1.60
N TYR A 683 41.21 4.73 1.83
CA TYR A 683 40.53 4.56 3.11
C TYR A 683 41.52 4.28 4.21
N ASN A 684 42.56 3.51 3.93
CA ASN A 684 43.54 3.19 4.96
C ASN A 684 44.36 4.41 5.33
N GLU A 685 44.65 5.28 4.36
CA GLU A 685 45.30 6.54 4.70
C GLU A 685 44.40 7.45 5.51
N LYS A 686 43.09 7.44 5.20
CA LYS A 686 42.14 8.22 5.99
C LYS A 686 42.03 7.71 7.42
N GLU A 687 42.01 6.39 7.59
CA GLU A 687 41.93 5.80 8.91
C GLU A 687 43.23 5.99 9.69
N GLU A 688 44.35 6.12 8.98
CA GLU A 688 45.61 6.39 9.64
C GLU A 688 45.65 7.83 10.17
N GLN A 689 45.37 8.80 9.29
CA GLN A 689 45.50 10.20 9.67
C GLN A 689 44.37 10.67 10.58
N PHE A 690 43.14 10.28 10.25
CA PHE A 690 41.94 10.76 10.94
C PHE A 690 41.87 10.27 12.38
N GLY A 691 42.43 9.11 12.68
CA GLY A 691 42.24 8.45 13.95
C GLY A 691 41.55 7.12 13.76
N LYS A 692 41.42 6.39 14.86
CA LYS A 692 40.83 5.07 14.76
C LYS A 692 39.39 5.01 15.29
N GLU A 693 39.15 5.56 16.47
CA GLU A 693 37.78 5.66 16.97
C GLU A 693 37.10 6.94 16.51
N GLN A 694 37.88 7.98 16.24
CA GLN A 694 37.32 9.20 15.67
C GLN A 694 36.79 8.95 14.27
N MET A 695 37.47 8.08 13.51
CA MET A 695 36.98 7.70 12.20
C MET A 695 35.66 6.93 12.31
N ARG A 696 35.52 6.13 13.35
CA ARG A 696 34.27 5.41 13.55
C ARG A 696 33.14 6.36 13.92
N GLU A 697 33.43 7.38 14.73
CA GLU A 697 32.41 8.37 15.06
C GLU A 697 31.99 9.15 13.82
N PHE A 698 32.96 9.51 12.99
CA PHE A 698 32.71 10.26 11.76
C PHE A 698 31.81 9.49 10.82
N GLU A 699 32.16 8.25 10.51
CA GLU A 699 31.33 7.53 9.56
C GLU A 699 30.06 6.99 10.18
N LYS A 700 29.97 6.89 11.51
CA LYS A 700 28.68 6.55 12.10
C LYS A 700 27.69 7.69 11.95
N VAL A 701 28.17 8.93 12.11
CA VAL A 701 27.31 10.09 11.89
C VAL A 701 26.87 10.16 10.44
N ILE A 702 27.78 9.88 9.50
CA ILE A 702 27.45 9.88 8.07
C ILE A 702 26.39 8.85 7.75
N VAL A 703 26.58 7.62 8.22
CA VAL A 703 25.68 6.53 7.88
C VAL A 703 24.31 6.75 8.50
N LEU A 704 24.25 7.18 9.77
CA LEU A 704 22.96 7.34 10.42
C LEU A 704 22.19 8.52 9.86
N ARG A 705 22.87 9.58 9.47
CA ARG A 705 22.20 10.71 8.86
C ARG A 705 21.63 10.35 7.49
N ALA A 706 22.38 9.55 6.71
CA ALA A 706 21.86 9.12 5.42
C ALA A 706 20.68 8.19 5.56
N VAL A 707 20.75 7.23 6.49
CA VAL A 707 19.66 6.29 6.70
C VAL A 707 18.41 7.00 7.15
N ASP A 708 18.55 7.96 8.07
CA ASP A 708 17.39 8.69 8.59
C ASP A 708 16.74 9.54 7.52
N SER A 709 17.51 10.28 6.75
CA SER A 709 16.90 11.18 5.76
C SER A 709 16.25 10.42 4.62
N LYS A 710 16.90 9.38 4.11
CA LYS A 710 16.27 8.61 3.04
C LYS A 710 15.08 7.82 3.55
N TRP A 711 15.08 7.40 4.81
CA TRP A 711 13.95 6.65 5.31
C TRP A 711 12.74 7.55 5.57
N MET A 712 12.96 8.80 5.97
CA MET A 712 11.83 9.72 6.06
C MET A 712 11.22 10.02 4.70
N ASP A 713 12.07 10.25 3.70
CA ASP A 713 11.55 10.41 2.35
C ASP A 713 10.81 9.18 1.85
N HIS A 714 11.25 8.00 2.27
CA HIS A 714 10.59 6.79 1.83
C HIS A 714 9.24 6.63 2.49
N ILE A 715 9.11 7.02 3.76
CA ILE A 715 7.80 6.99 4.42
C ILE A 715 6.82 7.92 3.72
N ASP A 716 7.30 9.10 3.30
CA ASP A 716 6.44 10.03 2.55
C ASP A 716 6.02 9.45 1.20
N ALA A 717 6.97 8.92 0.44
CA ALA A 717 6.66 8.39 -0.89
C ALA A 717 5.76 7.16 -0.81
N MET A 718 5.92 6.38 0.23
CA MET A 718 5.08 5.22 0.45
C MET A 718 3.65 5.64 0.80
N ASP A 719 3.49 6.75 1.52
CA ASP A 719 2.16 7.29 1.81
C ASP A 719 1.46 7.77 0.55
N GLN A 720 2.19 8.43 -0.32
CA GLN A 720 1.62 8.91 -1.58
C GLN A 720 1.19 7.76 -2.49
N LEU A 721 1.99 6.71 -2.53
CA LEU A 721 1.61 5.50 -3.28
C LEU A 721 0.33 4.88 -2.74
N ARG A 722 0.21 4.80 -1.42
CA ARG A 722 -1.01 4.26 -0.84
C ARG A 722 -2.22 5.15 -1.06
N GLN A 723 -2.02 6.44 -1.31
CA GLN A 723 -3.14 7.25 -1.79
C GLN A 723 -3.65 6.75 -3.13
N GLY A 724 -2.76 6.61 -4.11
CA GLY A 724 -3.32 6.26 -5.43
C GLY A 724 -3.64 4.80 -5.75
N ILE A 725 -3.45 3.89 -4.81
CA ILE A 725 -3.49 2.49 -5.21
C ILE A 725 -4.89 1.90 -5.52
N HIS A 726 -6.00 2.44 -5.03
CA HIS A 726 -7.29 1.89 -5.45
C HIS A 726 -7.63 2.31 -6.88
N LEU A 727 -7.16 3.48 -7.27
CA LEU A 727 -7.25 3.85 -8.66
C LEU A 727 -6.49 2.88 -9.52
N ARG A 728 -5.40 2.31 -9.01
CA ARG A 728 -4.79 1.20 -9.74
C ARG A 728 -5.72 -0.01 -9.84
N ALA A 729 -6.61 -0.20 -8.87
CA ALA A 729 -7.56 -1.32 -9.02
C ALA A 729 -8.56 -1.11 -10.13
N TYR A 730 -8.68 0.10 -10.63
CA TYR A 730 -9.53 0.31 -11.82
C TYR A 730 -9.08 -0.42 -13.09
N ALA A 731 -7.83 -0.84 -13.20
CA ALA A 731 -7.34 -1.52 -14.40
C ALA A 731 -7.33 -3.01 -14.26
N GLN A 732 -8.20 -3.55 -13.42
CA GLN A 732 -8.44 -4.98 -13.25
C GLN A 732 -7.23 -5.73 -12.73
N THR A 733 -6.28 -5.02 -12.14
CA THR A 733 -5.23 -5.67 -11.38
C THR A 733 -5.64 -5.77 -9.93
N ASN A 734 -4.91 -6.57 -9.19
CA ASN A 734 -5.02 -6.47 -7.75
C ASN A 734 -4.16 -5.30 -7.30
N PRO A 735 -4.74 -4.31 -6.62
CA PRO A 735 -3.94 -3.16 -6.22
C PRO A 735 -2.99 -3.43 -5.07
N LEU A 736 -3.20 -4.47 -4.28
CA LEU A 736 -2.25 -4.79 -3.23
C LEU A 736 -0.97 -5.35 -3.80
N ARG A 737 -1.06 -6.14 -4.85
CA ARG A 737 0.13 -6.64 -5.52
C ARG A 737 0.90 -5.51 -6.19
N GLU A 738 0.19 -4.52 -6.72
CA GLU A 738 0.85 -3.36 -7.28
C GLU A 738 1.53 -2.53 -6.20
N TYR A 739 0.92 -2.45 -5.03
CA TYR A 739 1.53 -1.76 -3.90
C TYR A 739 2.78 -2.46 -3.44
N GLN A 740 2.75 -3.79 -3.36
CA GLN A 740 3.92 -4.56 -2.94
C GLN A 740 5.05 -4.44 -3.94
N MET A 741 4.77 -4.50 -5.23
CA MET A 741 5.83 -4.43 -6.22
C MET A 741 6.42 -3.04 -6.32
N GLU A 742 5.59 -2.00 -6.32
CA GLU A 742 6.14 -0.65 -6.39
C GLU A 742 6.80 -0.25 -5.09
N GLY A 743 6.37 -0.82 -3.97
CA GLY A 743 7.04 -0.56 -2.73
C GLY A 743 8.39 -1.23 -2.64
N PHE A 744 8.52 -2.42 -3.23
CA PHE A 744 9.83 -3.06 -3.30
C PHE A 744 10.79 -2.26 -4.19
N ALA A 745 10.31 -1.80 -5.34
CA ALA A 745 11.18 -1.02 -6.21
C ALA A 745 11.59 0.29 -5.57
N MET A 746 10.67 0.94 -4.86
CA MET A 746 10.95 2.18 -4.16
C MET A 746 11.93 1.96 -3.02
N PHE A 747 11.79 0.88 -2.27
CA PHE A 747 12.71 0.57 -1.18
C PHE A 747 14.11 0.30 -1.68
N GLU A 748 14.24 -0.44 -2.78
CA GLU A 748 15.57 -0.73 -3.27
C GLU A 748 16.24 0.48 -3.87
N HIS A 749 15.48 1.39 -4.49
CA HIS A 749 16.10 2.64 -4.91
C HIS A 749 16.51 3.50 -3.72
N MET A 750 15.76 3.43 -2.63
CA MET A 750 16.14 4.15 -1.41
C MET A 750 17.45 3.64 -0.85
N ILE A 751 17.64 2.32 -0.87
CA ILE A 751 18.88 1.78 -0.33
C ILE A 751 20.06 2.05 -1.24
N GLU A 752 19.85 2.05 -2.54
CA GLU A 752 20.89 2.52 -3.44
C GLU A 752 21.27 3.97 -3.18
N SER A 753 20.29 4.81 -2.84
CA SER A 753 20.62 6.20 -2.50
C SER A 753 21.36 6.32 -1.19
N ILE A 754 21.05 5.46 -0.21
CA ILE A 754 21.78 5.45 1.05
C ILE A 754 23.24 5.11 0.81
N GLU A 755 23.48 4.07 0.01
CA GLU A 755 24.85 3.65 -0.29
C GLU A 755 25.59 4.70 -1.09
N ASP A 756 24.94 5.36 -2.03
CA ASP A 756 25.59 6.41 -2.81
C ASP A 756 25.96 7.60 -1.94
N GLU A 757 25.07 7.98 -1.03
CA GLU A 757 25.36 9.13 -0.16
C GLU A 757 26.46 8.82 0.83
N VAL A 758 26.45 7.62 1.40
CA VAL A 758 27.50 7.25 2.36
C VAL A 758 28.85 7.14 1.67
N ALA A 759 28.87 6.57 0.46
CA ALA A 759 30.12 6.46 -0.30
C ALA A 759 30.68 7.82 -0.66
N LYS A 760 29.83 8.74 -1.11
CA LYS A 760 30.29 10.06 -1.49
C LYS A 760 30.76 10.86 -0.28
N PHE A 761 30.00 10.82 0.80
CA PHE A 761 30.35 11.63 1.95
C PHE A 761 31.53 11.08 2.73
N VAL A 762 31.80 9.79 2.63
CA VAL A 762 32.97 9.24 3.31
C VAL A 762 34.21 9.42 2.47
N MET A 763 34.13 9.14 1.17
CA MET A 763 35.33 9.18 0.35
C MET A 763 35.75 10.59 -0.01
N LYS A 764 34.81 11.52 -0.12
CA LYS A 764 35.15 12.88 -0.51
C LYS A 764 35.26 13.84 0.65
N ALA A 765 35.26 13.34 1.88
CA ALA A 765 35.47 14.21 3.02
C ALA A 765 36.89 14.13 3.47
N PHE B 1 14.63 -21.90 -18.12
CA PHE B 1 14.89 -20.53 -17.72
C PHE B 1 15.27 -20.45 -16.24
N ARG B 2 15.90 -19.34 -15.86
CA ARG B 2 16.37 -19.15 -14.49
C ARG B 2 15.21 -18.93 -13.52
N THR B 3 14.16 -18.23 -13.97
CA THR B 3 13.11 -17.81 -13.04
C THR B 3 12.26 -18.98 -12.57
N ILE B 4 12.02 -19.97 -13.44
CA ILE B 4 11.31 -21.16 -13.00
C ILE B 4 12.18 -22.03 -12.09
N SER B 5 13.50 -21.85 -12.10
CA SER B 5 14.33 -22.49 -11.10
C SER B 5 14.40 -21.68 -9.82
N ASN B 6 14.15 -20.38 -9.91
CA ASN B 6 14.05 -19.55 -8.71
C ASN B 6 12.74 -19.80 -7.98
N PHE B 7 11.69 -20.16 -8.70
CA PHE B 7 10.41 -20.45 -8.07
C PHE B 7 10.50 -21.72 -7.24
N MET B 8 11.11 -22.76 -7.79
CA MET B 8 11.18 -24.05 -7.10
C MET B 8 12.24 -24.08 -6.02
N ARG B 9 13.01 -23.00 -5.86
CA ARG B 9 13.92 -22.89 -4.73
C ARG B 9 13.24 -22.29 -3.52
N VAL B 10 12.28 -21.39 -3.70
CA VAL B 10 11.43 -20.97 -2.61
C VAL B 10 10.46 -22.09 -2.29
N SER B 11 10.29 -22.39 -1.01
CA SER B 11 9.46 -23.55 -0.66
C SER B 11 7.98 -23.24 -0.76
N ASP B 12 7.56 -22.02 -0.49
CA ASP B 12 6.13 -21.71 -0.49
C ASP B 12 5.58 -21.67 -1.91
N ILE B 13 6.32 -21.04 -2.82
CA ILE B 13 5.93 -20.95 -4.22
C ILE B 13 5.89 -22.33 -4.84
N ARG B 14 6.90 -23.16 -4.56
CA ARG B 14 6.92 -24.53 -5.06
C ARG B 14 5.81 -25.36 -4.45
N ASN B 15 5.47 -25.10 -3.19
CA ASN B 15 4.36 -25.79 -2.54
C ASN B 15 3.04 -25.51 -3.23
N LYS B 16 2.77 -24.25 -3.54
CA LYS B 16 1.48 -23.99 -4.17
C LYS B 16 1.47 -24.27 -5.66
N ILE B 17 2.62 -24.27 -6.34
CA ILE B 17 2.67 -24.78 -7.70
C ILE B 17 2.32 -26.26 -7.73
N ILE B 18 2.87 -27.04 -6.81
CA ILE B 18 2.61 -28.46 -6.79
C ILE B 18 1.17 -28.75 -6.38
N PHE B 19 0.62 -27.94 -5.48
CA PHE B 19 -0.79 -28.09 -5.13
C PHE B 19 -1.70 -27.78 -6.30
N THR B 20 -1.36 -26.76 -7.09
CA THR B 20 -2.16 -26.42 -8.26
C THR B 20 -2.11 -27.52 -9.31
N LEU B 21 -0.93 -28.11 -9.54
CA LEU B 21 -0.83 -29.22 -10.48
C LEU B 21 -1.59 -30.45 -9.99
N LEU B 22 -1.64 -30.66 -8.68
CA LEU B 22 -2.40 -31.80 -8.17
C LEU B 22 -3.90 -31.56 -8.32
N MET B 23 -4.36 -30.32 -8.13
CA MET B 23 -5.77 -30.04 -8.36
C MET B 23 -6.14 -30.12 -9.84
N LEU B 24 -5.22 -29.81 -10.74
CA LEU B 24 -5.52 -29.96 -12.15
C LEU B 24 -5.55 -31.43 -12.56
N ILE B 25 -4.73 -32.26 -11.92
CA ILE B 25 -4.83 -33.70 -12.14
C ILE B 25 -6.16 -34.24 -11.63
N VAL B 26 -6.64 -33.71 -10.51
CA VAL B 26 -7.95 -34.09 -9.97
C VAL B 26 -9.07 -33.72 -10.94
N PHE B 27 -8.99 -32.52 -11.51
CA PHE B 27 -9.96 -32.06 -12.50
C PHE B 27 -9.97 -32.96 -13.73
N ARG B 28 -8.80 -33.37 -14.21
CA ARG B 28 -8.73 -34.23 -15.39
C ARG B 28 -9.24 -35.63 -15.10
N ILE B 29 -8.91 -36.16 -13.90
CA ILE B 29 -9.39 -37.46 -13.45
C ILE B 29 -10.90 -37.48 -13.43
N GLY B 30 -11.52 -36.41 -12.92
CA GLY B 30 -12.97 -36.36 -12.92
C GLY B 30 -13.57 -36.18 -14.30
N THR B 31 -12.83 -35.54 -15.20
CA THR B 31 -13.27 -35.42 -16.59
C THR B 31 -13.21 -36.76 -17.33
N PHE B 32 -12.55 -37.77 -16.76
CA PHE B 32 -12.68 -39.11 -17.34
C PHE B 32 -13.86 -39.93 -16.82
N ILE B 33 -14.59 -39.46 -15.81
CA ILE B 33 -15.60 -40.25 -15.12
C ILE B 33 -16.95 -40.01 -15.78
N PRO B 34 -17.65 -41.05 -16.25
CA PRO B 34 -18.92 -40.83 -16.96
C PRO B 34 -20.05 -40.47 -16.02
N VAL B 35 -21.17 -40.10 -16.63
CA VAL B 35 -22.40 -39.72 -15.94
C VAL B 35 -23.14 -41.03 -15.70
N PRO B 36 -24.08 -41.14 -14.73
CA PRO B 36 -24.77 -42.41 -14.45
C PRO B 36 -25.40 -43.20 -15.59
N SER B 37 -26.34 -42.64 -16.32
CA SER B 37 -27.15 -43.46 -17.21
C SER B 37 -27.07 -42.98 -18.65
N VAL B 38 -25.86 -42.73 -19.13
CA VAL B 38 -25.69 -42.00 -20.38
C VAL B 38 -25.15 -42.84 -21.50
N ASN B 39 -24.81 -44.12 -21.25
CA ASN B 39 -24.68 -45.13 -22.29
C ASN B 39 -23.60 -44.77 -23.33
N THR B 40 -22.35 -44.83 -22.87
CA THR B 40 -21.26 -44.08 -23.48
C THR B 40 -20.94 -44.46 -24.92
N ASP B 41 -21.40 -45.61 -25.42
CA ASP B 41 -20.98 -46.00 -26.76
C ASP B 41 -21.69 -45.21 -27.83
N VAL B 42 -22.96 -44.86 -27.63
CA VAL B 42 -23.63 -44.06 -28.65
C VAL B 42 -23.09 -42.64 -28.64
N LEU B 43 -22.64 -42.19 -27.46
CA LEU B 43 -21.96 -40.91 -27.33
C LEU B 43 -20.68 -40.90 -28.14
N LYS B 44 -19.82 -41.91 -27.95
CA LYS B 44 -18.58 -41.96 -28.71
C LYS B 44 -18.81 -42.26 -30.19
N LEU B 45 -19.95 -42.83 -30.55
CA LEU B 45 -20.27 -42.99 -31.95
C LEU B 45 -20.82 -41.74 -32.59
N GLN B 46 -21.23 -40.75 -31.80
CA GLN B 46 -21.84 -39.56 -32.40
C GLN B 46 -20.87 -38.61 -33.07
N ASP B 47 -19.55 -38.74 -32.87
CA ASP B 47 -18.68 -37.67 -33.31
C ASP B 47 -18.31 -37.77 -34.78
N GLN B 48 -17.87 -36.65 -35.33
CA GLN B 48 -17.46 -36.55 -36.71
C GLN B 48 -15.96 -36.72 -36.91
N LEU B 49 -15.21 -36.87 -35.83
CA LEU B 49 -13.77 -37.09 -35.89
C LEU B 49 -13.43 -38.16 -34.87
N ASN B 50 -12.15 -38.31 -34.55
CA ASN B 50 -11.72 -39.28 -33.57
C ASN B 50 -10.99 -38.51 -32.48
N ALA B 51 -11.66 -38.32 -31.35
CA ALA B 51 -11.05 -37.67 -30.20
C ALA B 51 -10.38 -38.72 -29.34
N PHE B 52 -9.83 -38.28 -28.21
CA PHE B 52 -9.20 -39.20 -27.27
C PHE B 52 -10.08 -39.38 -26.05
N GLY B 53 -10.26 -40.63 -25.64
CA GLY B 53 -11.20 -40.96 -24.59
C GLY B 53 -12.50 -41.46 -25.19
N VAL B 54 -13.42 -41.79 -24.30
CA VAL B 54 -14.77 -42.16 -24.73
C VAL B 54 -15.78 -41.06 -24.44
N LEU B 55 -15.48 -40.14 -23.52
CA LEU B 55 -16.40 -39.07 -23.23
C LEU B 55 -16.12 -37.82 -24.03
N ASN B 56 -15.05 -37.80 -24.81
CA ASN B 56 -14.69 -36.66 -25.63
C ASN B 56 -15.12 -36.95 -27.05
N ILE B 57 -15.93 -36.05 -27.61
CA ILE B 57 -16.37 -36.17 -29.00
C ILE B 57 -16.03 -34.87 -29.71
N PHE B 58 -16.01 -34.93 -31.02
CA PHE B 58 -15.80 -33.75 -31.86
C PHE B 58 -17.11 -33.47 -32.55
N CYS B 59 -17.94 -32.66 -31.91
CA CYS B 59 -19.29 -32.38 -32.36
C CYS B 59 -19.37 -30.89 -32.64
N GLY B 60 -19.89 -30.55 -33.81
CA GLY B 60 -20.04 -29.16 -34.20
C GLY B 60 -18.75 -28.42 -34.40
N GLY B 61 -17.67 -29.14 -34.68
CA GLY B 61 -16.36 -28.51 -34.73
C GLY B 61 -15.83 -28.13 -33.37
N ALA B 62 -16.37 -28.68 -32.30
CA ALA B 62 -15.87 -28.40 -30.96
C ALA B 62 -15.68 -29.70 -30.21
N LEU B 63 -14.63 -29.76 -29.39
CA LEU B 63 -14.38 -30.92 -28.56
C LEU B 63 -15.36 -30.87 -27.39
N GLN B 64 -16.45 -31.59 -27.53
CA GLN B 64 -17.45 -31.71 -26.48
C GLN B 64 -17.09 -32.82 -25.53
N ASN B 65 -17.61 -32.74 -24.32
CA ASN B 65 -17.27 -33.67 -23.27
C ASN B 65 -18.51 -33.91 -22.43
N PHE B 66 -18.77 -35.18 -22.11
CA PHE B 66 -19.97 -35.58 -21.38
C PHE B 66 -19.61 -36.42 -20.17
N SER B 67 -18.69 -35.92 -19.37
CA SER B 67 -18.36 -36.50 -18.08
C SER B 67 -19.20 -35.84 -17.00
N ILE B 68 -18.84 -36.03 -15.74
CA ILE B 68 -19.52 -35.30 -14.68
C ILE B 68 -19.14 -33.84 -14.64
N PHE B 69 -18.06 -33.47 -15.32
CA PHE B 69 -17.66 -32.08 -15.51
C PHE B 69 -18.06 -31.56 -16.87
N ALA B 70 -19.20 -32.01 -17.39
CA ALA B 70 -19.59 -31.66 -18.75
C ALA B 70 -19.92 -30.20 -18.89
N MET B 71 -20.37 -29.58 -17.81
CA MET B 71 -20.66 -28.15 -17.85
C MET B 71 -19.44 -27.31 -17.54
N GLY B 72 -18.50 -27.85 -16.77
CA GLY B 72 -17.41 -27.03 -16.34
C GLY B 72 -17.90 -26.03 -15.33
N VAL B 73 -17.29 -24.85 -15.34
CA VAL B 73 -17.75 -23.76 -14.53
C VAL B 73 -18.58 -22.77 -15.33
N MET B 74 -19.10 -23.19 -16.47
CA MET B 74 -19.94 -22.32 -17.30
C MET B 74 -21.19 -21.80 -16.61
N PRO B 75 -21.91 -22.56 -15.75
CA PRO B 75 -22.96 -21.92 -14.95
C PRO B 75 -22.46 -20.88 -14.00
N TYR B 76 -21.25 -21.01 -13.48
CA TYR B 76 -20.72 -19.97 -12.60
C TYR B 76 -20.42 -18.70 -13.38
N ILE B 77 -19.95 -18.84 -14.61
CA ILE B 77 -19.67 -17.70 -15.47
C ILE B 77 -20.95 -16.96 -15.78
N THR B 78 -21.98 -17.70 -16.21
CA THR B 78 -23.20 -17.02 -16.60
C THR B 78 -23.98 -16.51 -15.39
N ALA B 79 -23.84 -17.15 -14.24
CA ALA B 79 -24.45 -16.64 -13.03
C ALA B 79 -23.79 -15.35 -12.58
N SER B 80 -22.46 -15.27 -12.65
CA SER B 80 -21.77 -14.05 -12.26
C SER B 80 -22.06 -12.90 -13.21
N ILE B 81 -22.17 -13.17 -14.50
CA ILE B 81 -22.44 -12.05 -15.40
C ILE B 81 -23.90 -11.63 -15.29
N ILE B 82 -24.81 -12.54 -14.94
CA ILE B 82 -26.19 -12.14 -14.72
C ILE B 82 -26.32 -11.32 -13.44
N VAL B 83 -25.69 -11.76 -12.36
CA VAL B 83 -25.74 -11.03 -11.08
C VAL B 83 -25.11 -9.65 -11.22
N GLN B 84 -24.02 -9.55 -11.99
CA GLN B 84 -23.39 -8.26 -12.23
C GLN B 84 -24.28 -7.36 -13.07
N LEU B 85 -25.02 -7.90 -14.03
CA LEU B 85 -25.96 -7.07 -14.77
C LEU B 85 -27.15 -6.67 -13.92
N LEU B 86 -27.50 -7.48 -12.93
CA LEU B 86 -28.61 -7.16 -12.05
C LEU B 86 -28.24 -6.13 -11.00
N GLN B 87 -26.97 -5.99 -10.66
CA GLN B 87 -26.56 -4.95 -9.71
C GLN B 87 -26.75 -3.55 -10.25
N MET B 88 -26.79 -3.36 -11.56
CA MET B 88 -26.77 -2.03 -12.14
C MET B 88 -28.19 -1.56 -12.47
N ASP B 89 -28.87 -1.06 -11.42
CA ASP B 89 -30.14 -0.34 -11.51
C ASP B 89 -31.26 -1.19 -12.13
N VAL B 90 -31.32 -2.45 -11.74
CA VAL B 90 -32.40 -3.31 -12.20
C VAL B 90 -33.09 -3.93 -11.00
N VAL B 91 -32.32 -4.58 -10.14
CA VAL B 91 -32.83 -5.10 -8.88
C VAL B 91 -32.26 -4.23 -7.76
N PRO B 92 -33.10 -3.57 -6.96
CA PRO B 92 -32.58 -2.57 -6.03
C PRO B 92 -31.91 -3.17 -4.81
N LYS B 93 -32.34 -4.37 -4.44
CA LYS B 93 -31.73 -5.08 -3.32
C LYS B 93 -30.27 -5.39 -3.59
N PHE B 94 -29.96 -5.75 -4.84
CA PHE B 94 -28.58 -5.98 -5.22
C PHE B 94 -27.77 -4.69 -5.25
N ALA B 95 -28.41 -3.59 -5.63
CA ALA B 95 -27.74 -2.30 -5.64
C ALA B 95 -27.31 -1.89 -4.25
N GLU B 96 -28.22 -1.99 -3.27
CA GLU B 96 -27.83 -1.61 -1.91
C GLU B 96 -26.90 -2.64 -1.29
N TRP B 97 -27.00 -3.91 -1.69
CA TRP B 97 -26.05 -4.93 -1.23
C TRP B 97 -24.64 -4.61 -1.70
N SER B 98 -24.50 -4.19 -2.94
CA SER B 98 -23.21 -3.73 -3.44
C SER B 98 -22.77 -2.45 -2.75
N LYS B 99 -23.71 -1.58 -2.39
CA LYS B 99 -23.37 -0.34 -1.71
C LYS B 99 -22.99 -0.53 -0.26
N GLN B 100 -23.24 -1.70 0.33
CA GLN B 100 -22.93 -1.89 1.75
C GLN B 100 -21.42 -1.97 1.99
N GLY B 101 -20.73 -2.88 1.32
CA GLY B 101 -19.31 -3.03 1.54
C GLY B 101 -18.86 -4.46 1.42
N GLU B 102 -17.89 -4.87 2.24
CA GLU B 102 -17.39 -6.24 2.16
C GLU B 102 -18.32 -7.27 2.80
N MET B 103 -19.42 -6.85 3.42
CA MET B 103 -20.38 -7.84 3.91
C MET B 103 -21.61 -7.96 3.02
N GLY B 104 -22.04 -6.87 2.36
CA GLY B 104 -23.04 -7.01 1.33
C GLY B 104 -22.52 -7.69 0.09
N ARG B 105 -21.22 -7.58 -0.16
CA ARG B 105 -20.57 -8.36 -1.19
C ARG B 105 -20.64 -9.84 -0.89
N ARG B 106 -20.58 -10.24 0.38
CA ARG B 106 -20.75 -11.64 0.72
C ARG B 106 -22.18 -12.11 0.49
N LYS B 107 -23.15 -11.20 0.62
CA LYS B 107 -24.52 -11.54 0.27
C LYS B 107 -24.66 -11.75 -1.23
N LEU B 108 -24.00 -10.91 -2.02
CA LEU B 108 -24.01 -11.08 -3.47
C LEU B 108 -23.29 -12.35 -3.89
N ALA B 109 -22.22 -12.71 -3.20
CA ALA B 109 -21.51 -13.95 -3.49
C ALA B 109 -22.35 -15.16 -3.12
N GLN B 110 -23.09 -15.08 -2.02
CA GLN B 110 -23.98 -16.19 -1.65
C GLN B 110 -25.10 -16.34 -2.66
N PHE B 111 -25.68 -15.23 -3.12
CA PHE B 111 -26.72 -15.31 -4.13
C PHE B 111 -26.17 -15.87 -5.43
N THR B 112 -24.93 -15.52 -5.78
CA THR B 112 -24.32 -16.04 -7.00
C THR B 112 -24.08 -17.54 -6.90
N ARG B 113 -23.75 -18.03 -5.70
CA ARG B 113 -23.58 -19.48 -5.56
C ARG B 113 -24.92 -20.24 -5.65
N TYR B 114 -25.98 -19.69 -5.05
CA TYR B 114 -27.26 -20.38 -5.16
C TYR B 114 -27.82 -20.30 -6.57
N PHE B 115 -27.65 -19.15 -7.21
CA PHE B 115 -28.03 -18.99 -8.61
C PHE B 115 -27.21 -19.88 -9.52
N THR B 116 -25.95 -20.15 -9.14
CA THR B 116 -25.12 -21.07 -9.89
C THR B 116 -25.68 -22.47 -9.84
N ILE B 117 -26.16 -22.90 -8.67
CA ILE B 117 -26.74 -24.24 -8.56
C ILE B 117 -28.03 -24.33 -9.38
N VAL B 118 -28.85 -23.27 -9.34
CA VAL B 118 -30.10 -23.27 -10.11
C VAL B 118 -29.84 -23.30 -11.61
N LEU B 119 -28.92 -22.45 -12.09
CA LEU B 119 -28.60 -22.40 -13.51
C LEU B 119 -27.85 -23.63 -13.96
N GLY B 120 -27.06 -24.24 -13.09
CA GLY B 120 -26.43 -25.50 -13.42
C GLY B 120 -27.44 -26.61 -13.60
N PHE B 121 -28.49 -26.60 -12.77
CA PHE B 121 -29.56 -27.58 -12.92
C PHE B 121 -30.31 -27.39 -14.24
N ILE B 122 -30.66 -26.14 -14.57
CA ILE B 122 -31.40 -25.89 -15.80
C ILE B 122 -30.55 -26.20 -17.02
N GLN B 123 -29.27 -25.86 -16.98
CA GLN B 123 -28.38 -26.15 -18.09
C GLN B 123 -28.12 -27.64 -18.22
N ALA B 124 -28.07 -28.37 -17.11
CA ALA B 124 -27.85 -29.80 -17.19
C ALA B 124 -29.06 -30.51 -17.75
N LEU B 125 -30.25 -30.03 -17.43
CA LEU B 125 -31.47 -30.58 -18.01
C LEU B 125 -31.52 -30.34 -19.52
N GLY B 126 -31.28 -29.09 -19.92
CA GLY B 126 -31.26 -28.78 -21.34
C GLY B 126 -30.17 -29.51 -22.09
N MET B 127 -29.01 -29.68 -21.46
CA MET B 127 -27.89 -30.32 -22.12
C MET B 127 -28.12 -31.81 -22.29
N SER B 128 -28.62 -32.49 -21.26
CA SER B 128 -28.88 -33.92 -21.36
C SER B 128 -30.01 -34.20 -22.34
N TYR B 129 -31.06 -33.37 -22.34
CA TYR B 129 -32.14 -33.56 -23.30
C TYR B 129 -31.68 -33.28 -24.72
N GLY B 130 -30.86 -32.25 -24.92
CA GLY B 130 -30.41 -31.93 -26.27
C GLY B 130 -29.44 -32.95 -26.80
N PHE B 131 -28.60 -33.50 -25.93
CA PHE B 131 -27.68 -34.54 -26.35
C PHE B 131 -28.43 -35.83 -26.67
N ASN B 132 -29.48 -36.12 -25.90
CA ASN B 132 -30.29 -37.28 -26.20
C ASN B 132 -31.04 -37.13 -27.50
N ASN B 133 -31.47 -35.91 -27.83
CA ASN B 133 -32.05 -35.67 -29.14
C ASN B 133 -31.01 -35.80 -30.24
N LEU B 134 -29.76 -35.41 -29.95
CA LEU B 134 -28.71 -35.49 -30.95
C LEU B 134 -28.39 -36.93 -31.29
N ALA B 135 -28.35 -37.80 -30.28
CA ALA B 135 -28.10 -39.21 -30.51
C ALA B 135 -29.29 -39.95 -31.11
N GLY B 136 -30.46 -39.33 -31.13
CA GLY B 136 -31.65 -40.00 -31.61
C GLY B 136 -32.45 -40.69 -30.53
N GLY B 137 -32.43 -40.17 -29.30
CA GLY B 137 -33.09 -40.81 -28.19
C GLY B 137 -32.33 -41.97 -27.61
N MET B 138 -31.20 -42.34 -28.19
CA MET B 138 -30.42 -43.50 -27.80
C MET B 138 -29.39 -43.21 -26.72
N LEU B 139 -29.18 -41.93 -26.39
CA LEU B 139 -28.13 -41.60 -25.45
C LEU B 139 -28.50 -41.97 -24.02
N ILE B 140 -29.68 -41.58 -23.58
CA ILE B 140 -30.11 -41.91 -22.22
C ILE B 140 -30.87 -43.21 -22.28
N GLN B 141 -30.43 -44.19 -21.51
CA GLN B 141 -31.24 -45.37 -21.27
C GLN B 141 -32.23 -45.05 -20.17
N ASN B 142 -33.42 -45.65 -20.27
CA ASN B 142 -34.60 -45.36 -19.45
C ASN B 142 -34.92 -43.87 -19.48
N PRO B 143 -35.44 -43.32 -20.57
CA PRO B 143 -35.63 -41.87 -20.64
C PRO B 143 -36.83 -41.37 -19.83
N GLY B 144 -36.84 -41.65 -18.53
CA GLY B 144 -37.85 -41.14 -17.64
C GLY B 144 -37.32 -39.93 -16.92
N ILE B 145 -38.22 -39.16 -16.31
CA ILE B 145 -37.84 -37.89 -15.72
C ILE B 145 -37.02 -38.09 -14.46
N GLY B 146 -37.10 -39.27 -13.84
CA GLY B 146 -36.23 -39.56 -12.72
C GLY B 146 -34.78 -39.70 -13.16
N THR B 147 -34.56 -40.25 -14.35
CA THR B 147 -33.20 -40.38 -14.86
C THR B 147 -32.64 -39.04 -15.31
N TYR B 148 -33.50 -38.18 -15.89
CA TYR B 148 -33.06 -36.84 -16.26
C TYR B 148 -32.73 -36.02 -15.02
N LEU B 149 -33.49 -36.15 -13.94
CA LEU B 149 -33.13 -35.41 -12.74
C LEU B 149 -31.94 -36.01 -12.01
N LEU B 150 -31.70 -37.31 -12.14
CA LEU B 150 -30.46 -37.88 -11.64
C LEU B 150 -29.25 -37.32 -12.38
N ILE B 151 -29.34 -37.28 -13.71
CA ILE B 151 -28.26 -36.76 -14.55
C ILE B 151 -28.05 -35.27 -14.28
N ALA B 152 -29.13 -34.52 -14.10
CA ALA B 152 -29.02 -33.10 -13.85
C ALA B 152 -28.42 -32.82 -12.49
N VAL B 153 -28.78 -33.60 -11.47
CA VAL B 153 -28.19 -33.34 -10.17
C VAL B 153 -26.74 -33.82 -10.11
N VAL B 154 -26.34 -34.80 -10.92
CA VAL B 154 -24.95 -35.18 -10.84
C VAL B 154 -24.06 -34.23 -11.66
N LEU B 155 -24.58 -33.64 -12.75
CA LEU B 155 -23.81 -32.60 -13.44
C LEU B 155 -23.73 -31.33 -12.61
N THR B 156 -24.79 -30.98 -11.89
CA THR B 156 -24.71 -29.83 -11.00
C THR B 156 -23.80 -30.10 -9.81
N ALA B 157 -23.71 -31.35 -9.37
CA ALA B 157 -22.75 -31.71 -8.34
C ALA B 157 -21.33 -31.62 -8.86
N GLY B 158 -21.12 -31.97 -10.13
CA GLY B 158 -19.80 -31.82 -10.72
C GLY B 158 -19.36 -30.38 -10.85
N THR B 159 -20.28 -29.50 -11.26
CA THR B 159 -19.94 -28.09 -11.37
C THR B 159 -19.72 -27.45 -10.01
N ALA B 160 -20.51 -27.83 -9.00
CA ALA B 160 -20.25 -27.33 -7.65
C ALA B 160 -18.96 -27.88 -7.07
N PHE B 161 -18.57 -29.08 -7.47
CA PHE B 161 -17.27 -29.59 -7.05
C PHE B 161 -16.15 -28.82 -7.71
N LEU B 162 -16.33 -28.42 -8.96
CA LEU B 162 -15.33 -27.61 -9.63
C LEU B 162 -15.21 -26.24 -8.99
N MET B 163 -16.31 -25.67 -8.52
CA MET B 163 -16.21 -24.39 -7.83
C MET B 163 -15.53 -24.54 -6.48
N TRP B 164 -15.74 -25.66 -5.78
CA TRP B 164 -14.98 -25.91 -4.56
C TRP B 164 -13.51 -26.11 -4.86
N LEU B 165 -13.20 -26.77 -5.96
CA LEU B 165 -11.82 -26.96 -6.38
C LEU B 165 -11.18 -25.63 -6.72
N GLY B 166 -11.95 -24.72 -7.30
CA GLY B 166 -11.46 -23.38 -7.54
C GLY B 166 -11.18 -22.62 -6.27
N GLU B 167 -12.07 -22.75 -5.27
CA GLU B 167 -11.84 -22.13 -3.96
C GLU B 167 -10.57 -22.67 -3.31
N GLN B 168 -10.31 -23.95 -3.46
CA GLN B 168 -9.09 -24.54 -2.92
C GLN B 168 -7.87 -24.00 -3.61
N ILE B 169 -7.85 -24.07 -4.94
CA ILE B 169 -6.68 -23.66 -5.70
C ILE B 169 -6.52 -22.15 -5.75
N THR B 170 -7.47 -21.37 -5.22
CA THR B 170 -7.14 -19.97 -4.97
C THR B 170 -6.78 -19.70 -3.52
N ALA B 171 -7.18 -20.57 -2.59
CA ALA B 171 -6.79 -20.38 -1.21
C ALA B 171 -5.39 -20.92 -0.96
N LYS B 172 -5.13 -22.14 -1.40
CA LYS B 172 -3.87 -22.82 -1.13
C LYS B 172 -3.06 -23.06 -2.38
N GLY B 173 -3.42 -22.43 -3.50
CA GLY B 173 -2.75 -22.70 -4.76
C GLY B 173 -2.16 -21.47 -5.40
N VAL B 174 -1.90 -21.54 -6.70
CA VAL B 174 -1.00 -20.61 -7.35
C VAL B 174 -1.64 -19.25 -7.65
N GLY B 175 -2.95 -19.15 -7.78
CA GLY B 175 -3.51 -17.93 -8.33
C GLY B 175 -5.00 -17.81 -8.14
N ASN B 176 -5.69 -17.36 -9.17
CA ASN B 176 -7.15 -17.41 -9.14
C ASN B 176 -7.59 -18.83 -9.42
N GLY B 177 -8.76 -19.18 -8.93
CA GLY B 177 -9.14 -20.56 -9.01
C GLY B 177 -9.92 -20.94 -10.24
N ILE B 178 -11.01 -20.21 -10.45
CA ILE B 178 -11.87 -20.48 -11.60
C ILE B 178 -11.15 -20.20 -12.89
N SER B 179 -10.26 -19.21 -12.90
CA SER B 179 -9.50 -18.90 -14.11
C SER B 179 -8.51 -19.99 -14.44
N ILE B 180 -7.93 -20.62 -13.43
CA ILE B 180 -7.03 -21.75 -13.68
C ILE B 180 -7.82 -22.95 -14.19
N ILE B 181 -9.04 -23.14 -13.70
CA ILE B 181 -9.85 -24.26 -14.19
C ILE B 181 -10.31 -24.03 -15.64
N ILE B 182 -10.61 -22.78 -16.00
CA ILE B 182 -11.00 -22.46 -17.38
C ILE B 182 -9.81 -22.62 -18.31
N PHE B 183 -8.64 -22.12 -17.89
CA PHE B 183 -7.39 -22.33 -18.61
C PHE B 183 -7.10 -23.81 -18.80
N ALA B 184 -7.40 -24.62 -17.79
CA ALA B 184 -7.15 -26.05 -17.86
C ALA B 184 -8.06 -26.71 -18.86
N GLY B 185 -9.32 -26.28 -18.93
CA GLY B 185 -10.22 -26.82 -19.94
C GLY B 185 -9.76 -26.57 -21.36
N ILE B 186 -9.32 -25.34 -21.62
CA ILE B 186 -8.85 -24.99 -22.97
C ILE B 186 -7.57 -25.74 -23.33
N VAL B 187 -6.54 -25.63 -22.49
CA VAL B 187 -5.27 -26.23 -22.89
C VAL B 187 -5.25 -27.73 -22.68
N SER B 188 -6.25 -28.31 -22.03
CA SER B 188 -6.38 -29.74 -22.07
C SER B 188 -7.08 -30.19 -23.33
N GLY B 189 -7.87 -29.31 -23.94
CA GLY B 189 -8.35 -29.64 -25.26
C GLY B 189 -7.30 -29.55 -26.35
N ILE B 190 -6.22 -28.80 -26.12
CA ILE B 190 -5.17 -28.63 -27.15
C ILE B 190 -4.57 -29.92 -27.73
N PRO B 191 -4.12 -30.92 -26.92
CA PRO B 191 -3.41 -32.07 -27.53
C PRO B 191 -4.22 -32.92 -28.50
N THR B 192 -5.51 -33.12 -28.28
CA THR B 192 -6.29 -33.88 -29.25
C THR B 192 -6.53 -33.10 -30.53
N ILE B 193 -6.55 -31.78 -30.45
CA ILE B 193 -6.63 -30.95 -31.65
C ILE B 193 -5.34 -31.07 -32.46
N LEU B 194 -4.20 -31.09 -31.77
CA LEU B 194 -2.94 -31.33 -32.47
C LEU B 194 -2.88 -32.73 -33.06
N ASN B 195 -3.49 -33.70 -32.39
CA ASN B 195 -3.54 -35.04 -32.93
C ASN B 195 -4.43 -35.13 -34.16
N GLN B 196 -5.51 -34.36 -34.21
CA GLN B 196 -6.34 -34.32 -35.41
C GLN B 196 -5.61 -33.64 -36.57
N ILE B 197 -4.86 -32.58 -36.28
CA ILE B 197 -4.11 -31.92 -37.34
C ILE B 197 -2.99 -32.80 -37.86
N TYR B 198 -2.37 -33.60 -36.98
CA TYR B 198 -1.39 -34.57 -37.44
C TYR B 198 -2.05 -35.69 -38.24
N ALA B 199 -3.22 -36.17 -37.81
CA ALA B 199 -3.89 -37.25 -38.49
C ALA B 199 -4.47 -36.84 -39.84
N GLN B 200 -4.66 -35.54 -40.05
CA GLN B 200 -4.91 -35.06 -41.40
C GLN B 200 -3.69 -35.30 -42.30
N THR B 201 -2.53 -34.81 -41.87
CA THR B 201 -1.34 -34.86 -42.71
C THR B 201 -0.65 -36.22 -42.64
N LEU B 211 3.63 -28.93 -49.46
CA LEU B 211 2.99 -27.64 -49.24
C LEU B 211 2.32 -27.62 -47.88
N ASN B 212 1.95 -28.81 -47.38
CA ASN B 212 1.22 -28.86 -46.11
C ASN B 212 2.11 -28.59 -44.91
N ILE B 213 3.37 -29.02 -44.94
CA ILE B 213 4.28 -28.76 -43.83
C ILE B 213 4.59 -27.27 -43.75
N VAL B 214 4.79 -26.61 -44.88
CA VAL B 214 4.99 -25.17 -44.85
C VAL B 214 3.68 -24.43 -44.58
N ARG B 215 2.53 -25.04 -44.89
CA ARG B 215 1.25 -24.42 -44.53
C ARG B 215 1.04 -24.42 -43.02
N LEU B 216 1.37 -25.53 -42.35
CA LEU B 216 1.27 -25.55 -40.90
C LEU B 216 2.38 -24.72 -40.25
N LEU B 217 3.53 -24.56 -40.90
CA LEU B 217 4.53 -23.65 -40.36
C LEU B 217 4.05 -22.20 -40.45
N LEU B 218 3.39 -21.84 -41.54
CA LEU B 218 2.78 -20.51 -41.65
C LEU B 218 1.67 -20.32 -40.63
N VAL B 219 0.93 -21.39 -40.33
CA VAL B 219 -0.14 -21.30 -39.34
C VAL B 219 0.45 -21.09 -37.95
N ALA B 220 1.53 -21.81 -37.61
CA ALA B 220 2.15 -21.64 -36.30
C ALA B 220 2.81 -20.29 -36.16
N LEU B 221 3.38 -19.74 -37.23
CA LEU B 221 3.95 -18.40 -37.14
C LEU B 221 2.85 -17.35 -37.02
N ALA B 222 1.70 -17.56 -37.67
CA ALA B 222 0.59 -16.63 -37.49
C ALA B 222 0.00 -16.74 -36.09
N VAL B 223 0.04 -17.92 -35.48
CA VAL B 223 -0.45 -18.07 -34.12
C VAL B 223 0.45 -17.35 -33.13
N VAL B 224 1.77 -17.45 -33.33
CA VAL B 224 2.68 -16.70 -32.46
C VAL B 224 2.55 -15.20 -32.68
N ALA B 225 2.27 -14.79 -33.92
CA ALA B 225 2.04 -13.37 -34.21
C ALA B 225 0.78 -12.86 -33.52
N VAL B 226 -0.28 -13.66 -33.50
CA VAL B 226 -1.50 -13.24 -32.85
C VAL B 226 -1.37 -13.29 -31.33
N ILE B 227 -0.54 -14.18 -30.79
CA ILE B 227 -0.27 -14.18 -29.36
C ILE B 227 0.49 -12.92 -28.96
N VAL B 228 1.42 -12.47 -29.80
CA VAL B 228 2.14 -11.22 -29.54
C VAL B 228 1.19 -10.03 -29.63
N GLY B 229 0.28 -10.02 -30.60
CA GLY B 229 -0.69 -8.94 -30.67
C GLY B 229 -1.66 -8.91 -29.51
N VAL B 230 -2.02 -10.08 -29.00
CA VAL B 230 -2.92 -10.16 -27.86
C VAL B 230 -2.23 -9.68 -26.60
N ILE B 231 -0.96 -10.04 -26.41
CA ILE B 231 -0.19 -9.53 -25.27
C ILE B 231 -0.01 -8.03 -25.37
N TYR B 232 0.15 -7.52 -26.58
CA TYR B 232 0.32 -6.09 -26.80
C TYR B 232 -0.93 -5.31 -26.41
N ILE B 233 -2.10 -5.75 -26.84
CA ILE B 233 -3.32 -5.02 -26.51
C ILE B 233 -3.71 -5.26 -25.06
N GLN B 234 -3.48 -6.46 -24.54
CA GLN B 234 -3.97 -6.78 -23.21
C GLN B 234 -3.17 -6.11 -22.11
N GLN B 235 -1.93 -5.73 -22.36
CA GLN B 235 -1.06 -5.20 -21.32
C GLN B 235 -0.90 -3.70 -21.42
N ALA B 236 -1.76 -3.03 -22.16
CA ALA B 236 -1.62 -1.63 -22.45
C ALA B 236 -2.65 -0.82 -21.70
N PHE B 237 -2.22 0.19 -20.96
CA PHE B 237 -3.08 1.06 -20.21
C PHE B 237 -2.93 2.48 -20.66
N ARG B 238 -4.04 3.19 -20.75
CA ARG B 238 -4.01 4.64 -20.82
C ARG B 238 -4.05 5.15 -19.40
N LYS B 239 -2.99 5.81 -18.97
CA LYS B 239 -2.86 6.23 -17.59
C LYS B 239 -3.27 7.69 -17.48
N ILE B 240 -4.42 7.94 -16.87
CA ILE B 240 -4.85 9.31 -16.62
C ILE B 240 -4.19 9.78 -15.33
N PRO B 241 -3.53 10.92 -15.30
CA PRO B 241 -2.91 11.37 -14.05
C PRO B 241 -3.96 11.88 -13.09
N ILE B 242 -3.79 11.56 -11.82
CA ILE B 242 -4.73 11.94 -10.77
C ILE B 242 -3.95 12.73 -9.74
N GLN B 243 -4.47 13.88 -9.34
CA GLN B 243 -3.86 14.71 -8.34
C GLN B 243 -4.73 14.69 -7.10
N TYR B 244 -4.12 14.38 -5.96
CA TYR B 244 -4.83 14.46 -4.69
C TYR B 244 -4.40 15.71 -3.96
N ALA B 245 -5.36 16.40 -3.38
CA ALA B 245 -5.06 17.64 -2.69
C ALA B 245 -5.41 17.48 -1.23
N LYS B 246 -4.95 16.40 -0.62
CA LYS B 246 -5.17 16.21 0.80
C LYS B 246 -3.91 15.74 1.51
N ARG B 247 -2.75 15.94 0.91
CA ARG B 247 -1.53 15.88 1.70
C ARG B 247 -0.53 16.86 1.11
N LEU B 248 0.37 17.33 1.99
CA LEU B 248 1.22 18.48 1.73
C LEU B 248 2.20 18.26 0.60
N GLU B 249 2.58 16.99 0.34
CA GLU B 249 3.54 16.50 -0.67
C GLU B 249 4.76 17.41 -0.85
N GLY B 250 5.47 17.61 0.25
CA GLY B 250 6.70 18.36 0.25
C GLY B 250 7.92 17.49 0.02
N ARG B 251 9.09 18.14 0.10
CA ARG B 251 10.41 17.52 0.11
C ARG B 251 10.69 16.71 -1.16
N ASN B 252 10.64 17.42 -2.30
CA ASN B 252 10.95 16.93 -3.64
C ASN B 252 10.17 15.67 -4.00
N PRO B 253 8.89 15.78 -4.34
CA PRO B 253 8.17 14.61 -4.88
C PRO B 253 8.78 14.20 -6.21
N VAL B 254 8.87 12.88 -6.40
CA VAL B 254 9.65 12.34 -7.51
C VAL B 254 8.92 12.55 -8.84
N GLY B 255 7.74 11.94 -8.97
CA GLY B 255 7.04 11.93 -10.23
C GLY B 255 7.14 10.62 -11.00
N GLY B 256 7.95 9.68 -10.52
CA GLY B 256 8.11 8.39 -11.19
C GLY B 256 7.01 7.41 -10.88
N HIS B 257 6.80 7.15 -9.58
CA HIS B 257 5.67 6.35 -9.12
C HIS B 257 4.48 7.23 -8.79
N SER B 258 4.07 8.08 -9.74
CA SER B 258 2.96 8.98 -9.49
C SER B 258 1.65 8.21 -9.49
N THR B 259 0.65 8.82 -8.87
CA THR B 259 -0.68 8.23 -8.86
C THR B 259 -1.33 8.49 -10.19
N HIS B 260 -2.01 7.46 -10.71
CA HIS B 260 -2.70 7.57 -11.97
C HIS B 260 -3.87 6.61 -11.91
N LEU B 261 -4.69 6.67 -12.94
CA LEU B 261 -5.88 5.85 -13.06
C LEU B 261 -5.74 5.14 -14.39
N PRO B 262 -5.47 3.87 -14.41
CA PRO B 262 -5.24 3.20 -15.69
C PRO B 262 -6.50 2.61 -16.28
N LEU B 263 -6.79 2.94 -17.52
CA LEU B 263 -7.87 2.31 -18.25
C LEU B 263 -7.27 1.36 -19.25
N LYS B 264 -7.79 0.15 -19.33
CA LYS B 264 -7.28 -0.76 -20.32
C LYS B 264 -7.75 -0.36 -21.70
N VAL B 265 -7.06 -0.85 -22.71
CA VAL B 265 -7.55 -0.61 -24.06
C VAL B 265 -8.74 -1.50 -24.36
N ASN B 266 -8.76 -2.71 -23.82
CA ASN B 266 -9.93 -3.57 -23.89
C ASN B 266 -10.48 -3.74 -22.49
N PRO B 267 -11.31 -2.81 -21.99
CA PRO B 267 -11.77 -2.91 -20.61
C PRO B 267 -12.85 -3.94 -20.43
N ALA B 268 -13.52 -4.33 -21.50
CA ALA B 268 -14.62 -5.26 -21.40
C ALA B 268 -14.13 -6.67 -21.15
N GLY B 269 -13.17 -7.12 -21.93
CA GLY B 269 -12.62 -8.44 -21.75
C GLY B 269 -13.06 -9.37 -22.84
N VAL B 270 -13.82 -10.39 -22.48
CA VAL B 270 -14.35 -11.38 -23.42
C VAL B 270 -15.88 -11.42 -23.40
N ILE B 271 -16.51 -10.91 -22.36
CA ILE B 271 -17.96 -10.77 -22.15
C ILE B 271 -18.77 -10.19 -23.32
N PRO B 272 -18.25 -9.26 -24.14
CA PRO B 272 -18.97 -8.93 -25.36
C PRO B 272 -19.22 -10.08 -26.30
N VAL B 273 -18.35 -11.09 -26.28
CA VAL B 273 -18.60 -12.25 -27.12
C VAL B 273 -19.67 -13.14 -26.52
N ILE B 274 -19.85 -13.13 -25.18
CA ILE B 274 -20.99 -13.81 -24.56
C ILE B 274 -22.28 -13.23 -25.06
N PHE B 275 -22.39 -11.91 -25.04
CA PHE B 275 -23.64 -11.29 -25.47
C PHE B 275 -23.85 -11.44 -26.97
N ALA B 276 -22.78 -11.39 -27.75
CA ALA B 276 -22.93 -11.52 -29.19
C ALA B 276 -23.32 -12.94 -29.60
N VAL B 277 -22.77 -13.95 -28.95
CA VAL B 277 -23.20 -15.29 -29.33
C VAL B 277 -24.55 -15.65 -28.74
N SER B 278 -25.00 -15.01 -27.66
CA SER B 278 -26.38 -15.25 -27.27
C SER B 278 -27.34 -14.65 -28.27
N PHE B 279 -27.01 -13.47 -28.79
CA PHE B 279 -27.81 -12.89 -29.86
C PHE B 279 -27.73 -13.69 -31.14
N LEU B 280 -26.66 -14.43 -31.35
CA LEU B 280 -26.57 -15.22 -32.56
C LEU B 280 -27.13 -16.64 -32.43
N ILE B 281 -27.30 -17.15 -31.22
CA ILE B 281 -27.91 -18.47 -31.09
C ILE B 281 -29.39 -18.41 -30.80
N ALA B 282 -29.91 -17.30 -30.26
CA ALA B 282 -31.34 -17.27 -29.94
C ALA B 282 -32.30 -17.37 -31.13
N PRO B 283 -32.08 -16.75 -32.30
CA PRO B 283 -33.01 -16.98 -33.42
C PRO B 283 -32.99 -18.40 -33.96
N PRO B 284 -31.85 -19.12 -34.07
CA PRO B 284 -31.98 -20.54 -34.47
C PRO B 284 -32.67 -21.43 -33.47
N THR B 285 -32.56 -21.20 -32.15
CA THR B 285 -33.33 -22.07 -31.25
C THR B 285 -34.82 -21.76 -31.31
N ILE B 286 -35.19 -20.48 -31.35
CA ILE B 286 -36.62 -20.19 -31.41
C ILE B 286 -37.20 -20.59 -32.76
N ALA B 287 -36.39 -20.63 -33.83
CA ALA B 287 -36.86 -21.19 -35.08
C ALA B 287 -36.83 -22.71 -35.08
N SER B 288 -36.02 -23.34 -34.22
CA SER B 288 -36.00 -24.79 -34.15
C SER B 288 -37.20 -25.33 -33.39
N PHE B 289 -37.78 -24.52 -32.52
CA PHE B 289 -39.03 -24.95 -31.90
C PHE B 289 -40.21 -24.95 -32.87
N PHE B 290 -40.13 -24.20 -33.97
CA PHE B 290 -41.25 -24.08 -34.89
C PHE B 290 -41.23 -25.10 -36.01
N GLY B 291 -40.22 -25.97 -36.08
CA GLY B 291 -40.14 -26.93 -37.16
C GLY B 291 -39.64 -26.31 -38.46
N THR B 292 -39.30 -27.19 -39.39
CA THR B 292 -38.66 -26.77 -40.63
C THR B 292 -39.69 -26.10 -41.55
N ASN B 293 -39.30 -24.95 -42.10
CA ASN B 293 -40.13 -24.14 -42.99
C ASN B 293 -39.20 -23.49 -43.99
N ASP B 294 -39.67 -22.44 -44.66
CA ASP B 294 -38.78 -21.61 -45.46
C ASP B 294 -38.09 -20.58 -44.58
N VAL B 295 -38.86 -19.89 -43.73
CA VAL B 295 -38.25 -18.86 -42.90
C VAL B 295 -37.44 -19.47 -41.75
N THR B 296 -37.73 -20.70 -41.35
CA THR B 296 -36.87 -21.37 -40.37
C THR B 296 -35.51 -21.69 -40.97
N LEU B 297 -35.49 -22.15 -42.22
CA LEU B 297 -34.22 -22.40 -42.88
C LEU B 297 -33.49 -21.11 -43.23
N TRP B 298 -34.21 -20.02 -43.49
CA TRP B 298 -33.54 -18.75 -43.75
C TRP B 298 -32.92 -18.18 -42.48
N ILE B 299 -33.64 -18.28 -41.36
CA ILE B 299 -33.10 -17.87 -40.06
C ILE B 299 -31.89 -18.71 -39.70
N ARG B 300 -31.93 -20.01 -40.01
CA ARG B 300 -30.79 -20.86 -39.76
C ARG B 300 -29.62 -20.55 -40.69
N ARG B 301 -29.90 -20.05 -41.89
CA ARG B 301 -28.85 -19.80 -42.85
C ARG B 301 -28.17 -18.46 -42.65
N THR B 302 -28.89 -17.43 -42.21
CA THR B 302 -28.26 -16.12 -42.07
C THR B 302 -27.67 -15.87 -40.70
N PHE B 303 -28.04 -16.65 -39.69
CA PHE B 303 -27.49 -16.50 -38.35
C PHE B 303 -26.39 -17.52 -38.08
N ASP B 304 -25.62 -17.86 -39.09
CA ASP B 304 -24.52 -18.82 -38.98
C ASP B 304 -23.26 -18.07 -39.35
N TYR B 305 -22.39 -17.83 -38.37
CA TYR B 305 -21.34 -16.85 -38.56
C TYR B 305 -20.15 -17.37 -39.33
N THR B 306 -20.21 -18.54 -39.92
CA THR B 306 -19.15 -18.98 -40.81
C THR B 306 -19.38 -18.55 -42.25
N HIS B 307 -20.45 -17.81 -42.51
CA HIS B 307 -20.83 -17.27 -43.80
C HIS B 307 -21.05 -15.77 -43.66
N PRO B 308 -20.70 -14.99 -44.70
CA PRO B 308 -20.40 -13.55 -44.47
C PRO B 308 -21.53 -12.68 -43.95
N VAL B 309 -22.79 -13.02 -44.18
CA VAL B 309 -23.86 -12.23 -43.58
C VAL B 309 -23.93 -12.48 -42.07
N GLY B 310 -23.78 -13.74 -41.65
CA GLY B 310 -23.72 -14.03 -40.24
C GLY B 310 -22.47 -13.53 -39.56
N MET B 311 -21.35 -13.53 -40.29
CA MET B 311 -20.13 -12.97 -39.74
C MET B 311 -20.21 -11.46 -39.60
N THR B 312 -20.92 -10.79 -40.51
CA THR B 312 -21.12 -9.36 -40.38
C THR B 312 -22.00 -9.01 -39.19
N ILE B 313 -23.08 -9.78 -38.98
CA ILE B 313 -23.93 -9.58 -37.82
C ILE B 313 -23.17 -9.86 -36.53
N TYR B 314 -22.29 -10.85 -36.56
CA TYR B 314 -21.46 -11.19 -35.41
C TYR B 314 -20.47 -10.09 -35.07
N VAL B 315 -19.80 -9.53 -36.06
CA VAL B 315 -18.83 -8.46 -35.82
C VAL B 315 -19.53 -7.20 -35.30
N VAL B 316 -20.68 -6.87 -35.88
CA VAL B 316 -21.43 -5.69 -35.46
C VAL B 316 -21.90 -5.84 -34.02
N LEU B 317 -22.35 -7.03 -33.64
CA LEU B 317 -22.80 -7.21 -32.27
C LEU B 317 -21.64 -7.25 -31.29
N ILE B 318 -20.46 -7.73 -31.70
CA ILE B 318 -19.31 -7.70 -30.79
C ILE B 318 -18.90 -6.27 -30.52
N ILE B 319 -18.89 -5.43 -31.56
CA ILE B 319 -18.52 -4.03 -31.37
C ILE B 319 -19.55 -3.28 -30.51
N ALA B 320 -20.83 -3.51 -30.76
CA ALA B 320 -21.86 -2.82 -29.98
C ALA B 320 -21.87 -3.28 -28.54
N PHE B 321 -21.68 -4.58 -28.29
CA PHE B 321 -21.66 -5.02 -26.92
C PHE B 321 -20.36 -4.73 -26.22
N THR B 322 -19.29 -4.47 -26.96
CA THR B 322 -18.08 -3.99 -26.32
C THR B 322 -18.25 -2.58 -25.84
N TYR B 323 -18.93 -1.74 -26.61
CA TYR B 323 -19.20 -0.39 -26.14
C TYR B 323 -20.12 -0.40 -24.92
N PHE B 324 -21.18 -1.21 -24.96
CA PHE B 324 -22.07 -1.32 -23.83
C PHE B 324 -21.36 -1.83 -22.58
N TYR B 325 -20.59 -2.90 -22.71
CA TYR B 325 -20.00 -3.49 -21.53
C TYR B 325 -18.74 -2.76 -21.08
N ALA B 326 -18.12 -1.96 -21.95
CA ALA B 326 -17.06 -1.10 -21.46
C ALA B 326 -17.64 0.01 -20.60
N PHE B 327 -18.77 0.57 -20.99
CA PHE B 327 -19.36 1.59 -20.13
C PHE B 327 -20.06 1.01 -18.93
N VAL B 328 -20.36 -0.28 -18.94
CA VAL B 328 -20.85 -0.93 -17.73
C VAL B 328 -19.72 -1.24 -16.78
N GLN B 329 -18.60 -1.70 -17.31
CA GLN B 329 -17.49 -2.13 -16.47
C GLN B 329 -16.74 -0.94 -15.89
N VAL B 330 -16.48 0.08 -16.69
CA VAL B 330 -15.72 1.23 -16.21
C VAL B 330 -16.62 2.17 -15.45
N ASN B 331 -17.76 2.53 -16.04
CA ASN B 331 -18.80 3.39 -15.49
C ASN B 331 -18.24 4.75 -15.15
N PRO B 332 -18.03 5.63 -16.13
CA PRO B 332 -17.42 6.94 -15.87
C PRO B 332 -18.16 7.83 -14.91
N GLU B 333 -19.47 7.64 -14.70
CA GLU B 333 -20.17 8.46 -13.73
C GLU B 333 -19.86 8.03 -12.31
N GLN B 334 -19.81 6.73 -12.06
CA GLN B 334 -19.40 6.25 -10.75
C GLN B 334 -17.94 6.56 -10.49
N MET B 335 -17.12 6.57 -11.53
CA MET B 335 -15.72 6.94 -11.38
C MET B 335 -15.57 8.40 -11.01
N ALA B 336 -16.34 9.27 -11.66
CA ALA B 336 -16.27 10.69 -11.35
C ALA B 336 -16.78 10.98 -9.96
N ASP B 337 -17.81 10.27 -9.51
CA ASP B 337 -18.29 10.47 -8.15
C ASP B 337 -17.32 9.96 -7.11
N ASN B 338 -16.67 8.82 -7.37
CA ASN B 338 -15.68 8.33 -6.42
C ASN B 338 -14.46 9.24 -6.36
N LEU B 339 -14.08 9.82 -7.50
CA LEU B 339 -12.97 10.75 -7.49
C LEU B 339 -13.32 12.03 -6.78
N LYS B 340 -14.56 12.48 -6.91
CA LYS B 340 -14.96 13.69 -6.20
C LYS B 340 -15.04 13.44 -4.71
N LYS B 341 -15.52 12.27 -4.31
CA LYS B 341 -15.69 11.98 -2.89
C LYS B 341 -14.35 11.78 -2.21
N GLN B 342 -13.44 11.05 -2.83
CA GLN B 342 -12.17 10.85 -2.15
C GLN B 342 -11.21 12.01 -2.33
N GLY B 343 -11.58 13.04 -3.07
CA GLY B 343 -10.80 14.25 -3.12
C GLY B 343 -9.76 14.33 -4.20
N GLY B 344 -9.76 13.42 -5.16
CA GLY B 344 -8.82 13.49 -6.26
C GLY B 344 -9.40 14.18 -7.44
N TYR B 345 -8.55 14.52 -8.39
CA TYR B 345 -9.01 15.20 -9.60
C TYR B 345 -7.98 15.02 -10.70
N ILE B 346 -8.46 14.97 -11.92
CA ILE B 346 -7.56 15.05 -13.07
C ILE B 346 -7.05 16.48 -13.18
N PRO B 347 -5.75 16.69 -13.33
CA PRO B 347 -5.24 18.05 -13.32
C PRO B 347 -5.69 18.92 -14.46
N GLY B 348 -6.53 19.89 -14.15
CA GLY B 348 -7.12 20.77 -15.12
C GLY B 348 -8.63 20.68 -15.17
N ILE B 349 -9.21 19.57 -14.72
CA ILE B 349 -10.60 19.25 -14.95
C ILE B 349 -11.34 19.33 -13.62
N ARG B 350 -12.48 20.00 -13.60
CA ARG B 350 -13.28 20.11 -12.39
C ARG B 350 -13.86 18.77 -12.01
N PRO B 351 -13.87 18.41 -10.73
CA PRO B 351 -14.10 17.02 -10.34
C PRO B 351 -15.54 16.54 -10.41
N GLY B 352 -16.46 17.26 -11.01
CA GLY B 352 -17.83 16.78 -10.99
C GLY B 352 -18.27 16.09 -12.26
N LYS B 353 -18.93 16.85 -13.11
CA LYS B 353 -19.40 16.38 -14.40
C LYS B 353 -18.30 16.47 -15.45
N ASN B 354 -17.35 17.38 -15.27
CA ASN B 354 -16.32 17.56 -16.27
C ASN B 354 -15.34 16.39 -16.28
N THR B 355 -15.07 15.76 -15.15
CA THR B 355 -14.23 14.57 -15.22
C THR B 355 -15.00 13.39 -15.77
N GLN B 356 -16.32 13.36 -15.58
CA GLN B 356 -17.11 12.29 -16.16
C GLN B 356 -17.09 12.36 -17.66
N GLU B 357 -17.26 13.54 -18.22
CA GLU B 357 -17.20 13.58 -19.67
C GLU B 357 -15.79 13.54 -20.22
N TYR B 358 -14.78 13.91 -19.44
CA TYR B 358 -13.39 13.69 -19.86
C TYR B 358 -13.09 12.21 -20.01
N VAL B 359 -13.39 11.42 -18.98
CA VAL B 359 -13.06 10.01 -19.08
C VAL B 359 -14.07 9.27 -19.95
N THR B 360 -15.24 9.85 -20.21
CA THR B 360 -16.12 9.30 -21.25
C THR B 360 -15.52 9.43 -22.63
N ARG B 361 -14.88 10.55 -22.93
CA ARG B 361 -14.24 10.68 -24.24
C ARG B 361 -13.04 9.74 -24.38
N ILE B 362 -12.24 9.61 -23.33
CA ILE B 362 -11.14 8.64 -23.32
C ILE B 362 -11.66 7.24 -23.58
N LEU B 363 -12.78 6.90 -22.96
CA LEU B 363 -13.33 5.56 -23.06
C LEU B 363 -13.92 5.28 -24.43
N TYR B 364 -14.46 6.29 -25.09
CA TYR B 364 -14.96 6.11 -26.45
C TYR B 364 -13.83 5.73 -27.41
N ARG B 365 -12.70 6.43 -27.31
CA ARG B 365 -11.61 6.13 -28.24
C ARG B 365 -10.94 4.79 -27.94
N LEU B 366 -10.65 4.52 -26.67
CA LEU B 366 -10.05 3.25 -26.32
C LEU B 366 -10.97 2.08 -26.59
N THR B 367 -12.27 2.27 -26.44
CA THR B 367 -13.19 1.18 -26.67
C THR B 367 -13.34 0.90 -28.16
N LEU B 368 -13.14 1.90 -29.02
CA LEU B 368 -13.09 1.61 -30.45
C LEU B 368 -11.96 0.67 -30.79
N VAL B 369 -10.77 0.96 -30.29
CA VAL B 369 -9.63 0.07 -30.59
C VAL B 369 -9.81 -1.31 -29.97
N GLY B 370 -10.28 -1.37 -28.72
CA GLY B 370 -10.48 -2.66 -28.08
C GLY B 370 -11.60 -3.49 -28.68
N SER B 371 -12.65 -2.84 -29.18
CA SER B 371 -13.74 -3.56 -29.81
C SER B 371 -13.35 -4.11 -31.16
N LEU B 372 -12.56 -3.36 -31.94
CA LEU B 372 -12.08 -3.92 -33.20
C LEU B 372 -11.14 -5.07 -32.99
N PHE B 373 -10.27 -4.98 -31.98
CA PHE B 373 -9.39 -6.09 -31.64
C PHE B 373 -10.18 -7.32 -31.21
N LEU B 374 -11.23 -7.12 -30.43
CA LEU B 374 -12.03 -8.23 -29.95
C LEU B 374 -12.81 -8.89 -31.06
N ALA B 375 -13.35 -8.09 -31.99
CA ALA B 375 -14.08 -8.67 -33.11
C ALA B 375 -13.17 -9.42 -34.07
N PHE B 376 -11.97 -8.89 -34.31
CA PHE B 376 -11.01 -9.57 -35.15
C PHE B 376 -10.55 -10.88 -34.54
N ILE B 377 -10.29 -10.87 -33.23
CA ILE B 377 -9.90 -12.09 -32.54
C ILE B 377 -11.02 -13.11 -32.55
N ALA B 378 -12.26 -12.66 -32.47
CA ALA B 378 -13.38 -13.58 -32.45
C ALA B 378 -13.69 -14.18 -33.82
N VAL B 379 -13.41 -13.48 -34.92
CA VAL B 379 -13.67 -14.07 -36.23
C VAL B 379 -12.40 -14.56 -36.91
N LEU B 380 -11.27 -14.55 -36.22
CA LEU B 380 -10.07 -15.20 -36.74
C LEU B 380 -10.15 -16.72 -36.99
N PRO B 381 -10.79 -17.58 -36.16
CA PRO B 381 -10.73 -19.01 -36.47
C PRO B 381 -11.47 -19.40 -37.73
N VAL B 382 -12.50 -18.65 -38.11
CA VAL B 382 -13.17 -18.85 -39.39
C VAL B 382 -12.19 -18.67 -40.54
N PHE B 383 -11.33 -17.66 -40.44
CA PHE B 383 -10.39 -17.41 -41.52
C PHE B 383 -9.27 -18.44 -41.52
N PHE B 384 -8.86 -18.91 -40.34
CA PHE B 384 -7.80 -19.93 -40.32
C PHE B 384 -8.29 -21.25 -40.89
N VAL B 385 -9.52 -21.64 -40.54
CA VAL B 385 -10.11 -22.86 -41.08
C VAL B 385 -10.34 -22.74 -42.57
N ASN B 386 -10.84 -21.59 -43.05
CA ASN B 386 -11.14 -21.45 -44.47
C ASN B 386 -9.87 -21.35 -45.31
N PHE B 387 -8.90 -20.55 -44.89
CA PHE B 387 -7.74 -20.26 -45.72
C PHE B 387 -6.49 -20.93 -45.19
N ALA B 388 -6.64 -22.03 -44.48
CA ALA B 388 -5.49 -22.87 -44.16
C ALA B 388 -5.78 -24.34 -44.30
N ASN B 389 -6.99 -24.71 -44.76
CA ASN B 389 -7.44 -26.09 -44.97
C ASN B 389 -7.35 -26.93 -43.70
N LEU B 390 -7.46 -26.28 -42.54
CA LEU B 390 -7.48 -26.97 -41.28
C LEU B 390 -8.80 -27.69 -41.12
N PRO B 391 -8.87 -28.71 -40.25
CA PRO B 391 -10.16 -29.26 -39.90
C PRO B 391 -10.96 -28.25 -39.11
N PRO B 392 -12.30 -28.33 -39.14
CA PRO B 392 -13.11 -27.38 -38.37
C PRO B 392 -13.10 -27.63 -36.88
N SER B 393 -12.37 -28.64 -36.41
CA SER B 393 -12.23 -28.93 -35.00
C SER B 393 -11.39 -27.92 -34.26
N ALA B 394 -10.58 -27.13 -34.98
CA ALA B 394 -9.47 -26.42 -34.36
C ALA B 394 -9.95 -25.30 -33.46
N GLN B 395 -10.72 -24.35 -34.00
CA GLN B 395 -11.09 -23.09 -33.35
C GLN B 395 -9.84 -22.38 -32.84
N ILE B 396 -8.94 -22.09 -33.78
CA ILE B 396 -7.56 -21.76 -33.48
C ILE B 396 -7.43 -20.24 -33.46
N GLY B 397 -7.41 -19.67 -32.26
CA GLY B 397 -7.27 -18.24 -32.12
C GLY B 397 -8.55 -17.49 -31.87
N GLY B 398 -9.49 -18.08 -31.13
CA GLY B 398 -10.73 -17.40 -30.81
C GLY B 398 -10.60 -16.62 -29.53
N THR B 399 -11.65 -16.57 -28.72
CA THR B 399 -11.54 -15.91 -27.43
C THR B 399 -10.90 -16.80 -26.37
N SER B 400 -10.77 -18.09 -26.65
CA SER B 400 -10.01 -18.96 -25.77
C SER B 400 -8.54 -18.60 -25.78
N LEU B 401 -8.06 -18.02 -26.88
CA LEU B 401 -6.71 -17.47 -26.92
C LEU B 401 -6.55 -16.31 -25.94
N LEU B 402 -7.54 -15.42 -25.89
CA LEU B 402 -7.50 -14.31 -24.94
C LEU B 402 -7.51 -14.81 -23.50
N ILE B 403 -8.32 -15.83 -23.24
CA ILE B 403 -8.40 -16.37 -21.89
C ILE B 403 -7.10 -17.04 -21.49
N VAL B 404 -6.49 -17.76 -22.42
CA VAL B 404 -5.24 -18.46 -22.13
C VAL B 404 -4.10 -17.48 -21.87
N VAL B 405 -3.99 -16.44 -22.72
CA VAL B 405 -2.95 -15.43 -22.54
C VAL B 405 -3.14 -14.68 -21.24
N GLY B 406 -4.39 -14.31 -20.92
CA GLY B 406 -4.63 -13.57 -19.70
C GLY B 406 -4.36 -14.36 -18.43
N VAL B 407 -4.74 -15.63 -18.41
CA VAL B 407 -4.51 -16.43 -17.22
C VAL B 407 -3.03 -16.74 -17.04
N ALA B 408 -2.32 -16.98 -18.14
CA ALA B 408 -0.88 -17.23 -18.06
C ALA B 408 -0.13 -16.03 -17.52
N LEU B 409 -0.42 -14.83 -18.05
CA LEU B 409 0.27 -13.64 -17.60
C LEU B 409 -0.12 -13.25 -16.18
N GLU B 410 -1.37 -13.42 -15.80
CA GLU B 410 -1.76 -13.04 -14.45
C GLU B 410 -1.20 -13.99 -13.40
N THR B 411 -1.11 -15.28 -13.71
CA THR B 411 -0.49 -16.20 -12.77
C THR B 411 1.02 -15.96 -12.66
N MET B 412 1.66 -15.58 -13.76
CA MET B 412 3.07 -15.23 -13.69
C MET B 412 3.32 -14.01 -12.83
N LYS B 413 2.47 -13.00 -12.94
CA LYS B 413 2.63 -11.80 -12.12
C LYS B 413 2.36 -12.10 -10.66
N GLN B 414 1.39 -12.96 -10.37
CA GLN B 414 1.13 -13.36 -8.98
C GLN B 414 2.32 -14.09 -8.38
N LEU B 415 2.98 -14.93 -9.17
CA LEU B 415 4.13 -15.67 -8.66
C LEU B 415 5.33 -14.75 -8.42
N GLU B 416 5.57 -13.80 -9.31
CA GLU B 416 6.68 -12.88 -9.09
C GLU B 416 6.43 -11.93 -7.92
N SER B 417 5.18 -11.58 -7.69
CA SER B 417 4.85 -10.81 -6.49
C SER B 417 5.06 -11.61 -5.23
N GLN B 418 4.83 -12.92 -5.26
CA GLN B 418 5.19 -13.72 -4.10
C GLN B 418 6.69 -13.85 -3.95
N LEU B 419 7.40 -13.78 -5.08
CA LEU B 419 8.84 -13.98 -5.05
C LEU B 419 9.57 -12.80 -4.42
N VAL B 420 9.14 -11.58 -4.70
CA VAL B 420 9.92 -10.41 -4.25
C VAL B 420 9.86 -10.11 -2.76
N LYS B 421 9.05 -10.82 -1.98
CA LYS B 421 9.08 -10.58 -0.55
C LYS B 421 10.30 -11.19 0.12
N ARG B 422 11.10 -11.96 -0.60
CA ARG B 422 12.29 -12.57 -0.05
C ARG B 422 13.54 -11.75 -0.29
N HIS B 423 13.49 -10.76 -1.17
CA HIS B 423 14.69 -10.10 -1.63
C HIS B 423 14.88 -8.72 -1.00
N TYR B 424 14.44 -8.52 0.23
CA TYR B 424 14.64 -7.24 0.89
C TYR B 424 16.08 -7.17 1.37
N ARG B 425 16.87 -6.31 0.73
CA ARG B 425 18.32 -6.39 0.86
C ARG B 425 18.82 -5.72 2.14
N GLY B 426 18.67 -4.42 2.23
CA GLY B 426 19.42 -3.76 3.26
C GLY B 426 20.72 -3.21 2.72
N PHE B 427 21.21 -2.16 3.36
CA PHE B 427 22.45 -1.53 2.95
C PHE B 427 23.68 -2.21 3.51
N ILE B 428 23.51 -3.19 4.39
CA ILE B 428 24.64 -3.84 5.03
C ILE B 428 25.00 -5.14 4.33
N LYS B 429 24.02 -6.03 4.16
CA LYS B 429 24.15 -7.24 3.33
C LYS B 429 25.31 -8.16 3.68
N GLN C 1 -17.84 16.82 -41.77
CA GLN C 1 -16.89 15.71 -41.68
C GLN C 1 -16.42 15.54 -40.25
N ARG C 2 -17.29 14.98 -39.43
CA ARG C 2 -16.97 14.75 -38.02
C ARG C 2 -16.20 13.46 -37.80
N VAL C 3 -16.43 12.46 -38.65
CA VAL C 3 -15.85 11.14 -38.40
C VAL C 3 -14.35 11.13 -38.66
N THR C 4 -13.84 11.97 -39.54
CA THR C 4 -12.41 11.98 -39.74
C THR C 4 -11.71 12.73 -38.62
N ASN C 5 -12.40 13.72 -38.03
CA ASN C 5 -11.90 14.34 -36.81
C ASN C 5 -11.90 13.36 -35.65
N PHE C 6 -12.93 12.51 -35.56
CA PHE C 6 -12.95 11.50 -34.51
C PHE C 6 -11.85 10.48 -34.69
N PHE C 7 -11.55 10.08 -35.92
CA PHE C 7 -10.49 9.11 -36.11
C PHE C 7 -9.12 9.72 -35.90
N LYS C 8 -8.97 11.02 -36.16
CA LYS C 8 -7.74 11.69 -35.77
C LYS C 8 -7.61 11.74 -34.26
N GLU C 9 -8.73 11.87 -33.54
CA GLU C 9 -8.68 11.82 -32.09
C GLU C 9 -8.35 10.43 -31.57
N VAL C 10 -8.81 9.39 -32.25
CA VAL C 10 -8.48 8.02 -31.84
C VAL C 10 -6.99 7.76 -32.02
N VAL C 11 -6.43 8.21 -33.14
CA VAL C 11 -5.00 8.03 -33.37
C VAL C 11 -4.18 8.88 -32.40
N ARG C 12 -4.69 10.07 -32.06
CA ARG C 12 -4.03 10.88 -31.05
C ARG C 12 -4.11 10.26 -29.66
N GLU C 13 -5.20 9.55 -29.38
CA GLU C 13 -5.37 8.88 -28.10
C GLU C 13 -4.46 7.67 -27.97
N LEU C 14 -4.21 6.97 -29.07
CA LEU C 14 -3.39 5.77 -29.01
C LEU C 14 -1.93 6.06 -28.74
N LYS C 15 -1.48 7.30 -28.87
CA LYS C 15 -0.10 7.64 -28.57
C LYS C 15 0.10 7.99 -27.11
N LYS C 16 -0.97 8.13 -26.34
CA LYS C 16 -0.86 8.31 -24.90
C LYS C 16 -0.99 7.00 -24.15
N VAL C 17 -1.37 5.92 -24.81
CA VAL C 17 -1.45 4.62 -24.17
C VAL C 17 -0.06 4.13 -23.88
N SER C 18 0.14 3.51 -22.72
CA SER C 18 1.45 3.03 -22.35
C SER C 18 1.57 1.58 -22.80
N TRP C 19 1.93 1.41 -24.07
CA TRP C 19 2.12 0.09 -24.65
C TRP C 19 3.35 -0.58 -24.05
N PRO C 20 3.40 -1.90 -24.05
CA PRO C 20 4.59 -2.58 -23.54
C PRO C 20 5.75 -2.47 -24.51
N ASN C 21 6.95 -2.26 -23.95
CA ASN C 21 8.15 -2.15 -24.76
C ASN C 21 8.62 -3.54 -25.20
N ARG C 22 9.67 -3.57 -26.02
CA ARG C 22 10.02 -4.80 -26.72
C ARG C 22 10.62 -5.84 -25.79
N LYS C 23 11.29 -5.41 -24.72
CA LYS C 23 11.89 -6.35 -23.80
C LYS C 23 10.83 -7.11 -23.01
N GLU C 24 9.87 -6.39 -22.44
CA GLU C 24 8.81 -7.07 -21.73
C GLU C 24 7.82 -7.75 -22.66
N LEU C 25 7.71 -7.30 -23.91
CA LEU C 25 6.92 -8.04 -24.88
C LEU C 25 7.52 -9.41 -25.16
N VAL C 26 8.84 -9.47 -25.32
CA VAL C 26 9.50 -10.75 -25.57
C VAL C 26 9.46 -11.65 -24.34
N ASN C 27 9.63 -11.05 -23.15
CA ASN C 27 9.54 -11.84 -21.91
C ASN C 27 8.13 -12.38 -21.70
N TYR C 28 7.11 -11.59 -22.02
CA TYR C 28 5.73 -12.03 -21.87
C TYR C 28 5.39 -13.14 -22.85
N THR C 29 5.81 -13.01 -24.11
CA THR C 29 5.55 -14.07 -25.08
C THR C 29 6.29 -15.34 -24.72
N ALA C 30 7.47 -15.22 -24.12
CA ALA C 30 8.18 -16.40 -23.65
C ALA C 30 7.42 -17.09 -22.53
N VAL C 31 6.88 -16.31 -21.58
CA VAL C 31 6.10 -16.90 -20.49
C VAL C 31 4.83 -17.55 -21.01
N VAL C 32 4.17 -16.93 -21.98
CA VAL C 32 2.91 -17.46 -22.50
C VAL C 32 3.16 -18.75 -23.28
N LEU C 33 4.15 -18.75 -24.17
CA LEU C 33 4.44 -19.96 -24.93
C LEU C 33 5.01 -21.07 -24.06
N ALA C 34 5.77 -20.73 -23.01
CA ALA C 34 6.24 -21.75 -22.09
C ALA C 34 5.10 -22.35 -21.29
N THR C 35 4.14 -21.52 -20.86
CA THR C 35 3.01 -22.04 -20.10
C THR C 35 2.12 -22.92 -20.96
N VAL C 36 1.86 -22.51 -22.20
CA VAL C 36 1.01 -23.28 -23.08
C VAL C 36 1.69 -24.58 -23.49
N ALA C 37 3.00 -24.55 -23.76
CA ALA C 37 3.70 -25.78 -24.13
C ALA C 37 3.83 -26.74 -22.96
N PHE C 38 4.13 -26.22 -21.76
CA PHE C 38 4.22 -27.07 -20.59
C PHE C 38 2.89 -27.70 -20.27
N PHE C 39 1.79 -26.94 -20.36
CA PHE C 39 0.53 -27.52 -19.99
C PHE C 39 -0.05 -28.40 -21.08
N THR C 40 0.32 -28.19 -22.33
CA THR C 40 -0.01 -29.13 -23.39
C THR C 40 0.65 -30.48 -23.13
N VAL C 41 1.95 -30.47 -22.80
CA VAL C 41 2.65 -31.72 -22.54
C VAL C 41 2.18 -32.36 -21.24
N PHE C 42 1.91 -31.54 -20.22
CA PHE C 42 1.44 -32.04 -18.93
C PHE C 42 0.09 -32.71 -19.06
N PHE C 43 -0.82 -32.10 -19.80
CA PHE C 43 -2.14 -32.68 -19.94
C PHE C 43 -2.15 -33.86 -20.89
N ALA C 44 -1.27 -33.89 -21.89
CA ALA C 44 -1.16 -35.07 -22.72
C ALA C 44 -0.63 -36.25 -21.93
N VAL C 45 0.35 -36.01 -21.07
CA VAL C 45 0.94 -37.09 -20.29
C VAL C 45 -0.03 -37.60 -19.23
N ILE C 46 -0.76 -36.71 -18.56
CA ILE C 46 -1.71 -37.26 -17.60
C ILE C 46 -2.96 -37.82 -18.26
N ASP C 47 -3.32 -37.41 -19.49
CA ASP C 47 -4.36 -38.15 -20.20
C ASP C 47 -3.91 -39.55 -20.55
N LEU C 48 -2.65 -39.71 -20.97
CA LEU C 48 -2.12 -41.05 -21.23
C LEU C 48 -2.06 -41.89 -19.95
N GLY C 49 -1.70 -41.26 -18.84
CA GLY C 49 -1.60 -41.99 -17.59
C GLY C 49 -2.95 -42.44 -17.05
N ILE C 50 -3.93 -41.52 -17.05
CA ILE C 50 -5.28 -41.88 -16.62
C ILE C 50 -5.89 -42.89 -17.57
N SER C 51 -5.55 -42.83 -18.85
CA SER C 51 -6.08 -43.81 -19.79
C SER C 51 -5.51 -45.20 -19.54
N GLN C 52 -4.21 -45.30 -19.19
CA GLN C 52 -3.66 -46.61 -18.89
C GLN C 52 -4.19 -47.16 -17.57
N LEU C 53 -4.33 -46.31 -16.56
CA LEU C 53 -4.91 -46.75 -15.29
C LEU C 53 -6.38 -47.15 -15.44
N ILE C 54 -7.10 -46.49 -16.33
CA ILE C 54 -8.49 -46.83 -16.60
C ILE C 54 -8.56 -48.14 -17.36
N ARG C 55 -7.61 -48.39 -18.26
CA ARG C 55 -7.54 -49.67 -18.93
C ARG C 55 -7.17 -50.79 -17.95
N LEU C 56 -6.42 -50.48 -16.90
CA LEU C 56 -6.12 -51.52 -15.92
C LEU C 56 -7.32 -51.83 -15.05
N VAL C 57 -7.89 -50.80 -14.42
CA VAL C 57 -8.93 -51.03 -13.42
C VAL C 57 -10.25 -51.42 -14.05
N PHE C 58 -10.58 -50.83 -15.21
CA PHE C 58 -11.92 -50.81 -15.85
C PHE C 58 -12.98 -50.28 -14.91
N GLN D 1 -10.04 -56.00 -31.54
CA GLN D 1 -9.44 -57.29 -31.17
C GLN D 1 -10.34 -58.43 -31.62
N VAL D 2 -11.64 -58.14 -31.67
CA VAL D 2 -12.65 -59.09 -32.13
C VAL D 2 -13.12 -58.61 -33.49
N GLN D 3 -12.83 -59.37 -34.53
CA GLN D 3 -13.27 -58.98 -35.86
C GLN D 3 -14.75 -59.28 -36.03
N LEU D 4 -15.39 -58.50 -36.89
CA LEU D 4 -16.81 -58.65 -37.18
C LEU D 4 -16.97 -58.87 -38.67
N VAL D 5 -17.47 -60.05 -39.04
CA VAL D 5 -17.90 -60.32 -40.41
C VAL D 5 -19.40 -60.12 -40.43
N GLU D 6 -19.85 -59.05 -41.05
CA GLU D 6 -21.27 -58.71 -41.07
C GLU D 6 -21.84 -59.06 -42.43
N THR D 7 -22.63 -60.11 -42.47
CA THR D 7 -23.20 -60.64 -43.70
C THR D 7 -24.71 -60.45 -43.67
N GLY D 8 -25.33 -60.68 -44.83
CA GLY D 8 -26.77 -60.54 -44.96
C GLY D 8 -27.22 -59.33 -45.74
N GLY D 9 -26.30 -58.60 -46.35
CA GLY D 9 -26.67 -57.40 -47.09
C GLY D 9 -27.13 -57.73 -48.49
N GLY D 10 -28.43 -57.69 -48.71
CA GLY D 10 -29.00 -58.01 -50.00
C GLY D 10 -29.98 -56.95 -50.44
N LEU D 11 -30.16 -56.87 -51.76
CA LEU D 11 -31.14 -55.96 -52.34
C LEU D 11 -32.54 -56.50 -52.05
N VAL D 12 -33.31 -55.74 -51.28
CA VAL D 12 -34.70 -56.07 -50.99
C VAL D 12 -35.57 -54.98 -51.59
N GLN D 13 -36.77 -55.38 -52.04
CA GLN D 13 -37.74 -54.40 -52.50
C GLN D 13 -38.25 -53.59 -51.31
N PRO D 14 -38.51 -52.28 -51.49
CA PRO D 14 -38.94 -51.46 -50.37
C PRO D 14 -40.33 -51.83 -49.87
N GLY D 15 -40.38 -52.39 -48.67
CA GLY D 15 -41.59 -52.97 -48.14
C GLY D 15 -41.43 -54.45 -47.88
N GLY D 16 -40.20 -54.87 -47.57
CA GLY D 16 -39.91 -56.27 -47.34
C GLY D 16 -39.30 -56.56 -45.99
N SER D 17 -38.27 -57.39 -45.96
CA SER D 17 -37.56 -57.73 -44.73
C SER D 17 -36.16 -58.21 -45.10
N LEU D 18 -35.31 -58.31 -44.08
CA LEU D 18 -33.92 -58.71 -44.28
C LEU D 18 -33.36 -59.15 -42.92
N ARG D 19 -32.27 -59.90 -42.96
CA ARG D 19 -31.59 -60.35 -41.76
C ARG D 19 -30.11 -60.03 -41.89
N LEU D 20 -29.56 -59.35 -40.89
CA LEU D 20 -28.14 -59.03 -40.83
C LEU D 20 -27.48 -59.82 -39.71
N SER D 21 -26.31 -60.37 -39.99
CA SER D 21 -25.62 -61.26 -39.06
C SER D 21 -24.21 -60.74 -38.84
N CYS D 22 -23.91 -60.37 -37.59
CA CYS D 22 -22.59 -59.90 -37.18
C CYS D 22 -21.90 -61.08 -36.52
N GLY D 23 -21.05 -61.76 -37.28
CA GLY D 23 -20.26 -62.86 -36.75
C GLY D 23 -18.97 -62.37 -36.13
N ALA D 24 -18.87 -62.53 -34.81
CA ALA D 24 -17.67 -62.16 -34.07
C ALA D 24 -16.72 -63.34 -33.97
N SER D 25 -15.49 -63.06 -33.53
CA SER D 25 -14.48 -64.09 -33.40
C SER D 25 -14.32 -64.55 -31.96
N GLY D 26 -13.97 -63.65 -31.05
CA GLY D 26 -13.76 -64.02 -29.67
C GLY D 26 -15.08 -64.13 -28.92
N SER D 27 -15.17 -65.17 -28.09
CA SER D 27 -16.42 -65.53 -27.43
C SER D 27 -16.31 -65.38 -25.91
N ILE D 28 -16.54 -64.16 -25.42
CA ILE D 28 -16.76 -63.94 -24.00
C ILE D 28 -18.17 -63.39 -23.84
N PHE D 29 -18.39 -62.22 -24.45
CA PHE D 29 -19.73 -61.60 -24.61
C PHE D 29 -20.37 -61.26 -23.27
N ASN D 30 -19.54 -60.96 -22.28
CA ASN D 30 -19.94 -60.14 -21.14
C ASN D 30 -19.55 -58.69 -21.45
N MET D 31 -20.11 -58.19 -22.55
CA MET D 31 -19.71 -56.92 -23.10
C MET D 31 -20.74 -55.84 -22.74
N TYR D 32 -20.24 -54.61 -22.62
CA TYR D 32 -21.07 -53.50 -22.16
C TYR D 32 -22.12 -53.15 -23.17
N ALA D 33 -21.77 -53.12 -24.45
CA ALA D 33 -22.78 -52.82 -25.44
C ALA D 33 -22.47 -53.55 -26.72
N MET D 34 -23.52 -53.95 -27.42
CA MET D 34 -23.40 -54.37 -28.79
C MET D 34 -24.41 -53.59 -29.59
N GLY D 35 -24.28 -53.54 -30.90
CA GLY D 35 -25.33 -52.90 -31.65
C GLY D 35 -24.97 -52.72 -33.11
N TRP D 36 -25.79 -51.91 -33.76
CA TRP D 36 -25.70 -51.65 -35.19
C TRP D 36 -25.96 -50.18 -35.44
N TYR D 37 -25.19 -49.59 -36.36
CA TYR D 37 -25.44 -48.24 -36.83
C TYR D 37 -25.31 -48.21 -38.35
N ARG D 38 -25.74 -47.10 -38.95
CA ARG D 38 -25.73 -47.03 -40.42
C ARG D 38 -24.52 -46.35 -41.03
N GLN D 39 -24.37 -45.04 -40.80
CA GLN D 39 -23.44 -44.17 -41.52
C GLN D 39 -23.63 -44.31 -43.05
N ALA D 40 -24.79 -43.84 -43.49
CA ALA D 40 -25.02 -43.67 -44.91
C ALA D 40 -24.20 -42.47 -45.41
N PRO D 41 -24.08 -42.31 -46.74
CA PRO D 41 -23.76 -40.99 -47.27
C PRO D 41 -24.86 -40.00 -46.89
N GLY D 42 -24.48 -38.76 -46.65
CA GLY D 42 -25.35 -37.94 -45.83
C GLY D 42 -25.15 -38.38 -44.40
N LYS D 43 -23.97 -38.02 -43.86
CA LYS D 43 -23.33 -38.66 -42.70
C LYS D 43 -23.99 -38.29 -41.37
N ARG D 44 -23.24 -38.46 -40.27
CA ARG D 44 -23.73 -38.56 -38.89
C ARG D 44 -24.59 -39.80 -38.74
N ARG D 45 -23.90 -40.95 -38.69
CA ARG D 45 -24.45 -42.26 -38.37
C ARG D 45 -25.49 -42.24 -37.26
N GLU D 46 -26.56 -42.99 -37.48
CA GLU D 46 -27.61 -43.18 -36.50
C GLU D 46 -27.38 -44.53 -35.86
N VAL D 47 -27.35 -44.58 -34.53
CA VAL D 47 -27.23 -45.88 -33.87
C VAL D 47 -28.58 -46.57 -33.97
N VAL D 48 -28.64 -47.63 -34.74
CA VAL D 48 -29.89 -48.26 -35.10
C VAL D 48 -30.38 -49.19 -34.00
N ALA D 49 -29.48 -49.96 -33.39
CA ALA D 49 -29.95 -50.85 -32.34
C ALA D 49 -28.81 -51.11 -31.38
N ARG D 50 -29.15 -51.45 -30.15
CA ARG D 50 -28.13 -51.55 -29.12
C ARG D 50 -28.59 -52.44 -27.98
N ILE D 51 -27.78 -53.44 -27.65
CA ILE D 51 -28.07 -54.38 -26.58
C ILE D 51 -27.14 -54.08 -25.42
N ALA D 52 -27.70 -53.96 -24.23
CA ALA D 52 -26.90 -53.89 -23.02
C ALA D 52 -26.49 -55.30 -22.62
N THR D 53 -25.72 -55.42 -21.54
CA THR D 53 -25.38 -56.77 -21.08
C THR D 53 -26.55 -57.43 -20.35
N ASP D 54 -27.54 -56.64 -19.94
CA ASP D 54 -28.78 -57.13 -19.35
C ASP D 54 -29.87 -57.31 -20.39
N ASP D 55 -29.50 -57.34 -21.67
CA ASP D 55 -30.39 -57.48 -22.82
C ASP D 55 -31.43 -56.37 -22.93
N SER D 56 -31.19 -55.24 -22.27
CA SER D 56 -32.14 -54.12 -22.22
C SER D 56 -32.00 -53.32 -23.49
N THR D 57 -32.78 -53.70 -24.50
CA THR D 57 -32.60 -53.21 -25.85
C THR D 57 -33.17 -51.81 -26.01
N MET D 58 -32.49 -50.97 -26.81
CA MET D 58 -33.02 -49.67 -27.19
C MET D 58 -33.05 -49.54 -28.71
N TYR D 59 -33.91 -48.66 -29.20
CA TYR D 59 -33.99 -48.28 -30.60
C TYR D 59 -34.36 -46.81 -30.66
N PRO D 60 -34.04 -46.12 -31.75
CA PRO D 60 -34.66 -44.83 -31.98
C PRO D 60 -36.10 -45.01 -32.45
N ASP D 61 -36.87 -43.93 -32.35
CA ASP D 61 -38.23 -43.96 -32.88
C ASP D 61 -38.29 -43.88 -34.40
N SER D 62 -37.15 -43.80 -35.08
CA SER D 62 -37.14 -43.95 -36.53
C SER D 62 -37.42 -45.39 -36.94
N VAL D 63 -36.80 -46.35 -36.26
CA VAL D 63 -36.90 -47.76 -36.61
C VAL D 63 -37.56 -48.56 -35.50
N LYS D 64 -38.28 -47.89 -34.61
CA LYS D 64 -38.88 -48.56 -33.46
C LYS D 64 -40.03 -49.45 -33.92
N GLY D 65 -40.01 -50.70 -33.46
CA GLY D 65 -40.96 -51.72 -33.87
C GLY D 65 -40.54 -52.47 -35.10
N ARG D 66 -40.00 -51.78 -36.10
CA ARG D 66 -39.66 -52.39 -37.37
C ARG D 66 -38.39 -53.23 -37.29
N PHE D 67 -37.49 -52.94 -36.36
CA PHE D 67 -36.22 -53.65 -36.27
C PHE D 67 -36.16 -54.43 -34.96
N THR D 68 -35.65 -55.65 -35.04
CA THR D 68 -35.43 -56.45 -33.84
C THR D 68 -33.97 -56.87 -33.76
N ILE D 69 -33.51 -57.09 -32.55
CA ILE D 69 -32.15 -57.47 -32.28
C ILE D 69 -32.14 -58.85 -31.63
N SER D 70 -30.98 -59.51 -31.68
CA SER D 70 -30.81 -60.80 -31.01
C SER D 70 -29.33 -61.05 -30.78
N ARG D 71 -29.01 -61.61 -29.62
CA ARG D 71 -27.63 -61.97 -29.30
C ARG D 71 -27.63 -63.28 -28.55
N ASP D 72 -26.97 -64.29 -29.11
CA ASP D 72 -26.81 -65.59 -28.47
C ASP D 72 -25.35 -65.79 -28.12
N ASN D 73 -25.05 -65.83 -26.82
CA ASN D 73 -23.67 -65.96 -26.42
C ASN D 73 -23.20 -67.40 -26.58
N ALA D 74 -21.88 -67.55 -26.70
CA ALA D 74 -21.09 -68.75 -27.03
C ALA D 74 -21.30 -69.27 -28.44
N LYS D 75 -22.11 -68.59 -29.25
CA LYS D 75 -22.24 -68.84 -30.69
C LYS D 75 -22.23 -67.45 -31.29
N ASN D 76 -21.05 -67.00 -31.72
CA ASN D 76 -20.80 -65.57 -31.89
C ASN D 76 -21.52 -64.99 -33.09
N THR D 77 -22.79 -64.64 -32.88
CA THR D 77 -23.63 -64.00 -33.88
C THR D 77 -24.47 -62.96 -33.17
N VAL D 78 -24.58 -61.77 -33.76
CA VAL D 78 -25.55 -60.78 -33.36
C VAL D 78 -26.45 -60.51 -34.55
N TYR D 79 -27.75 -60.69 -34.37
CA TYR D 79 -28.69 -60.61 -35.47
C TYR D 79 -29.48 -59.32 -35.39
N LEU D 80 -29.65 -58.67 -36.52
CA LEU D 80 -30.56 -57.55 -36.68
C LEU D 80 -31.58 -57.95 -37.73
N GLN D 81 -32.78 -58.28 -37.29
CA GLN D 81 -33.85 -58.67 -38.20
C GLN D 81 -34.64 -57.42 -38.55
N MET D 82 -34.53 -57.00 -39.80
CA MET D 82 -35.16 -55.80 -40.31
C MET D 82 -36.50 -56.17 -40.91
N ASN D 83 -37.57 -55.53 -40.42
CA ASN D 83 -38.90 -55.69 -40.98
C ASN D 83 -39.36 -54.33 -41.50
N SER D 84 -40.26 -54.37 -42.50
CA SER D 84 -40.92 -53.21 -43.08
C SER D 84 -39.88 -52.21 -43.63
N LEU D 85 -39.20 -52.66 -44.67
CA LEU D 85 -38.12 -51.87 -45.26
C LEU D 85 -38.70 -50.67 -46.02
N LYS D 86 -37.81 -49.77 -46.41
CA LYS D 86 -38.21 -48.48 -46.95
C LYS D 86 -37.06 -47.91 -47.77
N PRO D 87 -37.34 -47.01 -48.72
CA PRO D 87 -36.25 -46.44 -49.53
C PRO D 87 -35.30 -45.53 -48.77
N GLU D 88 -35.70 -44.97 -47.63
CA GLU D 88 -34.75 -44.21 -46.82
C GLU D 88 -33.95 -45.10 -45.87
N ASP D 89 -34.30 -46.38 -45.76
CA ASP D 89 -33.48 -47.34 -45.04
C ASP D 89 -32.29 -47.84 -45.86
N THR D 90 -32.17 -47.39 -47.10
CA THR D 90 -31.03 -47.74 -47.95
C THR D 90 -29.76 -47.14 -47.36
N ALA D 91 -28.88 -47.98 -46.84
CA ALA D 91 -27.64 -47.51 -46.24
C ALA D 91 -26.66 -48.66 -46.13
N VAL D 92 -25.39 -48.31 -46.02
CA VAL D 92 -24.42 -49.29 -45.55
C VAL D 92 -24.60 -49.44 -44.04
N TYR D 93 -24.17 -50.58 -43.50
CA TYR D 93 -24.45 -50.91 -42.12
C TYR D 93 -23.17 -51.41 -41.45
N TYR D 94 -23.02 -51.09 -40.16
CA TYR D 94 -21.86 -51.50 -39.40
C TYR D 94 -22.30 -52.01 -38.04
N CYS D 95 -21.90 -53.24 -37.73
CA CYS D 95 -22.05 -53.77 -36.40
C CYS D 95 -20.96 -53.19 -35.51
N TYR D 96 -21.22 -53.15 -34.21
CA TYR D 96 -20.21 -52.65 -33.30
C TYR D 96 -20.37 -53.36 -31.97
N TYR D 97 -19.27 -53.39 -31.23
CA TYR D 97 -19.22 -53.86 -29.87
C TYR D 97 -18.52 -52.81 -29.03
N GLN D 98 -18.65 -52.94 -27.72
CA GLN D 98 -17.91 -52.11 -26.78
C GLN D 98 -17.79 -52.90 -25.50
N ARG D 99 -16.54 -53.10 -25.07
CA ARG D 99 -16.23 -54.06 -24.04
C ARG D 99 -16.73 -53.61 -22.67
N THR D 100 -16.26 -52.47 -22.20
CA THR D 100 -16.69 -51.93 -20.92
C THR D 100 -17.11 -50.48 -21.10
N VAL D 101 -17.59 -49.88 -20.02
CA VAL D 101 -18.15 -48.53 -20.08
C VAL D 101 -17.06 -47.48 -20.33
N MET D 102 -15.80 -47.82 -20.12
CA MET D 102 -14.71 -46.91 -20.42
C MET D 102 -13.92 -47.33 -21.65
N SER D 103 -14.42 -48.29 -22.42
CA SER D 103 -13.67 -48.81 -23.55
C SER D 103 -13.78 -47.87 -24.74
N GLN D 104 -13.17 -48.26 -25.82
CA GLN D 104 -13.47 -47.53 -27.05
C GLN D 104 -14.26 -48.41 -27.99
N PRO D 105 -15.33 -47.91 -28.62
CA PRO D 105 -16.16 -48.77 -29.47
C PRO D 105 -15.48 -49.10 -30.78
N TYR D 106 -15.27 -50.38 -31.04
CA TYR D 106 -14.51 -50.85 -32.19
C TYR D 106 -15.46 -51.42 -33.23
N TRP D 107 -15.36 -50.91 -34.45
CA TRP D 107 -16.40 -51.04 -35.45
C TRP D 107 -16.21 -52.33 -36.24
N GLY D 108 -16.93 -52.46 -37.33
CA GLY D 108 -16.69 -53.52 -38.28
C GLY D 108 -16.54 -52.97 -39.68
N GLN D 109 -16.69 -53.81 -40.70
CA GLN D 109 -16.63 -53.37 -42.08
C GLN D 109 -18.04 -53.04 -42.56
N GLY D 110 -18.15 -52.64 -43.82
CA GLY D 110 -19.43 -52.21 -44.35
C GLY D 110 -20.30 -53.34 -44.86
N THR D 111 -21.61 -53.15 -44.74
CA THR D 111 -22.60 -54.09 -45.28
C THR D 111 -23.67 -53.27 -45.98
N GLN D 112 -23.59 -53.18 -47.30
CA GLN D 112 -24.48 -52.29 -48.05
C GLN D 112 -25.85 -52.92 -48.18
N VAL D 113 -26.82 -52.43 -47.40
CA VAL D 113 -28.21 -52.84 -47.56
C VAL D 113 -28.86 -51.79 -48.46
N THR D 114 -29.09 -52.16 -49.72
CA THR D 114 -29.69 -51.28 -50.70
C THR D 114 -31.14 -51.67 -50.90
N VAL D 115 -32.05 -50.75 -50.57
CA VAL D 115 -33.48 -51.02 -50.60
C VAL D 115 -34.12 -50.28 -51.77
N SER D 116 -34.23 -50.96 -52.91
CA SER D 116 -34.89 -50.40 -54.09
C SER D 116 -35.47 -51.53 -54.92
N ALA E 1 -33.76 4.63 -20.53
CA ALA E 1 -34.32 3.30 -20.27
C ALA E 1 -33.22 2.23 -20.28
N LYS E 2 -32.31 2.32 -19.32
CA LYS E 2 -31.26 1.33 -19.18
C LYS E 2 -31.75 0.03 -18.56
N LYS E 3 -32.83 0.08 -17.79
CA LYS E 3 -33.37 -1.13 -17.18
C LYS E 3 -33.90 -2.11 -18.22
N THR E 4 -34.46 -1.59 -19.31
CA THR E 4 -35.01 -2.45 -20.35
C THR E 4 -33.90 -3.20 -21.10
N ILE E 5 -32.83 -2.50 -21.48
CA ILE E 5 -31.76 -3.16 -22.22
C ILE E 5 -30.99 -4.11 -21.29
N LEU E 6 -30.83 -3.76 -20.02
CA LEU E 6 -30.17 -4.69 -19.11
C LEU E 6 -31.02 -5.92 -18.83
N PHE E 7 -32.35 -5.78 -18.81
CA PHE E 7 -33.16 -6.98 -18.66
C PHE E 7 -33.20 -7.82 -19.92
N LEU E 8 -33.14 -7.18 -21.09
CA LEU E 8 -33.05 -7.92 -22.34
C LEU E 8 -31.76 -8.72 -22.43
N LEU E 9 -30.67 -8.17 -21.91
CA LEU E 9 -29.43 -8.93 -21.90
C LEU E 9 -29.42 -10.02 -20.86
N THR E 10 -30.15 -9.83 -19.77
CA THR E 10 -30.31 -10.92 -18.82
C THR E 10 -31.09 -12.07 -19.43
N VAL E 11 -32.10 -11.78 -20.24
CA VAL E 11 -32.83 -12.91 -20.83
C VAL E 11 -32.04 -13.55 -21.97
N LEU E 12 -31.15 -12.80 -22.63
CA LEU E 12 -30.30 -13.45 -23.63
C LEU E 12 -29.24 -14.33 -22.98
N THR E 13 -28.70 -13.92 -21.84
CA THR E 13 -27.72 -14.79 -21.19
C THR E 13 -28.37 -16.04 -20.64
N THR E 14 -29.61 -15.97 -20.17
CA THR E 14 -30.21 -17.26 -19.81
C THR E 14 -30.71 -18.03 -21.04
N VAL E 15 -30.87 -17.38 -22.19
CA VAL E 15 -31.00 -18.15 -23.44
C VAL E 15 -29.75 -18.97 -23.67
N LEU E 16 -28.58 -18.40 -23.41
CA LEU E 16 -27.35 -19.18 -23.52
C LEU E 16 -27.29 -20.29 -22.47
N VAL E 17 -27.87 -20.09 -21.29
CA VAL E 17 -27.84 -21.19 -20.33
C VAL E 17 -28.87 -22.28 -20.65
N SER E 18 -29.94 -21.97 -21.39
CA SER E 18 -30.98 -22.96 -21.64
C SER E 18 -31.08 -23.40 -23.09
N GLY E 19 -30.36 -22.75 -24.00
CA GLY E 19 -30.50 -23.01 -25.43
C GLY E 19 -29.93 -24.32 -25.93
N TRP E 20 -29.56 -25.25 -25.05
CA TRP E 20 -29.02 -26.54 -25.44
C TRP E 20 -30.05 -27.49 -26.00
N VAL E 21 -31.33 -27.16 -25.87
CA VAL E 21 -32.44 -28.00 -26.33
C VAL E 21 -32.69 -28.12 -27.84
N VAL E 22 -32.08 -27.23 -28.62
CA VAL E 22 -32.29 -27.21 -30.07
C VAL E 22 -31.25 -28.00 -30.88
N LEU E 23 -30.53 -28.91 -30.24
CA LEU E 23 -29.46 -29.62 -30.96
C LEU E 23 -29.84 -30.49 -32.17
N GLY E 24 -30.89 -31.29 -32.10
CA GLY E 24 -31.26 -32.13 -33.23
C GLY E 24 -32.63 -31.93 -33.86
N ALA E 25 -33.36 -30.93 -33.39
CA ALA E 25 -34.72 -30.65 -33.84
C ALA E 25 -35.04 -30.23 -35.29
N GLN E 26 -34.21 -29.40 -35.91
CA GLN E 26 -34.54 -28.86 -37.23
C GLN E 26 -33.38 -28.92 -38.18
N TYR E 27 -32.15 -29.06 -37.68
CA TYR E 27 -31.00 -29.18 -38.56
C TYR E 27 -31.02 -30.50 -39.32
N GLU E 28 -31.05 -31.62 -38.57
CA GLU E 28 -30.96 -33.04 -38.97
C GLU E 28 -29.59 -33.39 -39.57
N ASP E 29 -28.72 -32.40 -39.69
CA ASP E 29 -27.27 -32.56 -39.66
C ASP E 29 -26.97 -32.05 -38.26
N GLY E 30 -26.86 -32.98 -37.32
CA GLY E 30 -27.06 -32.74 -35.90
C GLY E 30 -26.24 -31.62 -35.29
N CYS E 31 -24.92 -31.77 -35.31
CA CYS E 31 -24.05 -30.67 -34.95
C CYS E 31 -23.23 -30.33 -36.18
N SER E 32 -23.79 -29.48 -37.04
CA SER E 32 -23.11 -28.99 -38.21
C SER E 32 -23.42 -27.52 -38.42
N GLY E 33 -23.37 -26.74 -37.34
CA GLY E 33 -23.74 -25.35 -37.41
C GLY E 33 -24.38 -24.85 -36.14
N VAL E 34 -24.55 -25.73 -35.14
CA VAL E 34 -24.94 -25.28 -33.82
C VAL E 34 -23.75 -24.63 -33.14
N VAL E 35 -23.95 -23.45 -32.54
CA VAL E 35 -22.86 -22.72 -31.87
C VAL E 35 -22.76 -22.84 -30.35
N ILE E 36 -23.64 -23.64 -29.75
CA ILE E 36 -23.67 -23.78 -28.29
C ILE E 36 -22.38 -24.35 -27.68
N LEU E 37 -21.77 -25.33 -28.32
CA LEU E 37 -20.55 -25.92 -27.79
C LEU E 37 -19.44 -24.87 -27.73
N LYS E 38 -19.35 -24.09 -28.80
CA LYS E 38 -18.35 -23.03 -28.88
C LYS E 38 -18.60 -22.02 -27.78
N THR E 39 -19.87 -21.66 -27.56
CA THR E 39 -20.16 -20.70 -26.51
C THR E 39 -19.75 -21.25 -25.14
N LEU E 40 -20.02 -22.53 -24.91
CA LEU E 40 -19.69 -23.18 -23.66
C LEU E 40 -18.19 -23.15 -23.39
N HIS E 41 -17.39 -23.35 -24.44
CA HIS E 41 -15.93 -23.32 -24.24
C HIS E 41 -15.23 -21.98 -24.48
N MET E 42 -15.98 -20.91 -24.74
CA MET E 42 -15.35 -19.60 -25.02
C MET E 42 -15.40 -18.45 -23.99
N PHE E 43 -15.55 -18.68 -22.69
CA PHE E 43 -15.71 -17.47 -21.88
C PHE E 43 -15.09 -17.65 -20.51
N GLU E 44 -14.91 -16.52 -19.85
CA GLU E 44 -14.21 -16.42 -18.58
C GLU E 44 -15.03 -15.61 -17.61
N VAL E 45 -14.67 -15.67 -16.34
CA VAL E 45 -15.42 -15.00 -15.28
C VAL E 45 -15.23 -13.50 -15.40
N PRO E 46 -16.30 -12.71 -15.38
CA PRO E 46 -16.14 -11.27 -15.53
C PRO E 46 -15.46 -10.67 -14.33
N PHE E 47 -14.69 -9.63 -14.56
CA PHE E 47 -14.01 -9.01 -13.45
C PHE E 47 -15.00 -8.24 -12.60
N LEU E 48 -14.76 -8.26 -11.30
CA LEU E 48 -15.65 -7.61 -10.35
C LEU E 48 -15.65 -6.10 -10.57
N LEU E 49 -16.83 -5.50 -10.44
CA LEU E 49 -16.93 -4.06 -10.59
C LEU E 49 -16.16 -3.36 -9.46
N VAL E 50 -15.55 -2.24 -9.80
CA VAL E 50 -14.82 -1.45 -8.81
C VAL E 50 -15.79 -0.87 -7.79
N GLY E 51 -16.79 -0.15 -8.26
CA GLY E 51 -17.88 0.31 -7.42
C GLY E 51 -19.14 0.44 -8.25
N ASP E 65 -10.74 8.94 8.17
CA ASP E 65 -10.91 10.14 8.99
C ASP E 65 -9.61 10.93 8.96
N SER E 66 -9.42 11.80 9.93
CA SER E 66 -8.29 12.71 9.93
C SER E 66 -7.14 12.10 10.70
N PRO E 67 -5.95 11.98 10.10
CA PRO E 67 -4.83 11.40 10.82
C PRO E 67 -4.14 12.41 11.73
N HIS E 68 -3.63 11.93 12.84
CA HIS E 68 -2.91 12.73 13.79
C HIS E 68 -1.44 12.31 13.78
N SER E 69 -0.66 12.91 14.66
CA SER E 69 0.77 12.69 14.70
C SER E 69 1.32 13.26 15.98
N TYR E 70 2.21 12.54 16.61
CA TYR E 70 2.78 12.98 17.88
C TYR E 70 3.99 13.83 17.63
N HIS E 71 3.95 15.07 18.08
CA HIS E 71 5.08 15.94 17.84
C HIS E 71 6.21 15.64 18.80
N SER E 72 7.42 15.63 18.25
CA SER E 72 8.62 15.35 19.03
C SER E 72 9.21 16.64 19.56
N VAL F 1 38.28 15.79 2.74
CA VAL F 1 38.80 17.10 3.10
C VAL F 1 38.82 17.28 4.62
N ALA F 2 40.00 17.32 5.20
CA ALA F 2 40.15 17.48 6.64
C ALA F 2 41.63 17.62 6.91
N LEU F 3 42.11 18.85 7.00
CA LEU F 3 43.53 19.09 7.22
C LEU F 3 43.88 18.83 8.67
N VAL F 4 44.91 18.03 8.91
CA VAL F 4 45.36 17.75 10.27
C VAL F 4 46.83 18.14 10.38
N GLU F 5 47.13 19.03 11.32
CA GLU F 5 48.49 19.48 11.53
C GLU F 5 49.15 18.73 12.68
N SER F 6 50.45 18.54 12.57
CA SER F 6 51.28 17.95 13.61
C SER F 6 52.69 18.53 13.47
N GLY F 7 53.60 18.02 14.29
CA GLY F 7 54.95 18.50 14.30
C GLY F 7 55.18 19.70 15.19
N GLY F 8 54.27 19.97 16.12
CA GLY F 8 54.34 21.14 16.98
C GLY F 8 54.86 20.78 18.35
N ALA F 9 55.93 21.47 18.75
CA ALA F 9 56.58 21.18 20.02
C ALA F 9 57.06 22.48 20.64
N LEU F 10 57.53 22.39 21.89
CA LEU F 10 58.14 23.52 22.56
C LEU F 10 59.55 23.68 22.03
N VAL F 11 59.77 24.72 21.23
CA VAL F 11 61.06 24.93 20.58
C VAL F 11 61.67 26.21 21.12
N GLN F 12 62.92 26.10 21.57
CA GLN F 12 63.66 27.23 22.08
C GLN F 12 64.04 28.16 20.93
N PRO F 13 64.35 29.45 21.20
CA PRO F 13 64.53 30.42 20.10
C PRO F 13 65.82 30.28 19.29
N GLY F 14 66.53 29.16 19.40
CA GLY F 14 67.69 28.93 18.56
C GLY F 14 67.58 27.67 17.74
N GLY F 15 66.45 26.99 17.82
CA GLY F 15 66.23 25.74 17.11
C GLY F 15 65.14 25.89 16.07
N SER F 16 65.28 25.19 14.95
CA SER F 16 64.26 25.27 13.89
C SER F 16 63.52 23.95 13.74
N LEU F 17 62.19 24.00 13.81
CA LEU F 17 61.37 22.80 13.70
C LEU F 17 60.31 22.89 12.60
N ARG F 18 60.26 21.89 11.74
CA ARG F 18 59.29 21.82 10.65
C ARG F 18 57.89 21.51 11.19
N LEU F 19 56.87 22.04 10.51
CA LEU F 19 55.49 21.79 10.93
C LEU F 19 54.74 21.12 9.80
N SER F 20 54.20 19.93 10.04
CA SER F 20 53.56 19.18 8.97
C SER F 20 52.05 19.35 9.04
N CYS F 21 51.42 19.28 7.87
CA CYS F 21 49.96 19.33 7.75
C CYS F 21 49.58 18.31 6.69
N ALA F 22 48.89 17.26 7.11
CA ALA F 22 48.44 16.20 6.23
C ALA F 22 47.08 16.54 5.67
N ALA F 23 46.98 16.50 4.35
CA ALA F 23 45.75 16.75 3.61
C ALA F 23 45.11 15.45 3.23
N SER F 24 43.80 15.36 3.42
CA SER F 24 43.07 14.12 3.18
C SER F 24 41.78 14.44 2.44
N GLY F 25 41.75 14.17 1.14
CA GLY F 25 40.54 14.36 0.36
C GLY F 25 40.71 15.20 -0.87
N PHE F 26 41.93 15.63 -1.18
CA PHE F 26 42.21 16.45 -2.35
C PHE F 26 43.71 16.40 -2.61
N PRO F 27 44.15 16.54 -3.85
CA PRO F 27 45.58 16.60 -4.12
C PRO F 27 46.16 17.97 -3.81
N VAL F 28 47.38 17.96 -3.28
CA VAL F 28 48.13 19.20 -3.07
C VAL F 28 48.78 19.68 -4.35
N ASN F 29 48.70 18.90 -5.43
CA ASN F 29 49.28 19.28 -6.71
C ASN F 29 48.60 20.49 -7.33
N ARG F 30 47.32 20.73 -7.01
CA ARG F 30 46.52 21.69 -7.73
C ARG F 30 45.70 22.56 -6.79
N TYR F 31 46.18 22.77 -5.57
CA TYR F 31 45.49 23.65 -4.63
C TYR F 31 46.51 24.39 -3.81
N SER F 32 46.37 25.71 -3.74
CA SER F 32 47.28 26.55 -3.00
C SER F 32 46.93 26.46 -1.52
N MET F 33 47.84 25.90 -0.73
CA MET F 33 47.64 25.76 0.70
C MET F 33 48.40 26.85 1.45
N ARG F 34 47.81 27.34 2.52
CA ARG F 34 48.36 28.47 3.25
C ARG F 34 48.52 28.13 4.71
N TRP F 35 49.47 28.80 5.34
CA TRP F 35 49.80 28.60 6.74
C TRP F 35 49.53 29.91 7.46
N TYR F 36 48.50 29.90 8.30
CA TYR F 36 48.12 31.02 9.13
C TYR F 36 48.60 30.77 10.54
N ARG F 37 48.55 31.80 11.38
CA ARG F 37 48.80 31.60 12.80
C ARG F 37 47.91 32.54 13.60
N GLN F 38 47.63 32.14 14.84
CA GLN F 38 46.91 33.00 15.77
C GLN F 38 47.49 32.77 17.16
N ALA F 39 48.09 33.80 17.73
CA ALA F 39 48.49 33.75 19.12
C ALA F 39 47.24 33.85 20.00
N PRO F 40 47.32 33.41 21.26
CA PRO F 40 46.22 33.68 22.19
C PRO F 40 46.02 35.17 22.41
N GLY F 41 44.83 35.64 22.05
CA GLY F 41 44.48 37.05 22.11
C GLY F 41 44.63 37.79 20.80
N LYS F 42 45.45 37.29 19.90
CA LYS F 42 45.72 37.91 18.61
C LYS F 42 44.57 37.56 17.67
N GLU F 43 44.38 38.32 16.60
CA GLU F 43 43.48 37.94 15.53
C GLU F 43 44.26 37.18 14.45
N ARG F 44 43.58 36.22 13.83
CA ARG F 44 44.18 35.20 12.98
C ARG F 44 44.77 35.85 11.72
N GLU F 45 46.09 35.78 11.58
CA GLU F 45 46.78 36.43 10.49
C GLU F 45 47.44 35.40 9.61
N TRP F 46 47.83 35.84 8.42
CA TRP F 46 48.42 34.98 7.42
C TRP F 46 49.94 35.06 7.49
N VAL F 47 50.59 33.90 7.58
CA VAL F 47 52.03 33.82 7.74
C VAL F 47 52.69 33.51 6.40
N ALA F 48 52.40 32.36 5.84
CA ALA F 48 53.11 31.91 4.65
C ALA F 48 52.17 31.13 3.75
N GLY F 49 52.66 30.79 2.57
CA GLY F 49 51.89 29.89 1.74
C GLY F 49 52.13 30.06 0.27
N MET F 50 52.10 28.97 -0.49
CA MET F 50 52.33 29.04 -1.93
C MET F 50 51.21 28.35 -2.71
N SER F 51 50.91 28.85 -3.91
CA SER F 51 49.85 28.27 -4.71
C SER F 51 50.27 27.77 -6.08
N SER F 52 49.45 26.85 -6.62
CA SER F 52 49.62 26.17 -7.91
C SER F 52 50.92 25.39 -8.01
N ALA F 53 51.25 24.74 -6.87
CA ALA F 53 52.47 23.96 -6.56
C ALA F 53 53.78 24.75 -6.37
N GLY F 54 54.77 24.45 -7.20
CA GLY F 54 56.08 25.04 -7.02
C GLY F 54 56.81 26.20 -7.66
N ASP F 55 56.16 26.99 -8.49
CA ASP F 55 56.85 28.12 -9.13
C ASP F 55 56.71 29.47 -8.42
N ARG F 56 56.02 29.54 -7.29
CA ARG F 56 55.97 30.82 -6.60
C ARG F 56 55.42 30.64 -5.20
N SER F 57 56.02 31.34 -4.25
CA SER F 57 55.58 31.23 -2.87
C SER F 57 55.84 32.55 -2.17
N SER F 58 54.85 33.03 -1.43
CA SER F 58 54.93 34.30 -0.74
C SER F 58 54.91 34.06 0.76
N TYR F 59 55.35 35.08 1.49
CA TYR F 59 55.45 35.03 2.94
C TYR F 59 55.05 36.38 3.50
N GLU F 60 54.87 36.45 4.81
CA GLU F 60 54.71 37.74 5.45
C GLU F 60 56.09 38.27 5.82
N ASP F 61 56.17 39.59 6.00
CA ASP F 61 57.45 40.24 6.19
C ASP F 61 58.02 40.09 7.60
N SER F 62 57.29 39.45 8.50
CA SER F 62 57.90 39.06 9.77
C SER F 62 58.64 37.74 9.67
N VAL F 63 58.48 37.00 8.56
CA VAL F 63 59.21 35.75 8.36
C VAL F 63 59.90 35.76 7.01
N LYS F 64 59.87 36.91 6.32
CA LYS F 64 60.44 36.98 4.98
C LYS F 64 61.96 36.93 5.04
N GLY F 65 62.54 36.08 4.20
CA GLY F 65 63.93 35.72 4.29
C GLY F 65 64.23 34.60 5.27
N ARG F 66 63.24 34.18 6.06
CA ARG F 66 63.44 33.15 7.07
C ARG F 66 62.65 31.88 6.78
N PHE F 67 61.33 31.98 6.67
CA PHE F 67 60.49 30.80 6.57
C PHE F 67 60.54 30.23 5.16
N THR F 68 60.06 28.99 5.04
CA THR F 68 59.90 28.35 3.74
C THR F 68 58.80 27.31 3.87
N ILE F 69 57.71 27.50 3.15
CA ILE F 69 56.69 26.46 3.04
C ILE F 69 57.09 25.55 1.89
N SER F 70 57.05 24.25 2.14
CA SER F 70 57.29 23.26 1.11
C SER F 70 56.16 22.24 1.16
N ARG F 71 56.18 21.31 0.21
CA ARG F 71 55.15 20.29 0.18
C ARG F 71 55.73 19.05 -0.46
N ASP F 72 54.96 17.96 -0.40
CA ASP F 72 55.28 16.77 -1.17
C ASP F 72 53.98 16.11 -1.58
N ASP F 73 53.86 15.85 -2.88
CA ASP F 73 52.62 15.34 -3.44
C ASP F 73 52.52 13.84 -3.26
N ALA F 74 53.65 13.13 -3.36
CA ALA F 74 53.67 11.69 -3.11
C ALA F 74 53.32 11.39 -1.66
N ARG F 75 53.76 12.24 -0.74
CA ARG F 75 53.28 12.15 0.63
C ARG F 75 51.96 12.89 0.83
N ASN F 76 51.64 13.83 -0.08
CA ASN F 76 50.42 14.65 -0.06
C ASN F 76 50.28 15.41 1.25
N THR F 77 51.28 16.23 1.54
CA THR F 77 51.28 17.01 2.76
C THR F 77 52.15 18.23 2.59
N VAL F 78 51.95 19.22 3.46
CA VAL F 78 52.76 20.43 3.40
C VAL F 78 53.54 20.57 4.70
N TYR F 79 54.69 21.23 4.60
CA TYR F 79 55.59 21.42 5.73
C TYR F 79 55.97 22.89 5.80
N LEU F 80 56.09 23.36 7.02
CA LEU F 80 56.57 24.72 7.23
C LEU F 80 57.97 24.45 7.72
N GLN F 81 58.39 25.41 8.55
CA GLN F 81 59.66 25.46 9.26
C GLN F 81 59.56 26.53 10.39
N MET F 82 60.21 26.25 11.51
CA MET F 82 60.21 27.13 12.67
C MET F 82 61.63 27.60 12.93
N ASN F 83 62.40 27.75 11.86
CA ASN F 83 63.79 28.20 11.94
C ASN F 83 63.90 29.68 12.26
N SER F 84 64.77 30.00 13.22
CA SER F 84 65.06 31.36 13.72
C SER F 84 63.87 32.07 14.37
N LEU F 85 62.95 31.28 14.94
CA LEU F 85 61.76 31.82 15.59
C LEU F 85 62.09 32.45 16.95
N LYS F 86 61.37 33.52 17.27
CA LYS F 86 61.56 34.21 18.54
C LYS F 86 60.29 34.10 19.37
N PRO F 87 60.43 34.25 20.70
CA PRO F 87 59.26 34.17 21.59
C PRO F 87 58.13 35.10 21.20
N GLU F 88 58.35 36.03 20.26
CA GLU F 88 57.29 36.86 19.74
C GLU F 88 56.29 36.07 18.90
N ASP F 89 56.71 34.94 18.33
CA ASP F 89 55.87 34.15 17.43
C ASP F 89 55.30 32.90 18.08
N THR F 90 55.03 32.93 19.38
CA THR F 90 54.23 31.88 19.99
C THR F 90 52.79 31.97 19.50
N ALA F 91 52.23 30.85 19.03
CA ALA F 91 50.90 30.86 18.44
C ALA F 91 50.35 29.44 18.40
N VAL F 92 49.13 29.34 17.87
CA VAL F 92 48.58 28.11 17.32
C VAL F 92 48.56 28.31 15.82
N TYR F 93 49.24 27.43 15.10
CA TYR F 93 49.38 27.56 13.66
C TYR F 93 48.30 26.74 12.97
N TYR F 94 47.82 27.26 11.86
CA TYR F 94 46.65 26.70 11.18
C TYR F 94 46.98 26.44 9.72
N CYS F 95 46.48 25.32 9.23
CA CYS F 95 46.61 24.94 7.84
C CYS F 95 45.29 25.25 7.16
N ASN F 96 45.35 26.03 6.08
CA ASN F 96 44.15 26.52 5.43
C ASN F 96 44.20 26.18 3.95
N VAL F 97 43.09 25.68 3.43
CA VAL F 97 42.99 25.37 2.01
C VAL F 97 41.61 25.79 1.54
N ASN F 98 41.48 25.99 0.22
CA ASN F 98 40.21 26.41 -0.36
C ASN F 98 39.92 25.58 -1.61
N VAL F 99 39.23 24.47 -1.41
CA VAL F 99 38.72 23.66 -2.50
C VAL F 99 37.20 23.63 -2.39
N GLY F 100 36.56 24.48 -3.17
CA GLY F 100 35.13 24.67 -3.08
C GLY F 100 34.79 25.51 -1.87
N PHE F 101 34.83 24.90 -0.70
CA PHE F 101 34.65 25.60 0.56
C PHE F 101 35.99 26.11 1.03
N GLU F 102 36.08 26.49 2.29
CA GLU F 102 37.33 26.79 2.96
C GLU F 102 37.47 25.88 4.16
N TYR F 103 38.49 25.04 4.16
CA TYR F 103 38.73 24.08 5.23
C TYR F 103 39.90 24.52 6.07
N TRP F 104 39.72 24.50 7.39
CA TRP F 104 40.76 24.88 8.33
C TRP F 104 41.29 23.65 9.04
N GLY F 105 42.55 23.69 9.40
CA GLY F 105 43.10 22.67 10.26
C GLY F 105 42.69 22.88 11.70
N GLN F 106 43.04 21.91 12.54
CA GLN F 106 42.67 22.00 13.95
C GLN F 106 43.58 22.94 14.72
N GLY F 107 44.80 23.14 14.26
CA GLY F 107 45.72 24.03 14.93
C GLY F 107 46.76 23.33 15.76
N THR F 108 48.02 23.67 15.54
CA THR F 108 49.14 23.12 16.28
C THR F 108 49.74 24.19 17.18
N GLN F 109 49.83 23.90 18.48
CA GLN F 109 50.30 24.88 19.44
C GLN F 109 51.82 24.83 19.52
N VAL F 110 52.47 25.95 19.22
CA VAL F 110 53.90 26.11 19.50
C VAL F 110 54.10 27.39 20.30
N THR F 111 54.73 27.25 21.45
CA THR F 111 55.11 28.40 22.27
C THR F 111 56.62 28.40 22.42
N VAL F 112 57.26 29.50 22.01
CA VAL F 112 58.70 29.64 22.10
C VAL F 112 58.95 30.39 23.40
N SER F 113 59.47 29.68 24.40
CA SER F 113 59.76 30.30 25.68
C SER F 113 61.15 29.89 26.16
N LYS G 1 5.86 40.42 10.35
CA LYS G 1 6.13 39.61 9.18
C LYS G 1 7.03 40.29 8.15
N GLY G 2 6.57 40.38 6.91
CA GLY G 2 7.30 41.00 5.82
C GLY G 2 8.13 40.00 5.06
N GLU G 3 9.25 39.57 5.63
CA GLU G 3 10.04 38.56 4.93
C GLU G 3 9.71 37.17 5.47
N GLU G 4 9.05 37.11 6.62
CA GLU G 4 8.38 35.90 7.06
C GLU G 4 7.25 35.51 6.11
N LEU G 5 6.78 36.45 5.30
CA LEU G 5 5.89 36.18 4.17
C LEU G 5 6.63 35.53 3.00
N PHE G 6 7.93 35.81 2.84
CA PHE G 6 8.71 35.31 1.70
C PHE G 6 9.53 34.08 2.05
N THR G 7 8.97 33.16 2.84
CA THR G 7 9.66 31.92 3.17
C THR G 7 9.94 31.08 1.92
N GLY G 8 9.05 31.14 0.93
CA GLY G 8 9.31 30.50 -0.34
C GLY G 8 10.41 31.21 -1.14
N VAL G 9 10.69 30.63 -2.30
CA VAL G 9 11.86 31.04 -3.08
C VAL G 9 11.62 32.40 -3.74
N VAL G 10 12.67 33.20 -3.79
CA VAL G 10 12.57 34.62 -4.12
C VAL G 10 13.41 34.90 -5.36
N PRO G 11 12.88 35.62 -6.36
CA PRO G 11 13.71 36.02 -7.50
C PRO G 11 14.67 37.14 -7.14
N ILE G 12 15.91 37.02 -7.62
CA ILE G 12 16.98 37.94 -7.28
C ILE G 12 17.55 38.51 -8.58
N LEU G 13 17.23 39.78 -8.86
CA LEU G 13 17.90 40.57 -9.89
C LEU G 13 19.07 41.31 -9.28
N VAL G 14 20.21 41.25 -9.96
CA VAL G 14 21.37 42.06 -9.60
C VAL G 14 21.78 42.88 -10.81
N GLU G 15 21.92 44.19 -10.61
CA GLU G 15 22.34 45.14 -11.62
C GLU G 15 23.52 45.90 -11.05
N LEU G 16 24.64 45.90 -11.75
CA LEU G 16 25.80 46.64 -11.26
C LEU G 16 26.44 47.42 -12.38
N ASP G 17 26.63 48.71 -12.14
CA ASP G 17 27.48 49.56 -12.96
C ASP G 17 28.55 50.16 -12.06
N GLY G 18 29.69 50.49 -12.65
CA GLY G 18 30.75 51.04 -11.84
C GLY G 18 31.94 51.47 -12.66
N ASP G 19 32.79 52.25 -12.01
CA ASP G 19 33.98 52.80 -12.65
C ASP G 19 35.19 52.64 -11.74
N VAL G 20 36.28 52.13 -12.31
CA VAL G 20 37.58 52.13 -11.66
C VAL G 20 38.63 52.69 -12.62
N ASN G 21 39.30 53.77 -12.20
CA ASN G 21 40.36 54.45 -12.96
C ASN G 21 39.87 54.88 -14.34
N GLY G 22 38.65 55.37 -14.41
CA GLY G 22 38.07 55.75 -15.68
C GLY G 22 37.75 54.60 -16.60
N HIS G 23 37.68 53.38 -16.07
CA HIS G 23 37.41 52.19 -16.87
C HIS G 23 36.07 51.62 -16.42
N LYS G 24 35.26 51.28 -17.41
CA LYS G 24 33.83 51.01 -17.27
C LYS G 24 33.58 49.54 -16.95
N PHE G 25 32.58 49.27 -16.11
CA PHE G 25 32.09 47.91 -15.99
C PHE G 25 30.60 47.88 -15.65
N SER G 26 29.95 46.80 -16.13
CA SER G 26 28.50 46.62 -16.06
C SER G 26 28.22 45.12 -16.06
N VAL G 27 27.79 44.58 -14.93
CA VAL G 27 27.51 43.15 -14.78
C VAL G 27 26.09 42.98 -14.26
N SER G 28 25.33 42.06 -14.85
CA SER G 28 23.98 41.77 -14.39
C SER G 28 23.87 40.31 -13.98
N GLY G 29 22.68 39.93 -13.52
CA GLY G 29 22.48 38.53 -13.19
C GLY G 29 21.16 38.28 -12.50
N GLU G 30 20.83 36.98 -12.40
CA GLU G 30 19.54 36.55 -11.88
C GLU G 30 19.68 35.23 -11.17
N GLY G 31 18.92 35.04 -10.10
CA GLY G 31 18.88 33.76 -9.46
C GLY G 31 17.80 33.68 -8.41
N GLU G 32 18.00 32.77 -7.46
CA GLU G 32 16.99 32.50 -6.45
C GLU G 32 17.58 32.57 -5.05
N GLY G 33 16.74 32.99 -4.11
CA GLY G 33 17.12 33.02 -2.71
C GLY G 33 16.10 32.32 -1.84
N ASP G 34 16.60 31.68 -0.78
CA ASP G 34 15.76 30.93 0.14
C ASP G 34 16.13 31.29 1.56
N ALA G 35 15.12 31.42 2.42
CA ALA G 35 15.34 31.83 3.81
C ALA G 35 15.19 30.71 4.82
N THR G 36 14.29 29.75 4.62
CA THR G 36 14.14 28.68 5.59
C THR G 36 15.31 27.72 5.54
N TYR G 37 15.96 27.56 4.38
CA TYR G 37 17.27 26.94 4.36
C TYR G 37 18.37 27.99 4.33
N GLY G 38 18.08 29.16 3.79
CA GLY G 38 19.04 30.24 3.76
C GLY G 38 20.18 29.99 2.80
N LYS G 39 19.90 30.05 1.51
CA LYS G 39 20.94 29.90 0.51
C LYS G 39 20.62 30.79 -0.67
N LEU G 40 21.63 31.01 -1.51
CA LEU G 40 21.49 31.83 -2.70
C LEU G 40 22.11 31.08 -3.85
N THR G 41 21.32 30.82 -4.89
CA THR G 41 21.79 30.12 -6.09
C THR G 41 21.63 31.10 -7.24
N LEU G 42 22.74 31.67 -7.70
CA LEU G 42 22.68 32.88 -8.52
C LEU G 42 23.52 32.68 -9.76
N LYS G 43 22.96 32.95 -10.93
CA LYS G 43 23.69 32.88 -12.19
C LYS G 43 23.96 34.32 -12.64
N PHE G 44 25.23 34.70 -12.62
CA PHE G 44 25.62 36.07 -12.91
C PHE G 44 26.41 36.13 -14.20
N ILE G 45 26.17 37.18 -14.99
CA ILE G 45 26.67 37.31 -16.35
C ILE G 45 27.27 38.72 -16.51
N CYS G 46 28.53 38.78 -16.93
CA CYS G 46 29.17 40.05 -17.26
C CYS G 46 28.68 40.50 -18.63
N THR G 47 27.79 41.49 -18.64
CA THR G 47 27.18 41.98 -19.88
C THR G 47 27.84 43.24 -20.43
N THR G 48 29.11 43.46 -20.12
CA THR G 48 29.83 44.58 -20.73
C THR G 48 31.10 44.15 -21.46
N GLY G 49 31.59 42.94 -21.24
CA GLY G 49 32.90 42.56 -21.74
C GLY G 49 33.78 41.91 -20.70
N LYS G 50 34.89 42.55 -20.35
CA LYS G 50 35.87 41.96 -19.46
C LYS G 50 35.89 42.71 -18.12
N LEU G 51 36.35 42.00 -17.11
CA LEU G 51 36.30 42.49 -15.74
C LEU G 51 37.51 43.36 -15.46
N PRO G 52 37.33 44.63 -15.10
CA PRO G 52 38.45 45.44 -14.63
C PRO G 52 38.99 44.91 -13.31
N VAL G 53 38.12 44.84 -12.31
CA VAL G 53 38.48 44.21 -11.05
C VAL G 53 37.84 42.82 -11.09
N PRO G 54 38.47 41.80 -10.54
CA PRO G 54 37.97 40.44 -10.73
C PRO G 54 36.82 40.14 -9.80
N TRP G 55 36.02 39.18 -10.22
CA TRP G 55 34.90 38.56 -9.53
C TRP G 55 35.06 38.35 -8.02
N PRO G 56 36.21 37.89 -7.48
CA PRO G 56 36.29 37.83 -6.01
C PRO G 56 36.25 39.19 -5.36
N THR G 57 36.85 40.21 -5.96
CA THR G 57 36.65 41.58 -5.46
C THR G 57 35.25 42.11 -5.73
N LEU G 58 34.37 41.33 -6.34
CA LEU G 58 33.02 41.70 -6.68
C LEU G 58 31.98 41.08 -5.76
N VAL G 59 32.30 39.95 -5.10
CA VAL G 59 31.25 39.12 -4.52
C VAL G 59 30.69 39.73 -3.24
N THR G 60 31.49 40.46 -2.46
CA THR G 60 30.93 41.12 -1.29
C THR G 60 30.09 42.32 -1.67
N THR G 61 30.21 42.92 -3.00
CA THR G 61 29.43 43.97 -3.64
C THR G 61 28.14 43.43 -4.26
N PHE G 62 28.17 41.84 -4.40
CA PHE G 62 27.00 41.34 -5.16
C PHE G 62 25.77 41.36 -4.25
N VAL G 64 22.00 41.83 -0.38
CA VAL G 64 21.15 40.69 -0.64
C VAL G 64 21.42 39.79 0.58
N GLN G 65 21.68 40.51 1.94
CA GLN G 65 21.96 39.84 3.20
C GLN G 65 20.71 39.44 3.95
N CYS G 66 19.59 39.44 3.48
CA CYS G 66 18.32 39.12 4.10
C CYS G 66 17.96 37.65 3.99
N PHE G 67 18.72 36.88 3.22
CA PHE G 67 18.40 35.48 2.96
C PHE G 67 19.12 34.54 3.91
N SER G 68 19.28 34.96 5.16
CA SER G 68 19.91 34.13 6.17
C SER G 68 19.00 32.97 6.56
N ARG G 69 19.57 31.99 7.25
CA ARG G 69 18.81 30.95 7.89
C ARG G 69 18.80 31.20 9.39
N TYR G 70 17.61 31.32 9.97
CA TYR G 70 17.52 31.57 11.40
C TYR G 70 16.94 30.40 12.15
N PRO G 71 17.62 29.89 13.16
CA PRO G 71 16.97 29.00 14.12
C PRO G 71 16.02 29.77 15.03
N ASP G 72 15.39 29.05 15.97
CA ASP G 72 14.19 29.55 16.64
C ASP G 72 14.44 30.72 17.57
N HIS G 73 15.67 30.93 18.04
CA HIS G 73 15.87 31.88 19.12
C HIS G 73 16.26 33.26 18.64
N MET G 74 16.92 33.37 17.48
CA MET G 74 17.35 34.65 16.95
C MET G 74 16.31 35.28 16.05
N LYS G 75 15.06 34.83 16.14
CA LYS G 75 13.99 35.37 15.32
C LYS G 75 13.66 36.80 15.71
N ARG G 76 13.87 37.16 16.97
CA ARG G 76 13.65 38.54 17.40
C ARG G 76 14.80 39.44 16.97
N HIS G 77 15.99 38.89 16.77
CA HIS G 77 17.21 39.67 16.71
C HIS G 77 17.68 39.91 15.29
N ASP G 78 16.76 40.17 14.36
CA ASP G 78 17.13 40.50 13.00
C ASP G 78 16.71 41.92 12.67
N PHE G 79 17.61 42.64 12.01
CA PHE G 79 17.21 43.88 11.37
C PHE G 79 16.67 43.68 9.96
N PHE G 80 17.19 42.69 9.24
CA PHE G 80 16.95 42.55 7.81
C PHE G 80 15.59 41.98 7.47
N LYS G 81 14.72 41.78 8.45
CA LYS G 81 13.32 41.49 8.24
C LYS G 81 12.43 42.60 8.77
N SER G 82 13.01 43.74 9.10
CA SER G 82 12.25 44.91 9.55
C SER G 82 12.11 45.97 8.48
N ALA G 83 13.18 46.22 7.72
CA ALA G 83 13.14 47.13 6.59
C ALA G 83 12.61 46.48 5.32
N MET G 84 12.28 45.23 5.37
CA MET G 84 11.71 44.59 4.22
C MET G 84 10.26 44.24 4.50
N PRO G 85 9.35 44.39 3.53
CA PRO G 85 9.52 44.68 2.10
C PRO G 85 9.66 46.17 1.76
N GLU G 86 9.87 47.02 2.77
CA GLU G 86 9.90 48.46 2.55
C GLU G 86 11.10 48.90 1.73
N GLY G 87 12.21 48.19 1.81
CA GLY G 87 13.37 48.56 1.05
C GLY G 87 14.59 48.78 1.93
N TYR G 88 15.75 48.78 1.30
CA TYR G 88 17.01 48.71 2.00
C TYR G 88 18.08 49.43 1.21
N VAL G 89 19.01 50.08 1.91
CA VAL G 89 20.08 50.85 1.27
C VAL G 89 21.38 50.51 1.99
N GLN G 90 22.42 50.17 1.23
CA GLN G 90 23.68 49.91 1.90
C GLN G 90 24.85 50.47 1.09
N GLU G 91 25.75 51.12 1.81
CA GLU G 91 26.97 51.65 1.22
C GLU G 91 28.15 51.16 2.02
N ARG G 92 29.26 50.91 1.33
CA ARG G 92 30.43 50.38 2.02
C ARG G 92 31.67 51.16 1.66
N THR G 93 32.51 51.33 2.67
CA THR G 93 33.90 51.73 2.49
C THR G 93 34.74 50.45 2.58
N ILE G 94 35.39 50.11 1.48
CA ILE G 94 36.14 48.86 1.39
C ILE G 94 37.59 49.27 1.21
N SER G 95 38.40 49.08 2.24
CA SER G 95 39.80 49.43 2.17
C SER G 95 40.61 48.19 1.87
N PHE G 96 41.19 48.18 0.66
CA PHE G 96 42.27 47.27 0.33
C PHE G 96 43.52 47.75 1.06
N LYS G 97 44.15 46.87 1.83
CA LYS G 97 45.50 47.17 2.27
C LYS G 97 46.42 47.02 1.07
N ASP G 98 47.45 47.87 1.04
CA ASP G 98 48.44 48.01 -0.05
C ASP G 98 47.82 48.45 -1.39
N ASP G 99 46.59 48.93 -1.37
CA ASP G 99 45.93 49.42 -2.58
C ASP G 99 44.89 50.45 -2.14
N GLY G 100 44.01 50.86 -3.05
CA GLY G 100 43.11 51.95 -2.76
C GLY G 100 41.79 51.55 -2.13
N ASN G 101 40.70 52.22 -2.54
CA ASN G 101 39.46 52.13 -1.80
C ASN G 101 38.27 52.01 -2.73
N TYR G 102 37.36 51.11 -2.38
CA TYR G 102 36.02 51.07 -2.96
C TYR G 102 35.08 51.93 -2.11
N LYS G 103 34.29 52.75 -2.78
CA LYS G 103 33.07 53.28 -2.19
C LYS G 103 31.93 52.69 -3.00
N THR G 104 31.18 51.77 -2.40
CA THR G 104 30.11 51.15 -3.12
C THR G 104 28.78 51.68 -2.60
N ARG G 105 27.81 51.72 -3.50
CA ARG G 105 26.65 52.57 -3.47
C ARG G 105 25.49 51.74 -3.96
N ALA G 106 24.72 51.12 -3.05
CA ALA G 106 23.75 50.17 -3.54
C ALA G 106 22.43 50.35 -2.79
N GLU G 107 21.34 50.17 -3.51
CA GLU G 107 20.05 50.00 -2.87
C GLU G 107 19.53 48.61 -3.16
N VAL G 108 19.19 47.90 -2.10
CA VAL G 108 18.73 46.52 -2.14
C VAL G 108 17.27 46.58 -1.72
N LYS G 109 16.36 46.38 -2.67
CA LYS G 109 14.96 46.49 -2.29
C LYS G 109 14.10 45.57 -3.14
N PHE G 110 12.93 45.25 -2.59
CA PHE G 110 11.89 44.52 -3.30
C PHE G 110 11.23 45.46 -4.29
N GLU G 111 11.72 45.46 -5.53
CA GLU G 111 11.07 46.20 -6.60
C GLU G 111 10.02 45.29 -7.21
N GLY G 112 8.77 45.75 -7.20
CA GLY G 112 7.63 44.90 -7.45
C GLY G 112 7.61 43.81 -6.41
N ASP G 113 7.94 42.59 -6.85
CA ASP G 113 8.18 41.45 -5.97
C ASP G 113 9.67 41.22 -5.77
N THR G 114 10.46 41.32 -6.82
CA THR G 114 11.77 40.69 -6.84
C THR G 114 12.79 41.54 -6.08
N LEU G 115 13.78 40.84 -5.54
CA LEU G 115 14.86 41.50 -4.82
C LEU G 115 15.83 42.04 -5.87
N VAL G 116 15.85 43.35 -6.05
CA VAL G 116 16.81 43.98 -6.93
C VAL G 116 17.91 44.59 -6.08
N ASN G 117 19.14 44.29 -6.44
CA ASN G 117 20.28 45.00 -5.88
C ASN G 117 20.82 45.89 -6.99
N ARG G 118 20.57 47.20 -6.86
CA ARG G 118 21.12 48.21 -7.75
C ARG G 118 22.43 48.69 -7.16
N ILE G 119 23.55 48.39 -7.82
CA ILE G 119 24.85 48.78 -7.30
C ILE G 119 25.49 49.71 -8.31
N GLU G 120 25.97 50.85 -7.82
CA GLU G 120 26.97 51.62 -8.51
C GLU G 120 28.20 51.60 -7.62
N LEU G 121 29.32 51.19 -8.20
CA LEU G 121 30.58 51.09 -7.47
C LEU G 121 31.55 52.11 -8.03
N LYS G 122 32.19 52.87 -7.14
CA LYS G 122 33.24 53.77 -7.59
C LYS G 122 34.51 53.44 -6.84
N GLY G 123 35.53 53.01 -7.60
CA GLY G 123 36.78 52.62 -7.00
C GLY G 123 37.86 53.65 -7.22
N ILE G 124 38.26 54.35 -6.17
CA ILE G 124 39.23 55.42 -6.28
C ILE G 124 40.50 55.00 -5.53
N ASP G 125 41.50 55.87 -5.62
CA ASP G 125 42.81 55.75 -4.96
C ASP G 125 43.62 54.57 -5.48
N PHE G 126 43.41 54.17 -6.73
CA PHE G 126 44.02 52.96 -7.26
C PHE G 126 45.30 53.23 -8.05
N LYS G 127 46.25 52.32 -7.91
CA LYS G 127 47.35 52.16 -8.85
C LYS G 127 47.13 50.84 -9.58
N GLU G 128 47.28 50.86 -10.91
CA GLU G 128 46.92 49.71 -11.73
C GLU G 128 47.90 48.56 -11.56
N ASP G 129 49.15 48.85 -11.19
CA ASP G 129 50.17 47.83 -11.09
C ASP G 129 50.24 47.17 -9.71
N GLY G 130 49.12 47.06 -9.02
CA GLY G 130 49.05 46.27 -7.80
C GLY G 130 48.69 44.82 -8.10
N ASN G 131 47.72 44.27 -7.37
CA ASN G 131 47.26 42.91 -7.58
C ASN G 131 45.87 42.81 -8.16
N ILE G 132 44.99 43.77 -7.84
CA ILE G 132 43.59 43.63 -8.22
C ILE G 132 43.40 43.95 -9.69
N LEU G 133 43.93 45.08 -10.16
CA LEU G 133 43.92 45.33 -11.60
C LEU G 133 44.96 44.52 -12.35
N GLY G 134 45.90 43.89 -11.65
CA GLY G 134 46.72 42.88 -12.28
C GLY G 134 46.08 41.52 -12.36
N HIS G 135 44.88 41.38 -11.77
CA HIS G 135 44.07 40.17 -11.81
C HIS G 135 44.80 38.97 -11.21
N LYS G 136 45.33 39.17 -10.00
CA LYS G 136 46.08 38.14 -9.30
C LYS G 136 45.21 37.27 -8.39
N LEU G 137 43.92 37.17 -8.66
CA LEU G 137 43.02 36.46 -7.76
C LEU G 137 42.75 35.05 -8.25
N GLU G 138 42.83 34.09 -7.32
CA GLU G 138 42.33 32.76 -7.62
C GLU G 138 40.82 32.78 -7.71
N TYR G 139 40.27 31.84 -8.47
CA TYR G 139 38.82 31.80 -8.70
C TYR G 139 38.19 31.05 -7.54
N ASN G 140 38.04 31.77 -6.43
CA ASN G 140 37.55 31.18 -5.19
C ASN G 140 37.07 32.27 -4.25
N TYR G 141 36.32 31.87 -3.23
CA TYR G 141 35.99 32.79 -2.16
C TYR G 141 35.89 32.02 -0.85
N ASN G 142 36.38 32.63 0.22
CA ASN G 142 36.59 31.96 1.49
C ASN G 142 35.31 32.00 2.35
N SER G 143 35.42 31.52 3.57
CA SER G 143 34.34 31.51 4.54
C SER G 143 34.60 32.60 5.57
N HIS G 144 33.56 33.25 6.07
CA HIS G 144 33.78 34.44 6.90
C HIS G 144 32.73 34.57 7.99
N ASN G 145 32.93 35.58 8.82
CA ASN G 145 32.03 35.93 9.90
C ASN G 145 31.82 37.44 9.87
N VAL G 146 30.60 37.86 9.52
CA VAL G 146 30.25 39.27 9.43
C VAL G 146 29.76 39.71 10.80
N TYR G 147 30.41 40.73 11.39
CA TYR G 147 29.98 41.24 12.69
C TYR G 147 29.00 42.37 12.51
N ILE G 148 27.85 42.25 13.17
CA ILE G 148 26.71 43.15 13.01
C ILE G 148 26.48 43.86 14.33
N THR G 149 26.44 45.20 14.30
CA THR G 149 25.97 46.01 15.42
C THR G 149 25.06 47.11 14.89
N ALA G 150 24.38 47.78 15.82
CA ALA G 150 23.39 48.79 15.49
C ALA G 150 23.83 50.14 16.03
N ASP G 151 23.42 51.20 15.34
CA ASP G 151 23.55 52.56 15.86
C ASP G 151 22.18 53.22 15.90
N LYS G 152 21.97 54.05 16.94
CA LYS G 152 20.66 54.64 17.17
C LYS G 152 20.61 56.13 16.87
N GLN G 153 21.76 56.77 16.66
CA GLN G 153 21.75 58.12 16.12
C GLN G 153 21.31 58.12 14.66
N LYS G 154 21.59 57.04 13.94
CA LYS G 154 21.17 56.88 12.56
C LYS G 154 20.10 55.80 12.45
N ASN G 155 19.77 55.15 13.57
CA ASN G 155 18.96 53.95 13.79
C ASN G 155 19.11 52.92 12.68
N GLY G 156 20.36 52.62 12.33
CA GLY G 156 20.64 51.64 11.30
C GLY G 156 21.63 50.60 11.76
N ILE G 157 22.23 49.90 10.82
CA ILE G 157 23.16 48.81 11.12
C ILE G 157 24.54 49.14 10.59
N LYS G 158 25.53 49.09 11.47
CA LYS G 158 26.93 49.20 11.08
C LYS G 158 27.53 47.80 11.18
N ALA G 159 28.14 47.36 10.09
CA ALA G 159 28.73 46.04 10.01
C ALA G 159 30.23 46.18 9.81
N ASN G 160 30.99 45.42 10.59
CA ASN G 160 32.43 45.36 10.46
C ASN G 160 32.82 43.94 10.07
N PHE G 161 33.65 43.81 9.02
CA PHE G 161 34.32 42.54 8.81
C PHE G 161 35.58 42.74 7.97
N LYS G 162 36.45 41.74 8.06
CA LYS G 162 37.64 41.63 7.22
C LYS G 162 37.46 40.40 6.35
N ILE G 163 37.90 40.50 5.09
CA ILE G 163 37.83 39.38 4.17
C ILE G 163 39.20 39.10 3.57
N ARG G 164 39.36 37.88 3.08
CA ARG G 164 40.65 37.29 2.78
C ARG G 164 40.61 36.72 1.38
N HIS G 165 41.29 37.37 0.44
CA HIS G 165 41.32 36.89 -0.93
C HIS G 165 42.59 36.12 -1.22
N ASN G 166 42.42 34.89 -1.72
CA ASN G 166 43.54 34.05 -2.08
C ASN G 166 44.18 34.61 -3.34
N ILE G 167 45.39 35.14 -3.19
CA ILE G 167 46.12 35.72 -4.30
C ILE G 167 46.86 34.60 -5.02
N GLU G 168 46.95 34.68 -6.35
CA GLU G 168 47.53 33.57 -7.12
C GLU G 168 49.03 33.45 -6.92
N ASP G 169 49.68 34.46 -6.32
CA ASP G 169 51.10 34.26 -5.98
C ASP G 169 51.29 33.39 -4.75
N GLY G 170 50.23 33.08 -4.01
CA GLY G 170 50.32 32.38 -2.75
C GLY G 170 50.10 33.24 -1.54
N SER G 171 49.66 34.49 -1.70
CA SER G 171 49.42 35.39 -0.59
C SER G 171 47.93 35.61 -0.44
N VAL G 172 47.59 36.51 0.47
CA VAL G 172 46.21 36.86 0.72
C VAL G 172 46.10 38.38 0.72
N GLN G 173 45.00 38.89 0.18
CA GLN G 173 44.64 40.28 0.34
C GLN G 173 43.65 40.34 1.49
N LEU G 174 44.09 40.87 2.62
CA LEU G 174 43.19 41.20 3.70
C LEU G 174 42.59 42.55 3.39
N ALA G 175 41.28 42.62 3.27
CA ALA G 175 40.60 43.86 2.95
C ALA G 175 39.44 44.04 3.92
N ASP G 176 39.30 45.23 4.47
CA ASP G 176 38.25 45.42 5.47
C ASP G 176 37.06 46.19 4.92
N HIS G 177 35.89 45.66 5.21
CA HIS G 177 34.60 46.27 4.90
C HIS G 177 34.04 46.97 6.12
N TYR G 178 33.72 48.26 5.93
CA TYR G 178 32.88 49.04 6.84
C TYR G 178 31.57 49.30 6.13
N GLN G 179 30.47 48.82 6.70
CA GLN G 179 29.20 48.72 6.01
C GLN G 179 28.12 49.52 6.73
N GLN G 180 27.40 50.35 5.99
CA GLN G 180 26.30 51.14 6.53
C GLN G 180 24.99 50.68 5.89
N ASN G 181 23.99 50.44 6.75
CA ASN G 181 22.77 49.74 6.39
C ASN G 181 21.57 50.54 6.88
N THR G 182 20.71 50.91 5.94
CA THR G 182 19.70 51.94 6.12
C THR G 182 18.35 51.40 5.66
N PRO G 183 17.28 51.67 6.41
CA PRO G 183 15.93 51.38 5.91
C PRO G 183 15.52 52.41 4.86
N ILE G 184 14.48 52.06 4.11
CA ILE G 184 13.77 53.03 3.27
C ILE G 184 12.43 53.41 3.88
N GLY G 185 11.59 52.42 4.20
CA GLY G 185 10.45 52.67 5.04
C GLY G 185 10.85 52.86 6.49
N ASP G 186 9.91 53.33 7.29
CA ASP G 186 10.21 53.74 8.65
C ASP G 186 9.26 53.09 9.64
N GLY G 187 8.93 51.83 9.40
CA GLY G 187 8.00 51.12 10.25
C GLY G 187 8.67 50.57 11.50
N PRO G 188 8.35 49.31 11.85
CA PRO G 188 8.95 48.70 13.04
C PRO G 188 10.41 48.37 12.81
N VAL G 189 11.33 49.16 13.36
CA VAL G 189 12.75 48.85 13.20
C VAL G 189 13.15 47.93 14.33
N LEU G 190 14.07 47.01 14.02
CA LEU G 190 14.57 46.06 14.98
C LEU G 190 16.08 46.18 15.01
N LEU G 191 16.62 46.70 16.10
CA LEU G 191 18.05 46.95 16.24
C LEU G 191 18.59 46.02 17.32
N PRO G 192 19.11 44.84 16.96
CA PRO G 192 19.62 43.91 17.98
C PRO G 192 21.03 44.23 18.40
N ASP G 193 21.61 43.37 19.22
CA ASP G 193 22.97 43.52 19.71
C ASP G 193 24.00 43.04 18.69
N ASN G 194 25.21 42.80 19.16
CA ASN G 194 26.24 42.18 18.34
C ASN G 194 25.84 40.75 17.96
N HIS G 195 25.92 40.44 16.67
CA HIS G 195 25.87 39.03 16.26
C HIS G 195 26.72 38.87 15.02
N TYR G 196 26.69 37.68 14.43
CA TYR G 196 27.59 37.43 13.31
C TYR G 196 26.98 36.44 12.33
N LEU G 197 27.10 36.79 11.05
CA LEU G 197 26.74 35.89 9.96
C LEU G 197 27.95 35.02 9.64
N SER G 198 27.84 33.74 9.94
CA SER G 198 28.81 32.76 9.47
C SER G 198 28.41 32.38 8.06
N THR G 199 29.24 32.74 7.09
CA THR G 199 28.90 32.62 5.68
C THR G 199 29.95 31.80 4.97
N GLN G 200 29.52 31.11 3.91
CA GLN G 200 30.47 30.42 3.05
C GLN G 200 29.93 30.45 1.63
N SER G 201 30.82 30.26 0.67
CA SER G 201 30.47 30.50 -0.73
C SER G 201 31.02 29.38 -1.60
N ALA G 202 30.79 29.54 -2.90
CA ALA G 202 31.32 28.65 -3.92
C ALA G 202 31.20 29.35 -5.26
N LEU G 203 32.31 29.43 -5.99
CA LEU G 203 32.35 30.00 -7.32
C LEU G 203 32.69 28.91 -8.33
N SER G 204 31.91 28.82 -9.40
CA SER G 204 32.05 27.76 -10.39
C SER G 204 31.59 28.30 -11.73
N LYS G 205 31.51 27.43 -12.74
CA LYS G 205 31.09 27.84 -14.07
C LYS G 205 30.17 26.80 -14.70
N ASP G 206 29.61 27.20 -15.85
CA ASP G 206 28.71 26.37 -16.64
C ASP G 206 29.44 25.87 -17.87
N PRO G 207 29.53 24.56 -18.09
CA PRO G 207 30.27 24.06 -19.26
C PRO G 207 29.56 24.30 -20.59
N ASN G 208 28.27 24.60 -20.58
CA ASN G 208 27.51 24.86 -21.80
C ASN G 208 27.12 26.32 -21.90
N GLU G 209 28.00 27.22 -21.46
CA GLU G 209 27.76 28.64 -21.60
C GLU G 209 29.03 29.24 -22.19
N LYS G 210 28.87 30.30 -22.98
CA LYS G 210 29.92 30.76 -23.86
C LYS G 210 30.78 31.85 -23.24
N ARG G 211 30.17 32.89 -22.67
CA ARG G 211 30.90 34.09 -22.31
C ARG G 211 31.46 33.99 -20.88
N ASP G 212 32.11 35.06 -20.44
CA ASP G 212 32.80 35.10 -19.16
C ASP G 212 31.78 35.38 -18.06
N HIS G 213 31.34 34.33 -17.38
CA HIS G 213 30.22 34.42 -16.45
C HIS G 213 30.62 33.82 -15.11
N MET G 214 30.11 34.40 -14.03
CA MET G 214 30.35 33.94 -12.67
C MET G 214 29.11 33.26 -12.13
N VAL G 215 29.25 32.01 -11.72
CA VAL G 215 28.16 31.30 -11.07
C VAL G 215 28.41 31.30 -9.59
N LEU G 216 27.42 31.74 -8.81
CA LEU G 216 27.57 31.94 -7.39
C LEU G 216 26.63 30.98 -6.66
N LEU G 217 27.16 30.25 -5.68
CA LEU G 217 26.30 29.53 -4.77
C LEU G 217 26.78 29.89 -3.38
N GLU G 218 25.85 30.09 -2.45
CA GLU G 218 26.29 30.71 -1.21
C GLU G 218 25.37 30.32 -0.06
N PHE G 219 25.95 30.07 1.10
CA PHE G 219 25.21 29.74 2.31
C PHE G 219 25.45 30.82 3.35
N VAL G 220 24.38 31.24 4.03
CA VAL G 220 24.45 32.16 5.14
C VAL G 220 23.81 31.50 6.35
N THR G 221 24.44 31.65 7.51
CA THR G 221 23.83 31.31 8.79
C THR G 221 24.15 32.49 9.70
N ALA G 222 23.35 32.70 10.74
CA ALA G 222 23.73 33.64 11.79
C ALA G 222 23.88 32.93 13.11
N ALA G 223 24.57 33.59 14.05
CA ALA G 223 24.71 33.10 15.41
C ALA G 223 25.15 34.26 16.31
N GLY G 224 25.22 33.97 17.60
CA GLY G 224 25.58 34.96 18.60
C GLY G 224 24.47 35.27 19.57
N ILE G 225 23.24 35.34 19.07
CA ILE G 225 22.11 35.84 19.86
C ILE G 225 20.80 35.27 19.34
#